data_7HNT
# 
_entry.id   7HNT 
# 
_audit_conform.dict_name       mmcif_pdbx.dic 
_audit_conform.dict_version    5.399 
_audit_conform.dict_location   http://mmcif.pdb.org/dictionaries/ascii/mmcif_pdbx.dic 
# 
loop_
_database_2.database_id 
_database_2.database_code 
_database_2.pdbx_database_accession 
_database_2.pdbx_DOI 
PDB   7HNT         pdb_00007hnt 10.2210/pdb7hnt/pdb 
WWPDB D_1001407707 ?            ?                   
# 
_pdbx_audit_revision_history.ordinal             1 
_pdbx_audit_revision_history.data_content_type   'Structure model' 
_pdbx_audit_revision_history.major_revision      1 
_pdbx_audit_revision_history.minor_revision      0 
_pdbx_audit_revision_history.revision_date       2024-11-27 
# 
_pdbx_audit_revision_details.ordinal             1 
_pdbx_audit_revision_details.revision_ordinal    1 
_pdbx_audit_revision_details.data_content_type   'Structure model' 
_pdbx_audit_revision_details.provider            repository 
_pdbx_audit_revision_details.type                'Initial release' 
_pdbx_audit_revision_details.description         ? 
_pdbx_audit_revision_details.details             ? 
# 
_pdbx_database_status.entry_id                        7HNT 
_pdbx_database_status.status_code                     REL 
_pdbx_database_status.status_code_sf                  REL 
_pdbx_database_status.status_code_mr                  ? 
_pdbx_database_status.status_code_cs                  ? 
_pdbx_database_status.recvd_initial_deposition_date   2024-11-04 
_pdbx_database_status.status_code_nmr_data            ? 
_pdbx_database_status.deposit_site                    RCSB 
_pdbx_database_status.process_site                    RCSB 
_pdbx_database_status.SG_entry                        ? 
_pdbx_database_status.pdb_format_compatible           Y 
_pdbx_database_status.methods_development_category    ? 
# 
_pdbx_contact_author.id                 1 
_pdbx_contact_author.email              knapp@pharmchem.uni-frankfurt.de 
_pdbx_contact_author.name_first         Stefan 
_pdbx_contact_author.name_last          Knapp 
_pdbx_contact_author.role               'principal investigator/group leader' 
_pdbx_contact_author.identifier_ORCID   0000-0001-5995-6494 
_pdbx_contact_author.name_mi            ? 
# 
loop_
_audit_author.name 
_audit_author.pdbx_ordinal 
'Kim, Y.'                              1 
'Marples, P.'                          2 
'Fearon, D.'                           3 
'von Delft, F.'                        4 
'Knapp, S.'                            5 
'Kraemer, A.'                          6 
'Structural Genomics Consortium (SGC)' 7 
# 
_citation.id                        primary 
_citation.title                     'PanDDA analysis group deposition' 
_citation.journal_abbrev            'To Be Published' 
_citation.journal_volume            ? 
_citation.page_first                ? 
_citation.page_last                 ? 
_citation.year                      ? 
_citation.journal_id_ASTM           ? 
_citation.country                   ? 
_citation.journal_id_ISSN           ? 
_citation.journal_id_CSD            0353 
_citation.book_publisher            ? 
_citation.pdbx_database_id_PubMed   ? 
_citation.pdbx_database_id_DOI      ? 
# 
loop_
_citation_author.citation_id 
_citation_author.name 
_citation_author.identifier_ORCID 
_citation_author.ordinal 
primary 'Kim, Y.'                              ? 1 
primary 'Marples, P.'                          ? 2 
primary 'Fearon, D.'                           ? 3 
primary 'von Delft, F.'                        ? 4 
primary 'Knapp, S.'                            ? 5 
primary 'Kraemer, A.'                          ? 6 
primary 'Structural Genomics Consortium (SGC)' ? 7 
# 
loop_
_entity.id 
_entity.type 
_entity.src_method 
_entity.pdbx_description 
_entity.formula_weight 
_entity.pdbx_number_of_molecules 
_entity.pdbx_ec 
_entity.pdbx_mutation 
_entity.pdbx_fragment 
_entity.details 
1 polymer     man 'E3 ubiquitin-protein ligase TRIM21' 21596.361 1   2.3.2.27 ? ? ? 
2 non-polymer syn 1,2-ETHANEDIOL                       62.068    2   ?        ? ? ? 
3 non-polymer syn 'N-(1H-indazol-6-yl)acetamide'       175.187   1   ?        ? ? ? 
4 non-polymer syn 'SULFATE ION'                        96.063    1   ?        ? ? ? 
5 water       nat water                                18.015    143 ?        ? ? ? 
# 
_entity_name_com.entity_id   1 
_entity_name_com.name        
;52 kDa Ro protein,52 kDa ribonucleoprotein autoantigen Ro/SS-A,Ro(SS-A),Sjoegren syndrome type A antigen,SS-A,Tripartite motif-containing protein 21
;
# 
_entity_poly.entity_id                      1 
_entity_poly.type                           'polypeptide(L)' 
_entity_poly.nstd_linkage                   no 
_entity_poly.nstd_monomer                   no 
_entity_poly.pdbx_seq_one_letter_code       
;MHHHHHHMVHITLDRNTANSWLIISKDRRQVRMGDTHQNVSDNKERFSNYPMVLGAQRFSSGKMYWEVDVTQKEAWDLGV
CRDSVQRKGQFSLSPENGFWTIWLWQDSYEAGTSPQTTLHIQVPPCQIGIFVDYEAGVVSFYNITDHGSLIYTFSECVFA
GPLRPFFNVGFNYSGGNAAPLKLCPLKM
;
_entity_poly.pdbx_seq_one_letter_code_can   
;MHHHHHHMVHITLDRNTANSWLIISKDRRQVRMGDTHQNVSDNKERFSNYPMVLGAQRFSSGKMYWEVDVTQKEAWDLGV
CRDSVQRKGQFSLSPENGFWTIWLWQDSYEAGTSPQTTLHIQVPPCQIGIFVDYEAGVVSFYNITDHGSLIYTFSECVFA
GPLRPFFNVGFNYSGGNAAPLKLCPLKM
;
_entity_poly.pdbx_strand_id                 B 
_entity_poly.pdbx_target_identifier         ? 
# 
loop_
_pdbx_entity_nonpoly.entity_id 
_pdbx_entity_nonpoly.name 
_pdbx_entity_nonpoly.comp_id 
2 1,2-ETHANEDIOL                 EDO 
3 'N-(1H-indazol-6-yl)acetamide' LHR 
4 'SULFATE ION'                  SO4 
5 water                          HOH 
# 
loop_
_entity_poly_seq.entity_id 
_entity_poly_seq.num 
_entity_poly_seq.mon_id 
_entity_poly_seq.hetero 
1 1   MET n 
1 2   HIS n 
1 3   HIS n 
1 4   HIS n 
1 5   HIS n 
1 6   HIS n 
1 7   HIS n 
1 8   MET n 
1 9   VAL n 
1 10  HIS n 
1 11  ILE n 
1 12  THR n 
1 13  LEU n 
1 14  ASP n 
1 15  ARG n 
1 16  ASN n 
1 17  THR n 
1 18  ALA n 
1 19  ASN n 
1 20  SER n 
1 21  TRP n 
1 22  LEU n 
1 23  ILE n 
1 24  ILE n 
1 25  SER n 
1 26  LYS n 
1 27  ASP n 
1 28  ARG n 
1 29  ARG n 
1 30  GLN n 
1 31  VAL n 
1 32  ARG n 
1 33  MET n 
1 34  GLY n 
1 35  ASP n 
1 36  THR n 
1 37  HIS n 
1 38  GLN n 
1 39  ASN n 
1 40  VAL n 
1 41  SER n 
1 42  ASP n 
1 43  ASN n 
1 44  LYS n 
1 45  GLU n 
1 46  ARG n 
1 47  PHE n 
1 48  SER n 
1 49  ASN n 
1 50  TYR n 
1 51  PRO n 
1 52  MET n 
1 53  VAL n 
1 54  LEU n 
1 55  GLY n 
1 56  ALA n 
1 57  GLN n 
1 58  ARG n 
1 59  PHE n 
1 60  SER n 
1 61  SER n 
1 62  GLY n 
1 63  LYS n 
1 64  MET n 
1 65  TYR n 
1 66  TRP n 
1 67  GLU n 
1 68  VAL n 
1 69  ASP n 
1 70  VAL n 
1 71  THR n 
1 72  GLN n 
1 73  LYS n 
1 74  GLU n 
1 75  ALA n 
1 76  TRP n 
1 77  ASP n 
1 78  LEU n 
1 79  GLY n 
1 80  VAL n 
1 81  CYS n 
1 82  ARG n 
1 83  ASP n 
1 84  SER n 
1 85  VAL n 
1 86  GLN n 
1 87  ARG n 
1 88  LYS n 
1 89  GLY n 
1 90  GLN n 
1 91  PHE n 
1 92  SER n 
1 93  LEU n 
1 94  SER n 
1 95  PRO n 
1 96  GLU n 
1 97  ASN n 
1 98  GLY n 
1 99  PHE n 
1 100 TRP n 
1 101 THR n 
1 102 ILE n 
1 103 TRP n 
1 104 LEU n 
1 105 TRP n 
1 106 GLN n 
1 107 ASP n 
1 108 SER n 
1 109 TYR n 
1 110 GLU n 
1 111 ALA n 
1 112 GLY n 
1 113 THR n 
1 114 SER n 
1 115 PRO n 
1 116 GLN n 
1 117 THR n 
1 118 THR n 
1 119 LEU n 
1 120 HIS n 
1 121 ILE n 
1 122 GLN n 
1 123 VAL n 
1 124 PRO n 
1 125 PRO n 
1 126 CYS n 
1 127 GLN n 
1 128 ILE n 
1 129 GLY n 
1 130 ILE n 
1 131 PHE n 
1 132 VAL n 
1 133 ASP n 
1 134 TYR n 
1 135 GLU n 
1 136 ALA n 
1 137 GLY n 
1 138 VAL n 
1 139 VAL n 
1 140 SER n 
1 141 PHE n 
1 142 TYR n 
1 143 ASN n 
1 144 ILE n 
1 145 THR n 
1 146 ASP n 
1 147 HIS n 
1 148 GLY n 
1 149 SER n 
1 150 LEU n 
1 151 ILE n 
1 152 TYR n 
1 153 THR n 
1 154 PHE n 
1 155 SER n 
1 156 GLU n 
1 157 CYS n 
1 158 VAL n 
1 159 PHE n 
1 160 ALA n 
1 161 GLY n 
1 162 PRO n 
1 163 LEU n 
1 164 ARG n 
1 165 PRO n 
1 166 PHE n 
1 167 PHE n 
1 168 ASN n 
1 169 VAL n 
1 170 GLY n 
1 171 PHE n 
1 172 ASN n 
1 173 TYR n 
1 174 SER n 
1 175 GLY n 
1 176 GLY n 
1 177 ASN n 
1 178 ALA n 
1 179 ALA n 
1 180 PRO n 
1 181 LEU n 
1 182 LYS n 
1 183 LEU n 
1 184 CYS n 
1 185 PRO n 
1 186 LEU n 
1 187 LYS n 
1 188 MET n 
# 
_entity_src_gen.entity_id                          1 
_entity_src_gen.pdbx_src_id                        1 
_entity_src_gen.pdbx_alt_source_flag               sample 
_entity_src_gen.pdbx_seq_type                      'Biological sequence' 
_entity_src_gen.pdbx_beg_seq_num                   1 
_entity_src_gen.pdbx_end_seq_num                   188 
_entity_src_gen.gene_src_common_name               'house mouse' 
_entity_src_gen.gene_src_genus                     ? 
_entity_src_gen.pdbx_gene_src_gene                 'Trim21, Ro52, Ssa1' 
_entity_src_gen.gene_src_species                   ? 
_entity_src_gen.gene_src_strain                    ? 
_entity_src_gen.gene_src_tissue                    ? 
_entity_src_gen.gene_src_tissue_fraction           ? 
_entity_src_gen.gene_src_details                   ? 
_entity_src_gen.pdbx_gene_src_fragment             ? 
_entity_src_gen.pdbx_gene_src_scientific_name      'Mus musculus' 
_entity_src_gen.pdbx_gene_src_ncbi_taxonomy_id     10090 
_entity_src_gen.pdbx_gene_src_variant              ? 
_entity_src_gen.pdbx_gene_src_cell_line            ? 
_entity_src_gen.pdbx_gene_src_atcc                 ? 
_entity_src_gen.pdbx_gene_src_organ                ? 
_entity_src_gen.pdbx_gene_src_organelle            ? 
_entity_src_gen.pdbx_gene_src_cell                 ? 
_entity_src_gen.pdbx_gene_src_cellular_location    ? 
_entity_src_gen.host_org_common_name               ? 
_entity_src_gen.pdbx_host_org_scientific_name      'Escherichia coli' 
_entity_src_gen.pdbx_host_org_ncbi_taxonomy_id     562 
_entity_src_gen.host_org_genus                     ? 
_entity_src_gen.pdbx_host_org_gene                 ? 
_entity_src_gen.pdbx_host_org_organ                ? 
_entity_src_gen.host_org_species                   ? 
_entity_src_gen.pdbx_host_org_tissue               ? 
_entity_src_gen.pdbx_host_org_tissue_fraction      ? 
_entity_src_gen.pdbx_host_org_strain               ? 
_entity_src_gen.pdbx_host_org_variant              ? 
_entity_src_gen.pdbx_host_org_cell_line            ? 
_entity_src_gen.pdbx_host_org_atcc                 ? 
_entity_src_gen.pdbx_host_org_culture_collection   ? 
_entity_src_gen.pdbx_host_org_cell                 ? 
_entity_src_gen.pdbx_host_org_organelle            ? 
_entity_src_gen.pdbx_host_org_cellular_location    ? 
_entity_src_gen.pdbx_host_org_vector_type          ? 
_entity_src_gen.pdbx_host_org_vector               ? 
_entity_src_gen.host_org_details                   ? 
_entity_src_gen.expression_system_id               ? 
_entity_src_gen.plasmid_name                       ? 
_entity_src_gen.plasmid_details                    ? 
_entity_src_gen.pdbx_description                   ? 
# 
loop_
_chem_comp.id 
_chem_comp.type 
_chem_comp.mon_nstd_flag 
_chem_comp.name 
_chem_comp.pdbx_synonyms 
_chem_comp.formula 
_chem_comp.formula_weight 
ALA 'L-peptide linking' y ALANINE                        ?                 'C3 H7 N O2'     89.093  
ARG 'L-peptide linking' y ARGININE                       ?                 'C6 H15 N4 O2 1' 175.209 
ASN 'L-peptide linking' y ASPARAGINE                     ?                 'C4 H8 N2 O3'    132.118 
ASP 'L-peptide linking' y 'ASPARTIC ACID'                ?                 'C4 H7 N O4'     133.103 
CYS 'L-peptide linking' y CYSTEINE                       ?                 'C3 H7 N O2 S'   121.158 
EDO non-polymer         . 1,2-ETHANEDIOL                 'ETHYLENE GLYCOL' 'C2 H6 O2'       62.068  
GLN 'L-peptide linking' y GLUTAMINE                      ?                 'C5 H10 N2 O3'   146.144 
GLU 'L-peptide linking' y 'GLUTAMIC ACID'                ?                 'C5 H9 N O4'     147.129 
GLY 'peptide linking'   y GLYCINE                        ?                 'C2 H5 N O2'     75.067  
HIS 'L-peptide linking' y HISTIDINE                      ?                 'C6 H10 N3 O2 1' 156.162 
HOH non-polymer         . WATER                          ?                 'H2 O'           18.015  
ILE 'L-peptide linking' y ISOLEUCINE                     ?                 'C6 H13 N O2'    131.173 
LEU 'L-peptide linking' y LEUCINE                        ?                 'C6 H13 N O2'    131.173 
LHR non-polymer         . 'N-(1H-indazol-6-yl)acetamide' ?                 'C9 H9 N3 O'     175.187 
LYS 'L-peptide linking' y LYSINE                         ?                 'C6 H15 N2 O2 1' 147.195 
MET 'L-peptide linking' y METHIONINE                     ?                 'C5 H11 N O2 S'  149.211 
PHE 'L-peptide linking' y PHENYLALANINE                  ?                 'C9 H11 N O2'    165.189 
PRO 'L-peptide linking' y PROLINE                        ?                 'C5 H9 N O2'     115.130 
SER 'L-peptide linking' y SERINE                         ?                 'C3 H7 N O3'     105.093 
SO4 non-polymer         . 'SULFATE ION'                  ?                 'O4 S -2'        96.063  
THR 'L-peptide linking' y THREONINE                      ?                 'C4 H9 N O3'     119.119 
TRP 'L-peptide linking' y TRYPTOPHAN                     ?                 'C11 H12 N2 O2'  204.225 
TYR 'L-peptide linking' y TYROSINE                       ?                 'C9 H11 N O3'    181.189 
VAL 'L-peptide linking' y VALINE                         ?                 'C5 H11 N O2'    117.146 
# 
loop_
_pdbx_poly_seq_scheme.asym_id 
_pdbx_poly_seq_scheme.entity_id 
_pdbx_poly_seq_scheme.seq_id 
_pdbx_poly_seq_scheme.mon_id 
_pdbx_poly_seq_scheme.ndb_seq_num 
_pdbx_poly_seq_scheme.pdb_seq_num 
_pdbx_poly_seq_scheme.auth_seq_num 
_pdbx_poly_seq_scheme.pdb_mon_id 
_pdbx_poly_seq_scheme.auth_mon_id 
_pdbx_poly_seq_scheme.pdb_strand_id 
_pdbx_poly_seq_scheme.pdb_ins_code 
_pdbx_poly_seq_scheme.hetero 
A 1 1   MET 1   7   ?   ?   ?   B . n 
A 1 2   HIS 2   8   8   HIS HIS B . n 
A 1 3   HIS 3   9   9   HIS HIS B . n 
A 1 4   HIS 4   10  10  HIS HIS B . n 
A 1 5   HIS 5   11  11  HIS HIS B . n 
A 1 6   HIS 6   12  12  HIS HIS B . n 
A 1 7   HIS 7   13  13  HIS HIS B . n 
A 1 8   MET 8   14  14  MET MET B . n 
A 1 9   VAL 9   15  15  VAL VAL B . n 
A 1 10  HIS 10  16  16  HIS HIS B . n 
A 1 11  ILE 11  17  17  ILE ILE B . n 
A 1 12  THR 12  18  18  THR THR B . n 
A 1 13  LEU 13  19  19  LEU LEU B . n 
A 1 14  ASP 14  20  20  ASP ASP B . n 
A 1 15  ARG 15  21  21  ARG ARG B . n 
A 1 16  ASN 16  22  22  ASN ASN B . n 
A 1 17  THR 17  23  23  THR THR B . n 
A 1 18  ALA 18  24  24  ALA ALA B . n 
A 1 19  ASN 19  25  25  ASN ASN B . n 
A 1 20  SER 20  26  26  SER SER B . n 
A 1 21  TRP 21  27  27  TRP TRP B . n 
A 1 22  LEU 22  28  28  LEU LEU B . n 
A 1 23  ILE 23  29  29  ILE ILE B . n 
A 1 24  ILE 24  30  30  ILE ILE B . n 
A 1 25  SER 25  31  31  SER SER B . n 
A 1 26  LYS 26  32  32  LYS LYS B . n 
A 1 27  ASP 27  33  33  ASP ASP B . n 
A 1 28  ARG 28  34  34  ARG ARG B . n 
A 1 29  ARG 29  35  35  ARG ARG B . n 
A 1 30  GLN 30  36  36  GLN GLN B . n 
A 1 31  VAL 31  37  37  VAL VAL B . n 
A 1 32  ARG 32  38  38  ARG ARG B . n 
A 1 33  MET 33  39  39  MET MET B . n 
A 1 34  GLY 34  40  40  GLY GLY B . n 
A 1 35  ASP 35  41  41  ASP ASP B . n 
A 1 36  THR 36  42  42  THR THR B . n 
A 1 37  HIS 37  43  43  HIS HIS B . n 
A 1 38  GLN 38  44  44  GLN GLN B . n 
A 1 39  ASN 39  45  45  ASN ASN B . n 
A 1 40  VAL 40  46  46  VAL VAL B . n 
A 1 41  SER 41  47  47  SER SER B . n 
A 1 42  ASP 42  48  48  ASP ASP B . n 
A 1 43  ASN 43  49  49  ASN ASN B . n 
A 1 44  LYS 44  50  50  LYS LYS B . n 
A 1 45  GLU 45  51  51  GLU GLU B . n 
A 1 46  ARG 46  52  52  ARG ARG B . n 
A 1 47  PHE 47  53  53  PHE PHE B . n 
A 1 48  SER 48  54  54  SER SER B . n 
A 1 49  ASN 49  55  55  ASN ASN B . n 
A 1 50  TYR 50  56  56  TYR TYR B . n 
A 1 51  PRO 51  57  57  PRO PRO B . n 
A 1 52  MET 52  58  58  MET MET B . n 
A 1 53  VAL 53  59  59  VAL VAL B . n 
A 1 54  LEU 54  60  60  LEU LEU B . n 
A 1 55  GLY 55  61  61  GLY GLY B . n 
A 1 56  ALA 56  62  62  ALA ALA B . n 
A 1 57  GLN 57  63  63  GLN GLN B . n 
A 1 58  ARG 58  64  64  ARG ARG B . n 
A 1 59  PHE 59  65  65  PHE PHE B . n 
A 1 60  SER 60  66  66  SER SER B . n 
A 1 61  SER 61  67  67  SER SER B . n 
A 1 62  GLY 62  68  68  GLY GLY B . n 
A 1 63  LYS 63  69  69  LYS LYS B . n 
A 1 64  MET 64  70  70  MET MET B . n 
A 1 65  TYR 65  71  71  TYR TYR B . n 
A 1 66  TRP 66  72  72  TRP TRP B . n 
A 1 67  GLU 67  73  73  GLU GLU B . n 
A 1 68  VAL 68  74  74  VAL VAL B . n 
A 1 69  ASP 69  75  75  ASP ASP B . n 
A 1 70  VAL 70  76  76  VAL VAL B . n 
A 1 71  THR 71  77  77  THR THR B . n 
A 1 72  GLN 72  78  78  GLN GLN B . n 
A 1 73  LYS 73  79  79  LYS LYS B . n 
A 1 74  GLU 74  80  80  GLU GLU B . n 
A 1 75  ALA 75  81  81  ALA ALA B . n 
A 1 76  TRP 76  82  82  TRP TRP B . n 
A 1 77  ASP 77  83  83  ASP ASP B . n 
A 1 78  LEU 78  84  84  LEU LEU B . n 
A 1 79  GLY 79  85  85  GLY GLY B . n 
A 1 80  VAL 80  86  86  VAL VAL B . n 
A 1 81  CYS 81  87  87  CYS CYS B . n 
A 1 82  ARG 82  88  88  ARG ARG B . n 
A 1 83  ASP 83  89  89  ASP ASP B . n 
A 1 84  SER 84  90  90  SER SER B . n 
A 1 85  VAL 85  91  91  VAL VAL B . n 
A 1 86  GLN 86  92  92  GLN GLN B . n 
A 1 87  ARG 87  93  93  ARG ARG B . n 
A 1 88  LYS 88  94  94  LYS LYS B . n 
A 1 89  GLY 89  95  95  GLY GLY B . n 
A 1 90  GLN 90  96  96  GLN GLN B . n 
A 1 91  PHE 91  97  97  PHE PHE B . n 
A 1 92  SER 92  98  98  SER SER B . n 
A 1 93  LEU 93  99  99  LEU LEU B . n 
A 1 94  SER 94  100 100 SER SER B . n 
A 1 95  PRO 95  101 101 PRO PRO B . n 
A 1 96  GLU 96  102 102 GLU GLU B . n 
A 1 97  ASN 97  103 103 ASN ASN B . n 
A 1 98  GLY 98  104 104 GLY GLY B . n 
A 1 99  PHE 99  105 105 PHE PHE B . n 
A 1 100 TRP 100 106 106 TRP TRP B . n 
A 1 101 THR 101 107 107 THR THR B . n 
A 1 102 ILE 102 108 108 ILE ILE B . n 
A 1 103 TRP 103 109 109 TRP TRP B . n 
A 1 104 LEU 104 110 110 LEU LEU B . n 
A 1 105 TRP 105 111 111 TRP TRP B . n 
A 1 106 GLN 106 112 112 GLN GLN B . n 
A 1 107 ASP 107 113 113 ASP ASP B . n 
A 1 108 SER 108 114 114 SER SER B . n 
A 1 109 TYR 109 115 115 TYR TYR B . n 
A 1 110 GLU 110 116 116 GLU GLU B . n 
A 1 111 ALA 111 117 117 ALA ALA B . n 
A 1 112 GLY 112 118 118 GLY GLY B . n 
A 1 113 THR 113 119 119 THR THR B . n 
A 1 114 SER 114 120 120 SER SER B . n 
A 1 115 PRO 115 121 121 PRO PRO B . n 
A 1 116 GLN 116 122 122 GLN GLN B . n 
A 1 117 THR 117 123 123 THR THR B . n 
A 1 118 THR 118 124 124 THR THR B . n 
A 1 119 LEU 119 125 125 LEU LEU B . n 
A 1 120 HIS 120 126 126 HIS HIS B . n 
A 1 121 ILE 121 127 127 ILE ILE B . n 
A 1 122 GLN 122 128 128 GLN GLN B . n 
A 1 123 VAL 123 129 129 VAL VAL B . n 
A 1 124 PRO 124 130 130 PRO PRO B . n 
A 1 125 PRO 125 131 131 PRO PRO B . n 
A 1 126 CYS 126 132 132 CYS CYS B . n 
A 1 127 GLN 127 133 133 GLN GLN B . n 
A 1 128 ILE 128 134 134 ILE ILE B . n 
A 1 129 GLY 129 135 135 GLY GLY B . n 
A 1 130 ILE 130 136 136 ILE ILE B . n 
A 1 131 PHE 131 137 137 PHE PHE B . n 
A 1 132 VAL 132 138 138 VAL VAL B . n 
A 1 133 ASP 133 139 139 ASP ASP B . n 
A 1 134 TYR 134 140 140 TYR TYR B . n 
A 1 135 GLU 135 141 141 GLU GLU B . n 
A 1 136 ALA 136 142 142 ALA ALA B . n 
A 1 137 GLY 137 143 143 GLY GLY B . n 
A 1 138 VAL 138 144 144 VAL VAL B . n 
A 1 139 VAL 139 145 145 VAL VAL B . n 
A 1 140 SER 140 146 146 SER SER B . n 
A 1 141 PHE 141 147 147 PHE PHE B . n 
A 1 142 TYR 142 148 148 TYR TYR B . n 
A 1 143 ASN 143 149 149 ASN ASN B . n 
A 1 144 ILE 144 150 150 ILE ILE B . n 
A 1 145 THR 145 151 151 THR THR B . n 
A 1 146 ASP 146 152 152 ASP ASP B . n 
A 1 147 HIS 147 153 153 HIS HIS B . n 
A 1 148 GLY 148 154 154 GLY GLY B . n 
A 1 149 SER 149 155 155 SER SER B . n 
A 1 150 LEU 150 156 156 LEU LEU B . n 
A 1 151 ILE 151 157 157 ILE ILE B . n 
A 1 152 TYR 152 158 158 TYR TYR B . n 
A 1 153 THR 153 159 159 THR THR B . n 
A 1 154 PHE 154 160 160 PHE PHE B . n 
A 1 155 SER 155 161 161 SER SER B . n 
A 1 156 GLU 156 162 162 GLU GLU B . n 
A 1 157 CYS 157 163 163 CYS CYS B . n 
A 1 158 VAL 158 164 164 VAL VAL B . n 
A 1 159 PHE 159 165 165 PHE PHE B . n 
A 1 160 ALA 160 166 166 ALA ALA B . n 
A 1 161 GLY 161 167 167 GLY GLY B . n 
A 1 162 PRO 162 168 168 PRO PRO B . n 
A 1 163 LEU 163 169 169 LEU LEU B . n 
A 1 164 ARG 164 170 170 ARG ARG B . n 
A 1 165 PRO 165 171 171 PRO PRO B . n 
A 1 166 PHE 166 172 172 PHE PHE B . n 
A 1 167 PHE 167 173 173 PHE PHE B . n 
A 1 168 ASN 168 174 174 ASN ASN B . n 
A 1 169 VAL 169 175 175 VAL VAL B . n 
A 1 170 GLY 170 176 176 GLY GLY B . n 
A 1 171 PHE 171 177 177 PHE PHE B . n 
A 1 172 ASN 172 178 178 ASN ASN B . n 
A 1 173 TYR 173 179 179 TYR TYR B . n 
A 1 174 SER 174 180 180 SER SER B . n 
A 1 175 GLY 175 181 181 GLY GLY B . n 
A 1 176 GLY 176 182 182 GLY GLY B . n 
A 1 177 ASN 177 183 183 ASN ASN B . n 
A 1 178 ALA 178 184 184 ALA ALA B . n 
A 1 179 ALA 179 185 185 ALA ALA B . n 
A 1 180 PRO 180 186 186 PRO PRO B . n 
A 1 181 LEU 181 187 187 LEU LEU B . n 
A 1 182 LYS 182 188 188 LYS LYS B . n 
A 1 183 LEU 183 189 189 LEU LEU B . n 
A 1 184 CYS 184 190 190 CYS CYS B . n 
A 1 185 PRO 185 191 191 PRO PRO B . n 
A 1 186 LEU 186 192 192 LEU LEU B . n 
A 1 187 LYS 187 193 ?   ?   ?   B . n 
A 1 188 MET 188 194 ?   ?   ?   B . n 
# 
_pdbx_entity_instance_feature.ordinal        1 
_pdbx_entity_instance_feature.comp_id        LHR 
_pdbx_entity_instance_feature.asym_id        ? 
_pdbx_entity_instance_feature.seq_num        ? 
_pdbx_entity_instance_feature.auth_comp_id   LHR 
_pdbx_entity_instance_feature.auth_asym_id   ? 
_pdbx_entity_instance_feature.auth_seq_num   ? 
_pdbx_entity_instance_feature.feature_type   'SUBJECT OF INVESTIGATION' 
_pdbx_entity_instance_feature.details        ? 
# 
loop_
_pdbx_nonpoly_scheme.asym_id 
_pdbx_nonpoly_scheme.entity_id 
_pdbx_nonpoly_scheme.mon_id 
_pdbx_nonpoly_scheme.ndb_seq_num 
_pdbx_nonpoly_scheme.pdb_seq_num 
_pdbx_nonpoly_scheme.auth_seq_num 
_pdbx_nonpoly_scheme.pdb_mon_id 
_pdbx_nonpoly_scheme.auth_mon_id 
_pdbx_nonpoly_scheme.pdb_strand_id 
_pdbx_nonpoly_scheme.pdb_ins_code 
B 2 EDO 1   201 202 EDO EDO B . 
C 3 LHR 1   202 302 LHR LIG B . 
D 2 EDO 1   203 305 EDO EDO B . 
E 4 SO4 1   204 1   SO4 SO4 B . 
F 5 HOH 1   301 11  HOH HOH B . 
F 5 HOH 2   302 12  HOH HOH B . 
F 5 HOH 3   303 26  HOH HOH B . 
F 5 HOH 4   304 63  HOH HOH B . 
F 5 HOH 5   305 2   HOH HOH B . 
F 5 HOH 6   306 129 HOH HOH B . 
F 5 HOH 7   307 21  HOH HOH B . 
F 5 HOH 8   308 29  HOH HOH B . 
F 5 HOH 9   309 99  HOH HOH B . 
F 5 HOH 10  310 27  HOH HOH B . 
F 5 HOH 11  311 40  HOH HOH B . 
F 5 HOH 12  312 1   HOH HOH B . 
F 5 HOH 13  313 51  HOH HOH B . 
F 5 HOH 14  314 25  HOH HOH B . 
F 5 HOH 15  315 3   HOH HOH B . 
F 5 HOH 16  316 16  HOH HOH B . 
F 5 HOH 17  317 102 HOH HOH B . 
F 5 HOH 18  318 90  HOH HOH B . 
F 5 HOH 19  319 70  HOH HOH B . 
F 5 HOH 20  320 95  HOH HOH B . 
F 5 HOH 21  321 184 HOH HOH B . 
F 5 HOH 22  322 5   HOH HOH B . 
F 5 HOH 23  323 10  HOH HOH B . 
F 5 HOH 24  324 11  HOH HOH B . 
F 5 HOH 25  325 33  HOH HOH B . 
F 5 HOH 26  326 9   HOH HOH B . 
F 5 HOH 27  327 34  HOH HOH B . 
F 5 HOH 28  328 16  HOH HOH B . 
F 5 HOH 29  329 18  HOH HOH B . 
F 5 HOH 30  330 100 HOH HOH B . 
F 5 HOH 31  331 20  HOH HOH B . 
F 5 HOH 32  332 39  HOH HOH B . 
F 5 HOH 33  333 281 HOH HOH B . 
F 5 HOH 34  334 36  HOH HOH B . 
F 5 HOH 35  335 7   HOH HOH B . 
F 5 HOH 36  336 137 HOH HOH B . 
F 5 HOH 37  337 72  HOH HOH B . 
F 5 HOH 38  338 30  HOH HOH B . 
F 5 HOH 39  339 22  HOH HOH B . 
F 5 HOH 40  340 80  HOH HOH B . 
F 5 HOH 41  341 68  HOH HOH B . 
F 5 HOH 42  342 2   HOH HOH B . 
F 5 HOH 43  343 214 HOH HOH B . 
F 5 HOH 44  344 31  HOH HOH B . 
F 5 HOH 45  345 55  HOH HOH B . 
F 5 HOH 46  346 86  HOH HOH B . 
F 5 HOH 47  347 26  HOH HOH B . 
F 5 HOH 48  348 27  HOH HOH B . 
F 5 HOH 49  349 29  HOH HOH B . 
F 5 HOH 50  350 3   HOH HOH B . 
F 5 HOH 51  351 126 HOH HOH B . 
F 5 HOH 52  352 50  HOH HOH B . 
F 5 HOH 53  353 58  HOH HOH B . 
F 5 HOH 54  354 17  HOH HOH B . 
F 5 HOH 55  355 10  HOH HOH B . 
F 5 HOH 56  356 6   HOH HOH B . 
F 5 HOH 57  357 15  HOH HOH B . 
F 5 HOH 58  358 267 HOH HOH B . 
F 5 HOH 59  359 1   HOH HOH B . 
F 5 HOH 60  360 157 HOH HOH B . 
F 5 HOH 61  361 4   HOH HOH B . 
F 5 HOH 62  362 172 HOH HOH B . 
F 5 HOH 63  363 81  HOH HOH B . 
F 5 HOH 64  364 66  HOH HOH B . 
F 5 HOH 65  365 116 HOH HOH B . 
F 5 HOH 66  366 33  HOH HOH B . 
F 5 HOH 67  367 32  HOH HOH B . 
F 5 HOH 68  368 89  HOH HOH B . 
F 5 HOH 69  369 47  HOH HOH B . 
F 5 HOH 70  370 4   HOH HOH B . 
F 5 HOH 71  371 76  HOH HOH B . 
F 5 HOH 72  372 62  HOH HOH B . 
F 5 HOH 73  373 59  HOH HOH B . 
F 5 HOH 74  374 304 HOH HOH B . 
F 5 HOH 75  375 8   HOH HOH B . 
F 5 HOH 76  376 61  HOH HOH B . 
F 5 HOH 77  377 19  HOH HOH B . 
F 5 HOH 78  378 211 HOH HOH B . 
F 5 HOH 79  379 71  HOH HOH B . 
F 5 HOH 80  380 85  HOH HOH B . 
F 5 HOH 81  381 264 HOH HOH B . 
F 5 HOH 82  382 28  HOH HOH B . 
F 5 HOH 83  383 73  HOH HOH B . 
F 5 HOH 84  384 93  HOH HOH B . 
F 5 HOH 85  385 103 HOH HOH B . 
F 5 HOH 86  386 25  HOH HOH B . 
F 5 HOH 87  387 48  HOH HOH B . 
F 5 HOH 88  388 43  HOH HOH B . 
F 5 HOH 89  389 154 HOH HOH B . 
F 5 HOH 90  390 24  HOH HOH B . 
F 5 HOH 91  391 32  HOH HOH B . 
F 5 HOH 92  392 125 HOH HOH B . 
F 5 HOH 93  393 60  HOH HOH B . 
F 5 HOH 94  394 57  HOH HOH B . 
F 5 HOH 95  395 303 HOH HOH B . 
F 5 HOH 96  396 64  HOH HOH B . 
F 5 HOH 97  397 156 HOH HOH B . 
F 5 HOH 98  398 46  HOH HOH B . 
F 5 HOH 99  399 42  HOH HOH B . 
F 5 HOH 100 400 8   HOH HOH B . 
F 5 HOH 101 401 97  HOH HOH B . 
F 5 HOH 102 402 12  HOH HOH B . 
F 5 HOH 103 403 14  HOH HOH B . 
F 5 HOH 104 404 20  HOH HOH B . 
F 5 HOH 105 405 23  HOH HOH B . 
F 5 HOH 106 406 54  HOH HOH B . 
F 5 HOH 107 407 49  HOH HOH B . 
F 5 HOH 108 408 41  HOH HOH B . 
F 5 HOH 109 409 45  HOH HOH B . 
F 5 HOH 110 410 7   HOH HOH B . 
F 5 HOH 111 411 56  HOH HOH B . 
F 5 HOH 112 412 120 HOH HOH B . 
F 5 HOH 113 413 13  HOH HOH B . 
F 5 HOH 114 414 197 HOH HOH B . 
F 5 HOH 115 415 15  HOH HOH B . 
F 5 HOH 116 416 44  HOH HOH B . 
F 5 HOH 117 417 38  HOH HOH B . 
F 5 HOH 118 418 18  HOH HOH B . 
F 5 HOH 119 419 140 HOH HOH B . 
F 5 HOH 120 420 53  HOH HOH B . 
F 5 HOH 121 421 257 HOH HOH B . 
F 5 HOH 122 422 69  HOH HOH B . 
F 5 HOH 123 423 22  HOH HOH B . 
F 5 HOH 124 424 5   HOH HOH B . 
F 5 HOH 125 425 112 HOH HOH B . 
F 5 HOH 126 426 19  HOH HOH B . 
F 5 HOH 127 427 133 HOH HOH B . 
F 5 HOH 128 428 30  HOH HOH B . 
F 5 HOH 129 429 263 HOH HOH B . 
F 5 HOH 130 430 266 HOH HOH B . 
F 5 HOH 131 431 114 HOH HOH B . 
F 5 HOH 132 432 115 HOH HOH B . 
F 5 HOH 133 433 166 HOH HOH B . 
F 5 HOH 134 434 23  HOH HOH B . 
F 5 HOH 135 435 21  HOH HOH B . 
F 5 HOH 136 436 13  HOH HOH B . 
F 5 HOH 137 437 104 HOH HOH B . 
F 5 HOH 138 438 127 HOH HOH B . 
F 5 HOH 139 439 205 HOH HOH B . 
F 5 HOH 140 440 14  HOH HOH B . 
F 5 HOH 141 441 131 HOH HOH B . 
F 5 HOH 142 442 270 HOH HOH B . 
F 5 HOH 143 443 259 HOH HOH B . 
# 
loop_
_pdbx_unobs_or_zero_occ_atoms.id 
_pdbx_unobs_or_zero_occ_atoms.PDB_model_num 
_pdbx_unobs_or_zero_occ_atoms.polymer_flag 
_pdbx_unobs_or_zero_occ_atoms.occupancy_flag 
_pdbx_unobs_or_zero_occ_atoms.auth_asym_id 
_pdbx_unobs_or_zero_occ_atoms.auth_comp_id 
_pdbx_unobs_or_zero_occ_atoms.auth_seq_id 
_pdbx_unobs_or_zero_occ_atoms.PDB_ins_code 
_pdbx_unobs_or_zero_occ_atoms.auth_atom_id 
_pdbx_unobs_or_zero_occ_atoms.label_alt_id 
_pdbx_unobs_or_zero_occ_atoms.label_asym_id 
_pdbx_unobs_or_zero_occ_atoms.label_comp_id 
_pdbx_unobs_or_zero_occ_atoms.label_seq_id 
_pdbx_unobs_or_zero_occ_atoms.label_atom_id 
1 1 Y 1 B LEU 192 ? CG  ? A LEU 186 CG  
2 1 Y 1 B LEU 192 ? CD1 ? A LEU 186 CD1 
3 1 Y 1 B LEU 192 ? CD2 ? A LEU 186 CD2 
# 
loop_
_software.pdbx_ordinal 
_software.name 
_software.version 
_software.date 
_software.type 
_software.contact_author 
_software.contact_author_email 
_software.classification 
_software.location 
_software.language 
_software.citation_id 
1 REFMAC      5.8.0267 ?               program 'Garib N. Murshudov' garib@ysbl.york.ac.uk    refinement        
http://www.ccp4.ac.uk/dist/html/refmac5.html        Fortran_77 ? 
2 Aimless     0.7.7    23/04/21        program 'Phil Evans'         ?                        'data scaling'    
http://www.mrc-lmb.cam.ac.uk/harry/pre/aimless.html ?          ? 
3 PDB_EXTRACT 3.23     'SEP. 23, 2016' package PDB                  deposit@deposit.rcsb.org 'data extraction' 
http://sw-tools.pdb.org/apps/PDB_EXTRACT/           C++        ? 
4 XDS         .        ?               program ?                    ?                        'data reduction'  ? ?          ? 
5 REFMAC      .        ?               program ?                    ?                        phasing           ? ?          ? 
# 
_cell.entry_id           7HNT 
_cell.length_a           95.536 
_cell.length_b           95.536 
_cell.length_c           45.872 
_cell.angle_alpha        90.000 
_cell.angle_beta         90.000 
_cell.angle_gamma        90.000 
_cell.Z_PDB              8 
_cell.pdbx_unique_axis   ? 
# 
_symmetry.entry_id                         7HNT 
_symmetry.space_group_name_H-M             'I 4' 
_symmetry.pdbx_full_space_group_name_H-M   ? 
_symmetry.cell_setting                     ? 
_symmetry.Int_Tables_number                79 
# 
_exptl.crystals_number   1 
_exptl.entry_id          7HNT 
_exptl.method            'X-RAY DIFFRACTION' 
# 
_exptl_crystal.id                    1 
_exptl_crystal.pdbx_mosaicity        0.000 
_exptl_crystal.pdbx_mosaicity_esd    ? 
_exptl_crystal.density_Matthews      2.42 
_exptl_crystal.density_diffrn        ? 
_exptl_crystal.density_meas          ? 
_exptl_crystal.density_meas_temp     ? 
_exptl_crystal.density_percent_sol   49.24 
_exptl_crystal.size_max              ? 
_exptl_crystal.size_mid              ? 
_exptl_crystal.size_min              ? 
_exptl_crystal.size_rad              ? 
_exptl_crystal.description           ? 
# 
_exptl_crystal_grow.crystal_id      1 
_exptl_crystal_grow.method          'VAPOR DIFFUSION, SITTING DROP' 
_exptl_crystal_grow.pH              8 
_exptl_crystal_grow.temp            293 
_exptl_crystal_grow.pdbx_details    '4 % PEG 400, 2 M AmmSO4, 0.1 M HEPES pH 8' 
_exptl_crystal_grow.temp_details    ? 
_exptl_crystal_grow.pdbx_pH_range   ? 
# 
_diffrn.id                     1 
_diffrn.ambient_temp           100 
_diffrn.crystal_id             1 
_diffrn.ambient_temp_details   ? 
# 
_diffrn_detector.detector               PIXEL 
_diffrn_detector.type                   'DECTRIS EIGER2 XE 9M' 
_diffrn_detector.pdbx_collection_date   2024-07-04 
_diffrn_detector.diffrn_id              1 
_diffrn_detector.details                ? 
# 
_diffrn_radiation.diffrn_id                        1 
_diffrn_radiation.wavelength_id                    1 
_diffrn_radiation.pdbx_diffrn_protocol             'SINGLE WAVELENGTH' 
_diffrn_radiation.pdbx_monochromatic_or_laue_m_l   ? 
_diffrn_radiation.monochromator                    ? 
_diffrn_radiation.pdbx_scattering_type             x-ray 
# 
_diffrn_radiation_wavelength.id           1 
_diffrn_radiation_wavelength.wavelength   0.92134 
_diffrn_radiation_wavelength.wt           1.0 
# 
_diffrn_source.diffrn_id                   1 
_diffrn_source.source                      SYNCHROTRON 
_diffrn_source.type                        'DIAMOND BEAMLINE I04-1' 
_diffrn_source.pdbx_wavelength_list        0.92134 
_diffrn_source.pdbx_synchrotron_site       Diamond 
_diffrn_source.pdbx_synchrotron_beamline   I04-1 
_diffrn_source.pdbx_wavelength             ? 
# 
_reflns.entry_id                     7HNT 
_reflns.pdbx_diffrn_id               1 
_reflns.pdbx_ordinal                 1 
_reflns.observed_criterion_sigma_I   ? 
_reflns.observed_criterion_sigma_F   ? 
_reflns.d_resolution_low             67.540 
_reflns.d_resolution_high            1.170 
_reflns.number_obs                   59229 
_reflns.number_all                   ? 
_reflns.percent_possible_obs         85.000 
_reflns.pdbx_Rmerge_I_obs            0.057 
_reflns.pdbx_Rsym_value              ? 
_reflns.pdbx_netI_over_sigmaI        15.200 
_reflns.B_iso_Wilson_estimate        ? 
_reflns.pdbx_redundancy              10.000 
_reflns.pdbx_Rrim_I_all              0.060 
_reflns.pdbx_Rpim_I_all              0.017 
_reflns.pdbx_CC_half                 0.999 
_reflns.pdbx_netI_over_av_sigmaI     ? 
_reflns.pdbx_number_measured_all     589758 
_reflns.pdbx_scaling_rejects         0 
_reflns.pdbx_chi_squared             ? 
_reflns.Rmerge_F_all                 ? 
_reflns.Rmerge_F_obs                 ? 
_reflns.observed_criterion_F_max     ? 
_reflns.observed_criterion_F_min     ? 
_reflns.observed_criterion_I_max     ? 
_reflns.observed_criterion_I_min     ? 
_reflns.pdbx_d_res_high_opt          ? 
_reflns.pdbx_d_res_low_opt           ? 
_reflns.details                      ? 
# 
loop_
_reflns_shell.pdbx_diffrn_id 
_reflns_shell.pdbx_ordinal 
_reflns_shell.d_res_high 
_reflns_shell.d_res_low 
_reflns_shell.number_measured_obs 
_reflns_shell.number_measured_all 
_reflns_shell.number_unique_obs 
_reflns_shell.pdbx_rejects 
_reflns_shell.Rmerge_I_obs 
_reflns_shell.meanI_over_sigI_obs 
_reflns_shell.pdbx_Rsym_value 
_reflns_shell.pdbx_chi_squared 
_reflns_shell.pdbx_redundancy 
_reflns_shell.percent_possible_obs 
_reflns_shell.pdbx_netI_over_sigmaI_obs 
_reflns_shell.number_possible 
_reflns_shell.number_unique_all 
_reflns_shell.Rmerge_F_all 
_reflns_shell.Rmerge_F_obs 
_reflns_shell.Rmerge_I_all 
_reflns_shell.meanI_over_sigI_all 
_reflns_shell.percent_possible_all 
_reflns_shell.pdbx_Rrim_I_all 
_reflns_shell.pdbx_Rpim_I_all 
_reflns_shell.pdbx_CC_half 
1 1 1.170 1.190  ? 1054 884 ? 0.977 ? ? ? 1.200  ? 0.500  ? ? ? ? ? ? 25.900 1.364 0.950 0.400 
1 2 6.410 67.540 ? 5849 459 ? 0.056 ? ? ? 12.700 ? 46.800 ? ? ? ? ? ? 99.900 0.059 0.018 0.995 
# 
_refine.entry_id                                 7HNT 
_refine.pdbx_refine_id                           'X-RAY DIFFRACTION' 
_refine.ls_d_res_high                            1.1700 
_refine.ls_d_res_low                             67.5500 
_refine.pdbx_ls_sigma_F                          0.000 
_refine.pdbx_data_cutoff_high_absF               ? 
_refine.pdbx_data_cutoff_low_absF                ? 
_refine.ls_percent_reflns_obs                    84.7400 
_refine.ls_number_reflns_obs                     56208 
_refine.ls_number_reflns_all                     ? 
_refine.pdbx_ls_cross_valid_method               THROUGHOUT 
_refine.ls_matrix_type                           ? 
_refine.pdbx_R_Free_selection_details            RANDOM 
_refine.details                                  
'HYDROGENS HAVE BEEN ADDED IN THE RIDING POSITIONS U VALUES      : REFINED INDIVIDUALLY' 
_refine.ls_R_factor_all                          ? 
_refine.ls_R_factor_obs                          0.1805 
_refine.ls_R_factor_R_work                       0.1797 
_refine.ls_wR_factor_R_work                      ? 
_refine.ls_R_factor_R_free                       0.1971 
_refine.ls_wR_factor_R_free                      ? 
_refine.ls_percent_reflns_R_free                 4.9000 
_refine.ls_number_reflns_R_free                  2888 
_refine.ls_number_reflns_R_work                  ? 
_refine.ls_R_factor_R_free_error                 ? 
_refine.B_iso_mean                               15.4390 
_refine.solvent_model_param_bsol                 ? 
_refine.solvent_model_param_ksol                 ? 
_refine.pdbx_isotropic_thermal_model             ? 
_refine.aniso_B[1][1]                            0.2400 
_refine.aniso_B[2][2]                            0.2400 
_refine.aniso_B[3][3]                            -0.4800 
_refine.aniso_B[1][2]                            -0.0000 
_refine.aniso_B[1][3]                            -0.0000 
_refine.aniso_B[2][3]                            -0.0000 
_refine.correlation_coeff_Fo_to_Fc               0.9680 
_refine.correlation_coeff_Fo_to_Fc_free          0.9640 
_refine.overall_SU_R_Cruickshank_DPI             ? 
_refine.pdbx_overall_SU_R_free_Cruickshank_DPI   ? 
_refine.pdbx_overall_SU_R_Blow_DPI               ? 
_refine.pdbx_overall_SU_R_free_Blow_DPI          ? 
_refine.overall_SU_R_free                        ? 
_refine.pdbx_overall_ESU_R                       0.0450 
_refine.pdbx_overall_ESU_R_Free                  0.0460 
_refine.overall_SU_ML                            0.0340 
_refine.overall_SU_B                             0.7950 
_refine.solvent_model_details                    MASK 
_refine.pdbx_solvent_vdw_probe_radii             1.2000 
_refine.pdbx_solvent_ion_probe_radii             0.8000 
_refine.pdbx_solvent_shrinkage_radii             0.8000 
_refine.ls_number_parameters                     ? 
_refine.ls_number_restraints                     ? 
_refine.pdbx_starting_model                      ? 
_refine.pdbx_method_to_determine_struct          'FOURIER SYNTHESIS' 
_refine.pdbx_stereochemistry_target_values       'MAXIMUM LIKELIHOOD' 
_refine.pdbx_stereochem_target_val_spec_case     ? 
_refine.overall_FOM_work_R_set                   ? 
_refine.B_iso_max                                67.190 
_refine.B_iso_min                                8.070 
_refine.pdbx_overall_phase_error                 ? 
_refine.occupancy_max                            ? 
_refine.occupancy_min                            ? 
_refine.pdbx_diffrn_id                           1 
_refine.pdbx_TLS_residual_ADP_flag               ? 
_refine.pdbx_ls_sigma_I                          ? 
_refine.pdbx_data_cutoff_high_rms_absF           ? 
_refine.ls_R_factor_R_free_error_details         ? 
# 
_refine_hist.cycle_id                         final 
_refine_hist.pdbx_refine_id                   'X-RAY DIFFRACTION' 
_refine_hist.d_res_high                       1.1700 
_refine_hist.d_res_low                        67.5500 
_refine_hist.pdbx_number_atoms_ligand         26 
_refine_hist.number_atoms_solvent             143 
_refine_hist.number_atoms_total               1662 
_refine_hist.pdbx_number_residues_total       185 
_refine_hist.pdbx_B_iso_mean_ligand           31.78 
_refine_hist.pdbx_B_iso_mean_solvent          25.77 
_refine_hist.pdbx_number_atoms_protein        1493 
_refine_hist.pdbx_number_atoms_nucleic_acid   0 
# 
loop_
_refine_ls_restr.pdbx_refine_id 
_refine_ls_restr.type 
_refine_ls_restr.number 
_refine_ls_restr.dev_ideal 
_refine_ls_restr.dev_ideal_target 
_refine_ls_restr.weight 
_refine_ls_restr.pdbx_restraint_function 
'X-RAY DIFFRACTION' r_bond_refined_d       2035 0.012  0.013  ? ? 
'X-RAY DIFFRACTION' r_bond_other_d         1622 0.001  0.015  ? ? 
'X-RAY DIFFRACTION' r_angle_refined_deg    2549 1.822  1.638  ? ? 
'X-RAY DIFFRACTION' r_angle_other_deg      3742 1.445  1.582  ? ? 
'X-RAY DIFFRACTION' r_dihedral_angle_1_deg 241  7.326  5.000  ? ? 
'X-RAY DIFFRACTION' r_dihedral_angle_2_deg 110  28.608 21.455 ? ? 
'X-RAY DIFFRACTION' r_dihedral_angle_3_deg 291  11.715 15.000 ? ? 
'X-RAY DIFFRACTION' r_dihedral_angle_4_deg 15   22.545 15.000 ? ? 
'X-RAY DIFFRACTION' r_chiral_restr         220  0.087  0.200  ? ? 
'X-RAY DIFFRACTION' r_gen_planes_refined   2294 0.011  0.020  ? ? 
'X-RAY DIFFRACTION' r_gen_planes_other     510  0.003  0.020  ? ? 
'X-RAY DIFFRACTION' r_mcbond_it            972  1.274  1.374  ? ? 
'X-RAY DIFFRACTION' r_mcbond_other         965  1.217  1.363  ? ? 
'X-RAY DIFFRACTION' r_mcangle_it           1153 1.970  2.053  ? ? 
# 
_refine_ls_shell.d_res_high                       1.1700 
_refine_ls_shell.d_res_low                        1.2010 
_refine_ls_shell.pdbx_total_number_of_bins_used   20 
_refine_ls_shell.percent_reflns_obs               26.1700 
_refine_ls_shell.number_reflns_R_work             1275 
_refine_ls_shell.R_factor_all                     ? 
_refine_ls_shell.R_factor_R_work                  0.3410 
_refine_ls_shell.R_factor_R_free                  0.3480 
_refine_ls_shell.percent_reflns_R_free            ? 
_refine_ls_shell.number_reflns_R_free             70 
_refine_ls_shell.R_factor_R_free_error            ? 
_refine_ls_shell.number_reflns_all                1345 
_refine_ls_shell.number_reflns_obs                ? 
_refine_ls_shell.pdbx_refine_id                   'X-RAY DIFFRACTION' 
# 
_struct.entry_id                  7HNT 
_struct.title                     'PanDDA analysis group deposition -- Crystal Structure of TRIM21 in complex with Z383202616' 
_struct.pdbx_model_details        ? 
_struct.pdbx_CASP_flag            ? 
_struct.pdbx_model_type_details   ? 
# 
_struct_keywords.entry_id        7HNT 
_struct_keywords.text            'SGC - Diamond I04-1 fragment screening, PanDDA, XChemExplorer, TRIM21, LIGASE' 
_struct_keywords.pdbx_keywords   LIGASE 
# 
loop_
_struct_asym.id 
_struct_asym.pdbx_blank_PDB_chainid_flag 
_struct_asym.pdbx_modified 
_struct_asym.entity_id 
_struct_asym.details 
A N N 1 ? 
B N N 2 ? 
C N N 3 ? 
D N N 2 ? 
E N N 4 ? 
F N N 5 ? 
# 
_struct_ref.id                         1 
_struct_ref.db_name                    UNP 
_struct_ref.db_code                    RO52_MOUSE 
_struct_ref.pdbx_db_accession          Q62191 
_struct_ref.pdbx_db_isoform            ? 
_struct_ref.entity_id                  1 
_struct_ref.pdbx_seq_one_letter_code   
;VHITLDRNTANSWLIISKDRRQVRMGDTHQNVSDNKERFSNYPMVLGAQRFSSGKMYWEVDVTQKEAWDLGVCRDSVQRK
GQFSLSPENGFWTIWLWQDSYEAGTSPQTTLHIQVPPCQIGIFVDYEAGVVSFYNITDHGSLIYTFSECVFAGPLRPFFN
VGFNYSGGNAAPLKLCPLKM
;
_struct_ref.pdbx_align_begin           291 
# 
_struct_ref_seq.align_id                      1 
_struct_ref_seq.ref_id                        1 
_struct_ref_seq.pdbx_PDB_id_code              7HNT 
_struct_ref_seq.pdbx_strand_id                B 
_struct_ref_seq.seq_align_beg                 9 
_struct_ref_seq.pdbx_seq_align_beg_ins_code   ? 
_struct_ref_seq.seq_align_end                 188 
_struct_ref_seq.pdbx_seq_align_end_ins_code   ? 
_struct_ref_seq.pdbx_db_accession             Q62191 
_struct_ref_seq.db_align_beg                  291 
_struct_ref_seq.pdbx_db_align_beg_ins_code    ? 
_struct_ref_seq.db_align_end                  470 
_struct_ref_seq.pdbx_db_align_end_ins_code    ? 
_struct_ref_seq.pdbx_auth_seq_align_beg       15 
_struct_ref_seq.pdbx_auth_seq_align_end       194 
# 
loop_
_struct_ref_seq_dif.align_id 
_struct_ref_seq_dif.pdbx_pdb_id_code 
_struct_ref_seq_dif.mon_id 
_struct_ref_seq_dif.pdbx_pdb_strand_id 
_struct_ref_seq_dif.seq_num 
_struct_ref_seq_dif.pdbx_pdb_ins_code 
_struct_ref_seq_dif.pdbx_seq_db_name 
_struct_ref_seq_dif.pdbx_seq_db_accession_code 
_struct_ref_seq_dif.db_mon_id 
_struct_ref_seq_dif.pdbx_seq_db_seq_num 
_struct_ref_seq_dif.details 
_struct_ref_seq_dif.pdbx_auth_seq_num 
_struct_ref_seq_dif.pdbx_ordinal 
1 7HNT MET B 1 ? UNP Q62191 ? ? 'initiating methionine' 7  1 
1 7HNT HIS B 2 ? UNP Q62191 ? ? 'expression tag'        8  2 
1 7HNT HIS B 3 ? UNP Q62191 ? ? 'expression tag'        9  3 
1 7HNT HIS B 4 ? UNP Q62191 ? ? 'expression tag'        10 4 
1 7HNT HIS B 5 ? UNP Q62191 ? ? 'expression tag'        11 5 
1 7HNT HIS B 6 ? UNP Q62191 ? ? 'expression tag'        12 6 
1 7HNT HIS B 7 ? UNP Q62191 ? ? 'expression tag'        13 7 
1 7HNT MET B 8 ? UNP Q62191 ? ? 'expression tag'        14 8 
# 
_pdbx_struct_assembly.id                   1 
_pdbx_struct_assembly.details              author_defined_assembly 
_pdbx_struct_assembly.method_details       ? 
_pdbx_struct_assembly.oligomeric_details   monomeric 
_pdbx_struct_assembly.oligomeric_count     1 
# 
_pdbx_struct_assembly_gen.assembly_id       1 
_pdbx_struct_assembly_gen.oper_expression   1 
_pdbx_struct_assembly_gen.asym_id_list      A,B,C,D,E,F 
# 
_pdbx_struct_oper_list.id                   1 
_pdbx_struct_oper_list.type                 'identity operation' 
_pdbx_struct_oper_list.name                 1_555 
_pdbx_struct_oper_list.symmetry_operation   x,y,z 
_pdbx_struct_oper_list.matrix[1][1]         1.0000000000 
_pdbx_struct_oper_list.matrix[1][2]         0.0000000000 
_pdbx_struct_oper_list.matrix[1][3]         0.0000000000 
_pdbx_struct_oper_list.vector[1]            0.0000000000 
_pdbx_struct_oper_list.matrix[2][1]         0.0000000000 
_pdbx_struct_oper_list.matrix[2][2]         1.0000000000 
_pdbx_struct_oper_list.matrix[2][3]         0.0000000000 
_pdbx_struct_oper_list.vector[2]            0.0000000000 
_pdbx_struct_oper_list.matrix[3][1]         0.0000000000 
_pdbx_struct_oper_list.matrix[3][2]         0.0000000000 
_pdbx_struct_oper_list.matrix[3][3]         1.0000000000 
_pdbx_struct_oper_list.vector[3]            0.0000000000 
# 
loop_
_struct_conf.conf_type_id 
_struct_conf.id 
_struct_conf.pdbx_PDB_helix_id 
_struct_conf.beg_label_comp_id 
_struct_conf.beg_label_asym_id 
_struct_conf.beg_label_seq_id 
_struct_conf.pdbx_beg_PDB_ins_code 
_struct_conf.end_label_comp_id 
_struct_conf.end_label_asym_id 
_struct_conf.end_label_seq_id 
_struct_conf.pdbx_end_PDB_ins_code 
_struct_conf.beg_auth_comp_id 
_struct_conf.beg_auth_asym_id 
_struct_conf.beg_auth_seq_id 
_struct_conf.end_auth_comp_id 
_struct_conf.end_auth_asym_id 
_struct_conf.end_auth_seq_id 
_struct_conf.pdbx_PDB_helix_class 
_struct_conf.details 
_struct_conf.pdbx_PDB_helix_length 
HELX_P HELX_P1 AA1 HIS A 4  ? MET A 8  ? HIS B 10  MET B 14  5 ? 5 
HELX_P HELX_P2 AA2 ASP A 14 ? ALA A 18 ? ASP B 20  ALA B 24  5 ? 5 
HELX_P HELX_P3 AA3 SER A 94 ? ASN A 97 ? SER B 100 ASN B 103 5 ? 4 
# 
_struct_conf_type.id          HELX_P 
_struct_conf_type.criteria    ? 
_struct_conf_type.reference   ? 
# 
_struct_mon_prot_cis.pdbx_id                1 
_struct_mon_prot_cis.label_comp_id          SER 
_struct_mon_prot_cis.label_seq_id           114 
_struct_mon_prot_cis.label_asym_id          A 
_struct_mon_prot_cis.label_alt_id           . 
_struct_mon_prot_cis.pdbx_PDB_ins_code      ? 
_struct_mon_prot_cis.auth_comp_id           SER 
_struct_mon_prot_cis.auth_seq_id            120 
_struct_mon_prot_cis.auth_asym_id           B 
_struct_mon_prot_cis.pdbx_label_comp_id_2   PRO 
_struct_mon_prot_cis.pdbx_label_seq_id_2    115 
_struct_mon_prot_cis.pdbx_label_asym_id_2   A 
_struct_mon_prot_cis.pdbx_PDB_ins_code_2    ? 
_struct_mon_prot_cis.pdbx_auth_comp_id_2    PRO 
_struct_mon_prot_cis.pdbx_auth_seq_id_2     121 
_struct_mon_prot_cis.pdbx_auth_asym_id_2    B 
_struct_mon_prot_cis.pdbx_PDB_model_num     1 
_struct_mon_prot_cis.pdbx_omega_angle       -0.91 
# 
loop_
_struct_sheet.id 
_struct_sheet.type 
_struct_sheet.number_strands 
_struct_sheet.details 
AA1 ? 7 ? 
AA2 ? 6 ? 
# 
loop_
_struct_sheet_order.sheet_id 
_struct_sheet_order.range_id_1 
_struct_sheet_order.range_id_2 
_struct_sheet_order.offset 
_struct_sheet_order.sense 
AA1 1 2 ? anti-parallel 
AA1 2 3 ? anti-parallel 
AA1 3 4 ? anti-parallel 
AA1 4 5 ? anti-parallel 
AA1 5 6 ? anti-parallel 
AA1 6 7 ? anti-parallel 
AA2 1 2 ? anti-parallel 
AA2 2 3 ? anti-parallel 
AA2 3 4 ? anti-parallel 
AA2 4 5 ? anti-parallel 
AA2 5 6 ? anti-parallel 
# 
loop_
_struct_sheet_range.sheet_id 
_struct_sheet_range.id 
_struct_sheet_range.beg_label_comp_id 
_struct_sheet_range.beg_label_asym_id 
_struct_sheet_range.beg_label_seq_id 
_struct_sheet_range.pdbx_beg_PDB_ins_code 
_struct_sheet_range.end_label_comp_id 
_struct_sheet_range.end_label_asym_id 
_struct_sheet_range.end_label_seq_id 
_struct_sheet_range.pdbx_end_PDB_ins_code 
_struct_sheet_range.beg_auth_comp_id 
_struct_sheet_range.beg_auth_asym_id 
_struct_sheet_range.beg_auth_seq_id 
_struct_sheet_range.end_auth_comp_id 
_struct_sheet_range.end_auth_asym_id 
_struct_sheet_range.end_auth_seq_id 
AA1 1 LEU A 22  ? ILE A 24  ? LEU B 28  ILE B 30  
AA1 2 GLN A 30  ? MET A 33  ? GLN B 36  MET B 39  
AA1 3 LEU A 181 ? LEU A 183 ? LEU B 187 LEU B 189 
AA1 4 LYS A 63  ? ASP A 69  ? LYS B 69  ASP B 75  
AA1 5 GLN A 127 ? ASP A 133 ? GLN B 133 ASP B 139 
AA1 6 VAL A 138 ? ASN A 143 ? VAL B 144 ASN B 149 
AA1 7 SER A 149 ? PHE A 154 ? SER B 155 PHE B 160 
AA2 1 MET A 52  ? LEU A 54  ? MET B 58  LEU B 60  
AA2 2 LEU A 163 ? ASN A 168 ? LEU B 169 ASN B 174 
AA2 3 TRP A 76  ? ARG A 82  ? TRP B 82  ARG B 88  
AA2 4 PHE A 99  ? TRP A 105 ? PHE B 105 TRP B 111 
AA2 5 SER A 108 ? ALA A 111 ? SER B 114 ALA B 117 
AA2 6 THR A 117 ? THR A 118 ? THR B 123 THR B 124 
# 
loop_
_pdbx_struct_sheet_hbond.sheet_id 
_pdbx_struct_sheet_hbond.range_id_1 
_pdbx_struct_sheet_hbond.range_id_2 
_pdbx_struct_sheet_hbond.range_1_label_atom_id 
_pdbx_struct_sheet_hbond.range_1_label_comp_id 
_pdbx_struct_sheet_hbond.range_1_label_asym_id 
_pdbx_struct_sheet_hbond.range_1_label_seq_id 
_pdbx_struct_sheet_hbond.range_1_PDB_ins_code 
_pdbx_struct_sheet_hbond.range_1_auth_atom_id 
_pdbx_struct_sheet_hbond.range_1_auth_comp_id 
_pdbx_struct_sheet_hbond.range_1_auth_asym_id 
_pdbx_struct_sheet_hbond.range_1_auth_seq_id 
_pdbx_struct_sheet_hbond.range_2_label_atom_id 
_pdbx_struct_sheet_hbond.range_2_label_comp_id 
_pdbx_struct_sheet_hbond.range_2_label_asym_id 
_pdbx_struct_sheet_hbond.range_2_label_seq_id 
_pdbx_struct_sheet_hbond.range_2_PDB_ins_code 
_pdbx_struct_sheet_hbond.range_2_auth_atom_id 
_pdbx_struct_sheet_hbond.range_2_auth_comp_id 
_pdbx_struct_sheet_hbond.range_2_auth_asym_id 
_pdbx_struct_sheet_hbond.range_2_auth_seq_id 
AA1 1 2 N ILE A 23  ? N ILE B 29  O ARG A 32  ? O ARG B 38  
AA1 2 3 N VAL A 31  ? N VAL B 37  O LEU A 181 ? O LEU B 187 
AA1 3 4 O LYS A 182 ? O LYS B 188 N ASP A 69  ? N ASP B 75  
AA1 4 5 N TRP A 66  ? N TRP B 72  O ILE A 130 ? O ILE B 136 
AA1 5 6 N PHE A 131 ? N PHE B 137 O SER A 140 ? O SER B 146 
AA1 6 7 N PHE A 141 ? N PHE B 147 O ILE A 151 ? O ILE B 157 
AA2 1 2 N VAL A 53  ? N VAL B 59  O PHE A 167 ? O PHE B 173 
AA2 2 3 O ARG A 164 ? O ARG B 170 N CYS A 81  ? N CYS B 87  
AA2 3 4 N VAL A 80  ? N VAL B 86  O TRP A 100 ? O TRP B 106 
AA2 4 5 N TRP A 105 ? N TRP B 111 O SER A 108 ? O SER B 114 
AA2 5 6 N ALA A 111 ? N ALA B 117 O THR A 117 ? O THR B 123 
# 
_pdbx_entry_details.entry_id                   7HNT 
_pdbx_entry_details.compound_details           ? 
_pdbx_entry_details.source_details             ? 
_pdbx_entry_details.nonpolymer_details         ? 
_pdbx_entry_details.sequence_details           ? 
_pdbx_entry_details.has_ligand_of_interest     Y 
_pdbx_entry_details.has_protein_modification   N 
# 
_pdbx_validate_rmsd_angle.id                         1 
_pdbx_validate_rmsd_angle.PDB_model_num              1 
_pdbx_validate_rmsd_angle.auth_atom_id_1             CG 
_pdbx_validate_rmsd_angle.auth_asym_id_1             B 
_pdbx_validate_rmsd_angle.auth_comp_id_1             ARG 
_pdbx_validate_rmsd_angle.auth_seq_id_1              64 
_pdbx_validate_rmsd_angle.PDB_ins_code_1             ? 
_pdbx_validate_rmsd_angle.label_alt_id_1             ? 
_pdbx_validate_rmsd_angle.auth_atom_id_2             CD 
_pdbx_validate_rmsd_angle.auth_asym_id_2             B 
_pdbx_validate_rmsd_angle.auth_comp_id_2             ARG 
_pdbx_validate_rmsd_angle.auth_seq_id_2              64 
_pdbx_validate_rmsd_angle.PDB_ins_code_2             ? 
_pdbx_validate_rmsd_angle.label_alt_id_2             ? 
_pdbx_validate_rmsd_angle.auth_atom_id_3             NE 
_pdbx_validate_rmsd_angle.auth_asym_id_3             B 
_pdbx_validate_rmsd_angle.auth_comp_id_3             ARG 
_pdbx_validate_rmsd_angle.auth_seq_id_3              64 
_pdbx_validate_rmsd_angle.PDB_ins_code_3             ? 
_pdbx_validate_rmsd_angle.label_alt_id_3             ? 
_pdbx_validate_rmsd_angle.angle_value                128.54 
_pdbx_validate_rmsd_angle.angle_target_value         111.80 
_pdbx_validate_rmsd_angle.angle_deviation            16.74 
_pdbx_validate_rmsd_angle.angle_standard_deviation   2.10 
_pdbx_validate_rmsd_angle.linker_flag                N 
# 
loop_
_pdbx_validate_torsion.id 
_pdbx_validate_torsion.PDB_model_num 
_pdbx_validate_torsion.auth_comp_id 
_pdbx_validate_torsion.auth_asym_id 
_pdbx_validate_torsion.auth_seq_id 
_pdbx_validate_torsion.PDB_ins_code 
_pdbx_validate_torsion.label_alt_id 
_pdbx_validate_torsion.phi 
_pdbx_validate_torsion.psi 
1 1 ASN B 45  ? ? 70.18   36.12 
2 1 ASP B 152 ? ? -102.40 51.59 
# 
_pdbx_struct_special_symmetry.id              1 
_pdbx_struct_special_symmetry.PDB_model_num   1 
_pdbx_struct_special_symmetry.auth_asym_id    B 
_pdbx_struct_special_symmetry.auth_comp_id    HOH 
_pdbx_struct_special_symmetry.auth_seq_id     431 
_pdbx_struct_special_symmetry.PDB_ins_code    ? 
_pdbx_struct_special_symmetry.label_asym_id   F 
_pdbx_struct_special_symmetry.label_comp_id   HOH 
_pdbx_struct_special_symmetry.label_seq_id    . 
# 
_phasing.method   MR 
# 
loop_
_pdbx_unobs_or_zero_occ_residues.id 
_pdbx_unobs_or_zero_occ_residues.PDB_model_num 
_pdbx_unobs_or_zero_occ_residues.polymer_flag 
_pdbx_unobs_or_zero_occ_residues.occupancy_flag 
_pdbx_unobs_or_zero_occ_residues.auth_asym_id 
_pdbx_unobs_or_zero_occ_residues.auth_comp_id 
_pdbx_unobs_or_zero_occ_residues.auth_seq_id 
_pdbx_unobs_or_zero_occ_residues.PDB_ins_code 
_pdbx_unobs_or_zero_occ_residues.label_asym_id 
_pdbx_unobs_or_zero_occ_residues.label_comp_id 
_pdbx_unobs_or_zero_occ_residues.label_seq_id 
1 1 Y 1 B MET 7   ? A MET 1   
2 1 Y 1 B LYS 193 ? A LYS 187 
3 1 Y 1 B MET 194 ? A MET 188 
# 
loop_
_chem_comp_atom.comp_id 
_chem_comp_atom.atom_id 
_chem_comp_atom.type_symbol 
_chem_comp_atom.pdbx_aromatic_flag 
_chem_comp_atom.pdbx_stereo_config 
_chem_comp_atom.pdbx_ordinal 
ALA N    N N N 1   
ALA CA   C N S 2   
ALA C    C N N 3   
ALA O    O N N 4   
ALA CB   C N N 5   
ALA OXT  O N N 6   
ALA H    H N N 7   
ALA H2   H N N 8   
ALA HA   H N N 9   
ALA HB1  H N N 10  
ALA HB2  H N N 11  
ALA HB3  H N N 12  
ALA HXT  H N N 13  
ARG N    N N N 14  
ARG CA   C N S 15  
ARG C    C N N 16  
ARG O    O N N 17  
ARG CB   C N N 18  
ARG CG   C N N 19  
ARG CD   C N N 20  
ARG NE   N N N 21  
ARG CZ   C N N 22  
ARG NH1  N N N 23  
ARG NH2  N N N 24  
ARG OXT  O N N 25  
ARG H    H N N 26  
ARG H2   H N N 27  
ARG HA   H N N 28  
ARG HB2  H N N 29  
ARG HB3  H N N 30  
ARG HG2  H N N 31  
ARG HG3  H N N 32  
ARG HD2  H N N 33  
ARG HD3  H N N 34  
ARG HE   H N N 35  
ARG HH11 H N N 36  
ARG HH12 H N N 37  
ARG HH21 H N N 38  
ARG HH22 H N N 39  
ARG HXT  H N N 40  
ASN N    N N N 41  
ASN CA   C N S 42  
ASN C    C N N 43  
ASN O    O N N 44  
ASN CB   C N N 45  
ASN CG   C N N 46  
ASN OD1  O N N 47  
ASN ND2  N N N 48  
ASN OXT  O N N 49  
ASN H    H N N 50  
ASN H2   H N N 51  
ASN HA   H N N 52  
ASN HB2  H N N 53  
ASN HB3  H N N 54  
ASN HD21 H N N 55  
ASN HD22 H N N 56  
ASN HXT  H N N 57  
ASP N    N N N 58  
ASP CA   C N S 59  
ASP C    C N N 60  
ASP O    O N N 61  
ASP CB   C N N 62  
ASP CG   C N N 63  
ASP OD1  O N N 64  
ASP OD2  O N N 65  
ASP OXT  O N N 66  
ASP H    H N N 67  
ASP H2   H N N 68  
ASP HA   H N N 69  
ASP HB2  H N N 70  
ASP HB3  H N N 71  
ASP HD2  H N N 72  
ASP HXT  H N N 73  
CYS N    N N N 74  
CYS CA   C N R 75  
CYS C    C N N 76  
CYS O    O N N 77  
CYS CB   C N N 78  
CYS SG   S N N 79  
CYS OXT  O N N 80  
CYS H    H N N 81  
CYS H2   H N N 82  
CYS HA   H N N 83  
CYS HB2  H N N 84  
CYS HB3  H N N 85  
CYS HG   H N N 86  
CYS HXT  H N N 87  
EDO C1   C N N 88  
EDO O1   O N N 89  
EDO C2   C N N 90  
EDO O2   O N N 91  
EDO H11  H N N 92  
EDO H12  H N N 93  
EDO HO1  H N N 94  
EDO H21  H N N 95  
EDO H22  H N N 96  
EDO HO2  H N N 97  
GLN N    N N N 98  
GLN CA   C N S 99  
GLN C    C N N 100 
GLN O    O N N 101 
GLN CB   C N N 102 
GLN CG   C N N 103 
GLN CD   C N N 104 
GLN OE1  O N N 105 
GLN NE2  N N N 106 
GLN OXT  O N N 107 
GLN H    H N N 108 
GLN H2   H N N 109 
GLN HA   H N N 110 
GLN HB2  H N N 111 
GLN HB3  H N N 112 
GLN HG2  H N N 113 
GLN HG3  H N N 114 
GLN HE21 H N N 115 
GLN HE22 H N N 116 
GLN HXT  H N N 117 
GLU N    N N N 118 
GLU CA   C N S 119 
GLU C    C N N 120 
GLU O    O N N 121 
GLU CB   C N N 122 
GLU CG   C N N 123 
GLU CD   C N N 124 
GLU OE1  O N N 125 
GLU OE2  O N N 126 
GLU OXT  O N N 127 
GLU H    H N N 128 
GLU H2   H N N 129 
GLU HA   H N N 130 
GLU HB2  H N N 131 
GLU HB3  H N N 132 
GLU HG2  H N N 133 
GLU HG3  H N N 134 
GLU HE2  H N N 135 
GLU HXT  H N N 136 
GLY N    N N N 137 
GLY CA   C N N 138 
GLY C    C N N 139 
GLY O    O N N 140 
GLY OXT  O N N 141 
GLY H    H N N 142 
GLY H2   H N N 143 
GLY HA2  H N N 144 
GLY HA3  H N N 145 
GLY HXT  H N N 146 
HIS N    N N N 147 
HIS CA   C N S 148 
HIS C    C N N 149 
HIS O    O N N 150 
HIS CB   C N N 151 
HIS CG   C Y N 152 
HIS ND1  N Y N 153 
HIS CD2  C Y N 154 
HIS CE1  C Y N 155 
HIS NE2  N Y N 156 
HIS OXT  O N N 157 
HIS H    H N N 158 
HIS H2   H N N 159 
HIS HA   H N N 160 
HIS HB2  H N N 161 
HIS HB3  H N N 162 
HIS HD1  H N N 163 
HIS HD2  H N N 164 
HIS HE1  H N N 165 
HIS HE2  H N N 166 
HIS HXT  H N N 167 
HOH O    O N N 168 
HOH H1   H N N 169 
HOH H2   H N N 170 
ILE N    N N N 171 
ILE CA   C N S 172 
ILE C    C N N 173 
ILE O    O N N 174 
ILE CB   C N S 175 
ILE CG1  C N N 176 
ILE CG2  C N N 177 
ILE CD1  C N N 178 
ILE OXT  O N N 179 
ILE H    H N N 180 
ILE H2   H N N 181 
ILE HA   H N N 182 
ILE HB   H N N 183 
ILE HG12 H N N 184 
ILE HG13 H N N 185 
ILE HG21 H N N 186 
ILE HG22 H N N 187 
ILE HG23 H N N 188 
ILE HD11 H N N 189 
ILE HD12 H N N 190 
ILE HD13 H N N 191 
ILE HXT  H N N 192 
LEU N    N N N 193 
LEU CA   C N S 194 
LEU C    C N N 195 
LEU O    O N N 196 
LEU CB   C N N 197 
LEU CG   C N N 198 
LEU CD1  C N N 199 
LEU CD2  C N N 200 
LEU OXT  O N N 201 
LEU H    H N N 202 
LEU H2   H N N 203 
LEU HA   H N N 204 
LEU HB2  H N N 205 
LEU HB3  H N N 206 
LEU HG   H N N 207 
LEU HD11 H N N 208 
LEU HD12 H N N 209 
LEU HD13 H N N 210 
LEU HD21 H N N 211 
LEU HD22 H N N 212 
LEU HD23 H N N 213 
LEU HXT  H N N 214 
LHR N1   N N N 215 
LHR N3   N Y N 216 
LHR C4   C Y N 217 
LHR C5   C Y N 218 
LHR C6   C Y N 219 
LHR C7   C Y N 220 
LHR C8   C Y N 221 
LHR C1   C N N 222 
LHR C2   C N N 223 
LHR O1   O N N 224 
LHR C3   C Y N 225 
LHR N2   N Y N 226 
LHR C9   C Y N 227 
LHR H1   H N N 228 
LHR H2   H N N 229 
LHR H3   H N N 230 
LHR H4   H N N 231 
LHR H5   H N N 232 
LHR H6   H N N 233 
LHR H7   H N N 234 
LHR H8   H N N 235 
LHR H9   H N N 236 
LYS N    N N N 237 
LYS CA   C N S 238 
LYS C    C N N 239 
LYS O    O N N 240 
LYS CB   C N N 241 
LYS CG   C N N 242 
LYS CD   C N N 243 
LYS CE   C N N 244 
LYS NZ   N N N 245 
LYS OXT  O N N 246 
LYS H    H N N 247 
LYS H2   H N N 248 
LYS HA   H N N 249 
LYS HB2  H N N 250 
LYS HB3  H N N 251 
LYS HG2  H N N 252 
LYS HG3  H N N 253 
LYS HD2  H N N 254 
LYS HD3  H N N 255 
LYS HE2  H N N 256 
LYS HE3  H N N 257 
LYS HZ1  H N N 258 
LYS HZ2  H N N 259 
LYS HZ3  H N N 260 
LYS HXT  H N N 261 
MET N    N N N 262 
MET CA   C N S 263 
MET C    C N N 264 
MET O    O N N 265 
MET CB   C N N 266 
MET CG   C N N 267 
MET SD   S N N 268 
MET CE   C N N 269 
MET OXT  O N N 270 
MET H    H N N 271 
MET H2   H N N 272 
MET HA   H N N 273 
MET HB2  H N N 274 
MET HB3  H N N 275 
MET HG2  H N N 276 
MET HG3  H N N 277 
MET HE1  H N N 278 
MET HE2  H N N 279 
MET HE3  H N N 280 
MET HXT  H N N 281 
PHE N    N N N 282 
PHE CA   C N S 283 
PHE C    C N N 284 
PHE O    O N N 285 
PHE CB   C N N 286 
PHE CG   C Y N 287 
PHE CD1  C Y N 288 
PHE CD2  C Y N 289 
PHE CE1  C Y N 290 
PHE CE2  C Y N 291 
PHE CZ   C Y N 292 
PHE OXT  O N N 293 
PHE H    H N N 294 
PHE H2   H N N 295 
PHE HA   H N N 296 
PHE HB2  H N N 297 
PHE HB3  H N N 298 
PHE HD1  H N N 299 
PHE HD2  H N N 300 
PHE HE1  H N N 301 
PHE HE2  H N N 302 
PHE HZ   H N N 303 
PHE HXT  H N N 304 
PRO N    N N N 305 
PRO CA   C N S 306 
PRO C    C N N 307 
PRO O    O N N 308 
PRO CB   C N N 309 
PRO CG   C N N 310 
PRO CD   C N N 311 
PRO OXT  O N N 312 
PRO H    H N N 313 
PRO HA   H N N 314 
PRO HB2  H N N 315 
PRO HB3  H N N 316 
PRO HG2  H N N 317 
PRO HG3  H N N 318 
PRO HD2  H N N 319 
PRO HD3  H N N 320 
PRO HXT  H N N 321 
SER N    N N N 322 
SER CA   C N S 323 
SER C    C N N 324 
SER O    O N N 325 
SER CB   C N N 326 
SER OG   O N N 327 
SER OXT  O N N 328 
SER H    H N N 329 
SER H2   H N N 330 
SER HA   H N N 331 
SER HB2  H N N 332 
SER HB3  H N N 333 
SER HG   H N N 334 
SER HXT  H N N 335 
SO4 S    S N N 336 
SO4 O1   O N N 337 
SO4 O2   O N N 338 
SO4 O3   O N N 339 
SO4 O4   O N N 340 
THR N    N N N 341 
THR CA   C N S 342 
THR C    C N N 343 
THR O    O N N 344 
THR CB   C N R 345 
THR OG1  O N N 346 
THR CG2  C N N 347 
THR OXT  O N N 348 
THR H    H N N 349 
THR H2   H N N 350 
THR HA   H N N 351 
THR HB   H N N 352 
THR HG1  H N N 353 
THR HG21 H N N 354 
THR HG22 H N N 355 
THR HG23 H N N 356 
THR HXT  H N N 357 
TRP N    N N N 358 
TRP CA   C N S 359 
TRP C    C N N 360 
TRP O    O N N 361 
TRP CB   C N N 362 
TRP CG   C Y N 363 
TRP CD1  C Y N 364 
TRP CD2  C Y N 365 
TRP NE1  N Y N 366 
TRP CE2  C Y N 367 
TRP CE3  C Y N 368 
TRP CZ2  C Y N 369 
TRP CZ3  C Y N 370 
TRP CH2  C Y N 371 
TRP OXT  O N N 372 
TRP H    H N N 373 
TRP H2   H N N 374 
TRP HA   H N N 375 
TRP HB2  H N N 376 
TRP HB3  H N N 377 
TRP HD1  H N N 378 
TRP HE1  H N N 379 
TRP HE3  H N N 380 
TRP HZ2  H N N 381 
TRP HZ3  H N N 382 
TRP HH2  H N N 383 
TRP HXT  H N N 384 
TYR N    N N N 385 
TYR CA   C N S 386 
TYR C    C N N 387 
TYR O    O N N 388 
TYR CB   C N N 389 
TYR CG   C Y N 390 
TYR CD1  C Y N 391 
TYR CD2  C Y N 392 
TYR CE1  C Y N 393 
TYR CE2  C Y N 394 
TYR CZ   C Y N 395 
TYR OH   O N N 396 
TYR OXT  O N N 397 
TYR H    H N N 398 
TYR H2   H N N 399 
TYR HA   H N N 400 
TYR HB2  H N N 401 
TYR HB3  H N N 402 
TYR HD1  H N N 403 
TYR HD2  H N N 404 
TYR HE1  H N N 405 
TYR HE2  H N N 406 
TYR HH   H N N 407 
TYR HXT  H N N 408 
VAL N    N N N 409 
VAL CA   C N S 410 
VAL C    C N N 411 
VAL O    O N N 412 
VAL CB   C N N 413 
VAL CG1  C N N 414 
VAL CG2  C N N 415 
VAL OXT  O N N 416 
VAL H    H N N 417 
VAL H2   H N N 418 
VAL HA   H N N 419 
VAL HB   H N N 420 
VAL HG11 H N N 421 
VAL HG12 H N N 422 
VAL HG13 H N N 423 
VAL HG21 H N N 424 
VAL HG22 H N N 425 
VAL HG23 H N N 426 
VAL HXT  H N N 427 
# 
loop_
_chem_comp_bond.comp_id 
_chem_comp_bond.atom_id_1 
_chem_comp_bond.atom_id_2 
_chem_comp_bond.value_order 
_chem_comp_bond.pdbx_aromatic_flag 
_chem_comp_bond.pdbx_stereo_config 
_chem_comp_bond.pdbx_ordinal 
ALA N   CA   sing N N 1   
ALA N   H    sing N N 2   
ALA N   H2   sing N N 3   
ALA CA  C    sing N N 4   
ALA CA  CB   sing N N 5   
ALA CA  HA   sing N N 6   
ALA C   O    doub N N 7   
ALA C   OXT  sing N N 8   
ALA CB  HB1  sing N N 9   
ALA CB  HB2  sing N N 10  
ALA CB  HB3  sing N N 11  
ALA OXT HXT  sing N N 12  
ARG N   CA   sing N N 13  
ARG N   H    sing N N 14  
ARG N   H2   sing N N 15  
ARG CA  C    sing N N 16  
ARG CA  CB   sing N N 17  
ARG CA  HA   sing N N 18  
ARG C   O    doub N N 19  
ARG C   OXT  sing N N 20  
ARG CB  CG   sing N N 21  
ARG CB  HB2  sing N N 22  
ARG CB  HB3  sing N N 23  
ARG CG  CD   sing N N 24  
ARG CG  HG2  sing N N 25  
ARG CG  HG3  sing N N 26  
ARG CD  NE   sing N N 27  
ARG CD  HD2  sing N N 28  
ARG CD  HD3  sing N N 29  
ARG NE  CZ   sing N N 30  
ARG NE  HE   sing N N 31  
ARG CZ  NH1  sing N N 32  
ARG CZ  NH2  doub N N 33  
ARG NH1 HH11 sing N N 34  
ARG NH1 HH12 sing N N 35  
ARG NH2 HH21 sing N N 36  
ARG NH2 HH22 sing N N 37  
ARG OXT HXT  sing N N 38  
ASN N   CA   sing N N 39  
ASN N   H    sing N N 40  
ASN N   H2   sing N N 41  
ASN CA  C    sing N N 42  
ASN CA  CB   sing N N 43  
ASN CA  HA   sing N N 44  
ASN C   O    doub N N 45  
ASN C   OXT  sing N N 46  
ASN CB  CG   sing N N 47  
ASN CB  HB2  sing N N 48  
ASN CB  HB3  sing N N 49  
ASN CG  OD1  doub N N 50  
ASN CG  ND2  sing N N 51  
ASN ND2 HD21 sing N N 52  
ASN ND2 HD22 sing N N 53  
ASN OXT HXT  sing N N 54  
ASP N   CA   sing N N 55  
ASP N   H    sing N N 56  
ASP N   H2   sing N N 57  
ASP CA  C    sing N N 58  
ASP CA  CB   sing N N 59  
ASP CA  HA   sing N N 60  
ASP C   O    doub N N 61  
ASP C   OXT  sing N N 62  
ASP CB  CG   sing N N 63  
ASP CB  HB2  sing N N 64  
ASP CB  HB3  sing N N 65  
ASP CG  OD1  doub N N 66  
ASP CG  OD2  sing N N 67  
ASP OD2 HD2  sing N N 68  
ASP OXT HXT  sing N N 69  
CYS N   CA   sing N N 70  
CYS N   H    sing N N 71  
CYS N   H2   sing N N 72  
CYS CA  C    sing N N 73  
CYS CA  CB   sing N N 74  
CYS CA  HA   sing N N 75  
CYS C   O    doub N N 76  
CYS C   OXT  sing N N 77  
CYS CB  SG   sing N N 78  
CYS CB  HB2  sing N N 79  
CYS CB  HB3  sing N N 80  
CYS SG  HG   sing N N 81  
CYS OXT HXT  sing N N 82  
EDO C1  O1   sing N N 83  
EDO C1  C2   sing N N 84  
EDO C1  H11  sing N N 85  
EDO C1  H12  sing N N 86  
EDO O1  HO1  sing N N 87  
EDO C2  O2   sing N N 88  
EDO C2  H21  sing N N 89  
EDO C2  H22  sing N N 90  
EDO O2  HO2  sing N N 91  
GLN N   CA   sing N N 92  
GLN N   H    sing N N 93  
GLN N   H2   sing N N 94  
GLN CA  C    sing N N 95  
GLN CA  CB   sing N N 96  
GLN CA  HA   sing N N 97  
GLN C   O    doub N N 98  
GLN C   OXT  sing N N 99  
GLN CB  CG   sing N N 100 
GLN CB  HB2  sing N N 101 
GLN CB  HB3  sing N N 102 
GLN CG  CD   sing N N 103 
GLN CG  HG2  sing N N 104 
GLN CG  HG3  sing N N 105 
GLN CD  OE1  doub N N 106 
GLN CD  NE2  sing N N 107 
GLN NE2 HE21 sing N N 108 
GLN NE2 HE22 sing N N 109 
GLN OXT HXT  sing N N 110 
GLU N   CA   sing N N 111 
GLU N   H    sing N N 112 
GLU N   H2   sing N N 113 
GLU CA  C    sing N N 114 
GLU CA  CB   sing N N 115 
GLU CA  HA   sing N N 116 
GLU C   O    doub N N 117 
GLU C   OXT  sing N N 118 
GLU CB  CG   sing N N 119 
GLU CB  HB2  sing N N 120 
GLU CB  HB3  sing N N 121 
GLU CG  CD   sing N N 122 
GLU CG  HG2  sing N N 123 
GLU CG  HG3  sing N N 124 
GLU CD  OE1  doub N N 125 
GLU CD  OE2  sing N N 126 
GLU OE2 HE2  sing N N 127 
GLU OXT HXT  sing N N 128 
GLY N   CA   sing N N 129 
GLY N   H    sing N N 130 
GLY N   H2   sing N N 131 
GLY CA  C    sing N N 132 
GLY CA  HA2  sing N N 133 
GLY CA  HA3  sing N N 134 
GLY C   O    doub N N 135 
GLY C   OXT  sing N N 136 
GLY OXT HXT  sing N N 137 
HIS N   CA   sing N N 138 
HIS N   H    sing N N 139 
HIS N   H2   sing N N 140 
HIS CA  C    sing N N 141 
HIS CA  CB   sing N N 142 
HIS CA  HA   sing N N 143 
HIS C   O    doub N N 144 
HIS C   OXT  sing N N 145 
HIS CB  CG   sing N N 146 
HIS CB  HB2  sing N N 147 
HIS CB  HB3  sing N N 148 
HIS CG  ND1  sing Y N 149 
HIS CG  CD2  doub Y N 150 
HIS ND1 CE1  doub Y N 151 
HIS ND1 HD1  sing N N 152 
HIS CD2 NE2  sing Y N 153 
HIS CD2 HD2  sing N N 154 
HIS CE1 NE2  sing Y N 155 
HIS CE1 HE1  sing N N 156 
HIS NE2 HE2  sing N N 157 
HIS OXT HXT  sing N N 158 
HOH O   H1   sing N N 159 
HOH O   H2   sing N N 160 
ILE N   CA   sing N N 161 
ILE N   H    sing N N 162 
ILE N   H2   sing N N 163 
ILE CA  C    sing N N 164 
ILE CA  CB   sing N N 165 
ILE CA  HA   sing N N 166 
ILE C   O    doub N N 167 
ILE C   OXT  sing N N 168 
ILE CB  CG1  sing N N 169 
ILE CB  CG2  sing N N 170 
ILE CB  HB   sing N N 171 
ILE CG1 CD1  sing N N 172 
ILE CG1 HG12 sing N N 173 
ILE CG1 HG13 sing N N 174 
ILE CG2 HG21 sing N N 175 
ILE CG2 HG22 sing N N 176 
ILE CG2 HG23 sing N N 177 
ILE CD1 HD11 sing N N 178 
ILE CD1 HD12 sing N N 179 
ILE CD1 HD13 sing N N 180 
ILE OXT HXT  sing N N 181 
LEU N   CA   sing N N 182 
LEU N   H    sing N N 183 
LEU N   H2   sing N N 184 
LEU CA  C    sing N N 185 
LEU CA  CB   sing N N 186 
LEU CA  HA   sing N N 187 
LEU C   O    doub N N 188 
LEU C   OXT  sing N N 189 
LEU CB  CG   sing N N 190 
LEU CB  HB2  sing N N 191 
LEU CB  HB3  sing N N 192 
LEU CG  CD1  sing N N 193 
LEU CG  CD2  sing N N 194 
LEU CG  HG   sing N N 195 
LEU CD1 HD11 sing N N 196 
LEU CD1 HD12 sing N N 197 
LEU CD1 HD13 sing N N 198 
LEU CD2 HD21 sing N N 199 
LEU CD2 HD22 sing N N 200 
LEU CD2 HD23 sing N N 201 
LEU OXT HXT  sing N N 202 
LHR C1  C2   sing N N 203 
LHR C2  O1   doub N N 204 
LHR C2  N1   sing N N 205 
LHR N1  C3   sing N N 206 
LHR C3  C4   doub Y N 207 
LHR C3  C9   sing Y N 208 
LHR C4  C5   sing Y N 209 
LHR C9  C8   doub Y N 210 
LHR C5  C6   doub Y N 211 
LHR C8  C6   sing Y N 212 
LHR C8  N3   sing Y N 213 
LHR C6  C7   sing Y N 214 
LHR N3  N2   sing Y N 215 
LHR C7  N2   doub Y N 216 
LHR N1  H1   sing N N 217 
LHR N3  H2   sing N N 218 
LHR C4  H3   sing N N 219 
LHR C5  H4   sing N N 220 
LHR C7  H5   sing N N 221 
LHR C1  H6   sing N N 222 
LHR C1  H7   sing N N 223 
LHR C1  H8   sing N N 224 
LHR C9  H9   sing N N 225 
LYS N   CA   sing N N 226 
LYS N   H    sing N N 227 
LYS N   H2   sing N N 228 
LYS CA  C    sing N N 229 
LYS CA  CB   sing N N 230 
LYS CA  HA   sing N N 231 
LYS C   O    doub N N 232 
LYS C   OXT  sing N N 233 
LYS CB  CG   sing N N 234 
LYS CB  HB2  sing N N 235 
LYS CB  HB3  sing N N 236 
LYS CG  CD   sing N N 237 
LYS CG  HG2  sing N N 238 
LYS CG  HG3  sing N N 239 
LYS CD  CE   sing N N 240 
LYS CD  HD2  sing N N 241 
LYS CD  HD3  sing N N 242 
LYS CE  NZ   sing N N 243 
LYS CE  HE2  sing N N 244 
LYS CE  HE3  sing N N 245 
LYS NZ  HZ1  sing N N 246 
LYS NZ  HZ2  sing N N 247 
LYS NZ  HZ3  sing N N 248 
LYS OXT HXT  sing N N 249 
MET N   CA   sing N N 250 
MET N   H    sing N N 251 
MET N   H2   sing N N 252 
MET CA  C    sing N N 253 
MET CA  CB   sing N N 254 
MET CA  HA   sing N N 255 
MET C   O    doub N N 256 
MET C   OXT  sing N N 257 
MET CB  CG   sing N N 258 
MET CB  HB2  sing N N 259 
MET CB  HB3  sing N N 260 
MET CG  SD   sing N N 261 
MET CG  HG2  sing N N 262 
MET CG  HG3  sing N N 263 
MET SD  CE   sing N N 264 
MET CE  HE1  sing N N 265 
MET CE  HE2  sing N N 266 
MET CE  HE3  sing N N 267 
MET OXT HXT  sing N N 268 
PHE N   CA   sing N N 269 
PHE N   H    sing N N 270 
PHE N   H2   sing N N 271 
PHE CA  C    sing N N 272 
PHE CA  CB   sing N N 273 
PHE CA  HA   sing N N 274 
PHE C   O    doub N N 275 
PHE C   OXT  sing N N 276 
PHE CB  CG   sing N N 277 
PHE CB  HB2  sing N N 278 
PHE CB  HB3  sing N N 279 
PHE CG  CD1  doub Y N 280 
PHE CG  CD2  sing Y N 281 
PHE CD1 CE1  sing Y N 282 
PHE CD1 HD1  sing N N 283 
PHE CD2 CE2  doub Y N 284 
PHE CD2 HD2  sing N N 285 
PHE CE1 CZ   doub Y N 286 
PHE CE1 HE1  sing N N 287 
PHE CE2 CZ   sing Y N 288 
PHE CE2 HE2  sing N N 289 
PHE CZ  HZ   sing N N 290 
PHE OXT HXT  sing N N 291 
PRO N   CA   sing N N 292 
PRO N   CD   sing N N 293 
PRO N   H    sing N N 294 
PRO CA  C    sing N N 295 
PRO CA  CB   sing N N 296 
PRO CA  HA   sing N N 297 
PRO C   O    doub N N 298 
PRO C   OXT  sing N N 299 
PRO CB  CG   sing N N 300 
PRO CB  HB2  sing N N 301 
PRO CB  HB3  sing N N 302 
PRO CG  CD   sing N N 303 
PRO CG  HG2  sing N N 304 
PRO CG  HG3  sing N N 305 
PRO CD  HD2  sing N N 306 
PRO CD  HD3  sing N N 307 
PRO OXT HXT  sing N N 308 
SER N   CA   sing N N 309 
SER N   H    sing N N 310 
SER N   H2   sing N N 311 
SER CA  C    sing N N 312 
SER CA  CB   sing N N 313 
SER CA  HA   sing N N 314 
SER C   O    doub N N 315 
SER C   OXT  sing N N 316 
SER CB  OG   sing N N 317 
SER CB  HB2  sing N N 318 
SER CB  HB3  sing N N 319 
SER OG  HG   sing N N 320 
SER OXT HXT  sing N N 321 
SO4 S   O1   doub N N 322 
SO4 S   O2   doub N N 323 
SO4 S   O3   sing N N 324 
SO4 S   O4   sing N N 325 
THR N   CA   sing N N 326 
THR N   H    sing N N 327 
THR N   H2   sing N N 328 
THR CA  C    sing N N 329 
THR CA  CB   sing N N 330 
THR CA  HA   sing N N 331 
THR C   O    doub N N 332 
THR C   OXT  sing N N 333 
THR CB  OG1  sing N N 334 
THR CB  CG2  sing N N 335 
THR CB  HB   sing N N 336 
THR OG1 HG1  sing N N 337 
THR CG2 HG21 sing N N 338 
THR CG2 HG22 sing N N 339 
THR CG2 HG23 sing N N 340 
THR OXT HXT  sing N N 341 
TRP N   CA   sing N N 342 
TRP N   H    sing N N 343 
TRP N   H2   sing N N 344 
TRP CA  C    sing N N 345 
TRP CA  CB   sing N N 346 
TRP CA  HA   sing N N 347 
TRP C   O    doub N N 348 
TRP C   OXT  sing N N 349 
TRP CB  CG   sing N N 350 
TRP CB  HB2  sing N N 351 
TRP CB  HB3  sing N N 352 
TRP CG  CD1  doub Y N 353 
TRP CG  CD2  sing Y N 354 
TRP CD1 NE1  sing Y N 355 
TRP CD1 HD1  sing N N 356 
TRP CD2 CE2  doub Y N 357 
TRP CD2 CE3  sing Y N 358 
TRP NE1 CE2  sing Y N 359 
TRP NE1 HE1  sing N N 360 
TRP CE2 CZ2  sing Y N 361 
TRP CE3 CZ3  doub Y N 362 
TRP CE3 HE3  sing N N 363 
TRP CZ2 CH2  doub Y N 364 
TRP CZ2 HZ2  sing N N 365 
TRP CZ3 CH2  sing Y N 366 
TRP CZ3 HZ3  sing N N 367 
TRP CH2 HH2  sing N N 368 
TRP OXT HXT  sing N N 369 
TYR N   CA   sing N N 370 
TYR N   H    sing N N 371 
TYR N   H2   sing N N 372 
TYR CA  C    sing N N 373 
TYR CA  CB   sing N N 374 
TYR CA  HA   sing N N 375 
TYR C   O    doub N N 376 
TYR C   OXT  sing N N 377 
TYR CB  CG   sing N N 378 
TYR CB  HB2  sing N N 379 
TYR CB  HB3  sing N N 380 
TYR CG  CD1  doub Y N 381 
TYR CG  CD2  sing Y N 382 
TYR CD1 CE1  sing Y N 383 
TYR CD1 HD1  sing N N 384 
TYR CD2 CE2  doub Y N 385 
TYR CD2 HD2  sing N N 386 
TYR CE1 CZ   doub Y N 387 
TYR CE1 HE1  sing N N 388 
TYR CE2 CZ   sing Y N 389 
TYR CE2 HE2  sing N N 390 
TYR CZ  OH   sing N N 391 
TYR OH  HH   sing N N 392 
TYR OXT HXT  sing N N 393 
VAL N   CA   sing N N 394 
VAL N   H    sing N N 395 
VAL N   H2   sing N N 396 
VAL CA  C    sing N N 397 
VAL CA  CB   sing N N 398 
VAL CA  HA   sing N N 399 
VAL C   O    doub N N 400 
VAL C   OXT  sing N N 401 
VAL CB  CG1  sing N N 402 
VAL CB  CG2  sing N N 403 
VAL CB  HB   sing N N 404 
VAL CG1 HG11 sing N N 405 
VAL CG1 HG12 sing N N 406 
VAL CG1 HG13 sing N N 407 
VAL CG2 HG21 sing N N 408 
VAL CG2 HG22 sing N N 409 
VAL CG2 HG23 sing N N 410 
VAL OXT HXT  sing N N 411 
# 
_pdbx_audit_support.ordinal                1 
_pdbx_audit_support.funding_organization   'European Union (EU)' 
_pdbx_audit_support.grant_number           875510 
_pdbx_audit_support.country                'European Union' 
# 
_pdbx_deposit_group.group_id            G_1002320 
_pdbx_deposit_group.group_description   
;PRYSPRY domain of murine TRIM21 screened against the DSI-poised Fragment Library by X-ray Crystallography at the XChem facility of Diamon Light Source
;
_pdbx_deposit_group.group_title         'PanDDA analysis group deposition' 
_pdbx_deposit_group.group_type          'changed state' 
# 
_pdbx_initial_refinement_model.id               1 
_pdbx_initial_refinement_model.entity_id_list   ? 
_pdbx_initial_refinement_model.type             'experimental model' 
_pdbx_initial_refinement_model.source_name      PDB 
_pdbx_initial_refinement_model.accession_code   2VOK 
_pdbx_initial_refinement_model.details          ? 
# 
_atom_sites.entry_id                    7HNT 
_atom_sites.fract_transf_matrix[1][1]   -0.00879562 
_atom_sites.fract_transf_matrix[1][2]   -0.00566889 
_atom_sites.fract_transf_matrix[1][3]   0.00024253 
_atom_sites.fract_transf_matrix[2][1]   -0.00558400 
_atom_sites.fract_transf_matrix[2][2]   0.00872748 
_atom_sites.fract_transf_matrix[2][3]   0.00148595 
_atom_sites.fract_transf_matrix[3][1]   -0.00209734 
_atom_sites.fract_transf_matrix[3][2]   0.00233118 
_atom_sites.fract_transf_matrix[3][3]   -0.02157329 
_atom_sites.fract_transf_vector[1]      -0.298985 
_atom_sites.fract_transf_vector[2]      -0.117240 
_atom_sites.fract_transf_vector[3]      -0.503578 
# 
loop_
_atom_type.symbol 
C 
N 
O 
S 
# 
loop_
_atom_site.group_PDB 
_atom_site.id 
_atom_site.type_symbol 
_atom_site.label_atom_id 
_atom_site.label_alt_id 
_atom_site.label_comp_id 
_atom_site.label_asym_id 
_atom_site.label_entity_id 
_atom_site.label_seq_id 
_atom_site.pdbx_PDB_ins_code 
_atom_site.Cartn_x 
_atom_site.Cartn_y 
_atom_site.Cartn_z 
_atom_site.occupancy 
_atom_site.B_iso_or_equiv 
_atom_site.pdbx_formal_charge 
_atom_site.auth_seq_id 
_atom_site.auth_comp_id 
_atom_site.auth_asym_id 
_atom_site.auth_atom_id 
_atom_site.pdbx_PDB_model_num 
ATOM   1    N N   . HIS A 1 2   ? -13.275 -7.865  -12.793 1.00 52.09 ? 8   HIS B N   1 
ATOM   2    C CA  . HIS A 1 2   ? -13.203 -8.947  -11.747 1.00 48.79 ? 8   HIS B CA  1 
ATOM   3    C C   . HIS A 1 2   ? -14.516 -8.994  -10.953 1.00 47.26 ? 8   HIS B C   1 
ATOM   4    O O   . HIS A 1 2   ? -15.351 -8.068  -11.113 1.00 49.09 ? 8   HIS B O   1 
ATOM   5    C CB  . HIS A 1 2   ? -11.996 -8.725  -10.815 1.00 42.63 ? 8   HIS B CB  1 
ATOM   6    C CG  . HIS A 1 2   ? -12.084 -7.482  -9.991  1.00 39.14 ? 8   HIS B CG  1 
ATOM   7    N ND1 . HIS A 1 2   ? -12.773 -7.442  -8.791  1.00 37.48 ? 8   HIS B ND1 1 
ATOM   8    C CD2 . HIS A 1 2   ? -11.578 -6.241  -10.175 1.00 35.80 ? 8   HIS B CD2 1 
ATOM   9    C CE1 . HIS A 1 2   ? -12.700 -6.225  -8.279  1.00 36.86 ? 8   HIS B CE1 1 
ATOM   10   N NE2 . HIS A 1 2   ? -11.980 -5.459  -9.115  1.00 32.06 ? 8   HIS B NE2 1 
ATOM   11   N N   . HIS A 1 3   ? -14.654 -9.993  -10.080 1.00 42.03 ? 9   HIS B N   1 
ATOM   12   C CA  . HIS A 1 3   ? -15.864 -10.248 -9.255  1.00 41.06 ? 9   HIS B CA  1 
ATOM   13   C C   . HIS A 1 3   ? -15.488 -10.382 -7.771  1.00 36.76 ? 9   HIS B C   1 
ATOM   14   O O   . HIS A 1 3   ? -16.150 -11.178 -7.074  1.00 35.19 ? 9   HIS B O   1 
ATOM   15   C CB  . HIS A 1 3   ? -16.603 -11.461 -9.851  1.00 48.98 ? 9   HIS B CB  1 
ATOM   16   C CG  . HIS A 1 3   ? -16.940 -11.263 -11.296 1.00 58.09 ? 9   HIS B CG  1 
ATOM   17   N ND1 . HIS A 1 3   ? -18.014 -10.482 -11.709 1.00 60.17 ? 9   HIS B ND1 1 
ATOM   18   C CD2 . HIS A 1 3   ? -16.333 -11.696 -12.424 1.00 63.95 ? 9   HIS B CD2 1 
ATOM   19   C CE1 . HIS A 1 3   ? -18.064 -10.462 -13.027 1.00 64.10 ? 9   HIS B CE1 1 
ATOM   20   N NE2 . HIS A 1 3   ? -17.046 -11.206 -13.491 1.00 67.19 ? 9   HIS B NE2 1 
ATOM   21   N N   . HIS A 1 4   ? -14.503 -9.595  -7.288  1.00 29.54 ? 10  HIS B N   1 
ATOM   22   C CA  . HIS A 1 4   ? -13.917 -9.690  -5.916  1.00 26.25 ? 10  HIS B CA  1 
ATOM   23   C C   . HIS A 1 4   ? -14.588 -8.680  -4.978  1.00 27.17 ? 10  HIS B C   1 
ATOM   24   O O   . HIS A 1 4   ? -14.342 -8.727  -3.757  1.00 24.44 ? 10  HIS B O   1 
ATOM   25   C CB  . HIS A 1 4   ? -12.386 -9.462  -5.939  1.00 25.65 ? 10  HIS B CB  1 
ATOM   26   C CG  . HIS A 1 4   ? -11.614 -10.485 -6.710  1.00 26.05 ? 10  HIS B CG  1 
ATOM   27   N ND1 . HIS A 1 4   ? -11.821 -11.854 -6.549  1.00 25.36 ? 10  HIS B ND1 1 
ATOM   28   C CD2 . HIS A 1 4   ? -10.636 -10.363 -7.636  1.00 25.48 ? 10  HIS B CD2 1 
ATOM   29   C CE1 . HIS A 1 4   ? -11.006 -12.517 -7.349  1.00 30.13 ? 10  HIS B CE1 1 
ATOM   30   N NE2 . HIS A 1 4   ? -10.276 -11.628 -8.022  1.00 28.89 ? 10  HIS B NE2 1 
ATOM   31   N N   . HIS A 1 5   ? -15.418 -7.788  -5.516  1.00 28.26 ? 11  HIS B N   1 
ATOM   32   C CA  . HIS A 1 5   ? -15.985 -6.636  -4.767  1.00 28.85 ? 11  HIS B CA  1 
ATOM   33   C C   . HIS A 1 5   ? -16.703 -7.076  -3.482  1.00 27.62 ? 11  HIS B C   1 
ATOM   34   O O   . HIS A 1 5   ? -16.606 -6.342  -2.493  1.00 28.81 ? 11  HIS B O   1 
ATOM   35   C CB  . HIS A 1 5   ? -16.920 -5.791  -5.653  1.00 33.85 ? 11  HIS B CB  1 
ATOM   36   C CG  . HIS A 1 5   ? -16.263 -5.311  -6.898  1.00 38.70 ? 11  HIS B CG  1 
ATOM   37   N ND1 . HIS A 1 5   ? -16.229 -6.079  -8.061  1.00 42.85 ? 11  HIS B ND1 1 
ATOM   38   C CD2 . HIS A 1 5   ? -15.592 -4.166  -7.171  1.00 40.18 ? 11  HIS B CD2 1 
ATOM   39   C CE1 . HIS A 1 5   ? -15.579 -5.416  -9.005  1.00 45.42 ? 11  HIS B CE1 1 
ATOM   40   N NE2 . HIS A 1 5   ? -15.169 -4.238  -8.479  1.00 43.66 ? 11  HIS B NE2 1 
ATOM   41   N N   . HIS A 1 6   ? -17.368 -8.241  -3.474  1.00 26.40 ? 12  HIS B N   1 
ATOM   42   C CA  . HIS A 1 6   ? -18.160 -8.753  -2.324  1.00 26.18 ? 12  HIS B CA  1 
ATOM   43   C C   . HIS A 1 6   ? -17.272 -9.146  -1.137  1.00 25.36 ? 12  HIS B C   1 
ATOM   44   O O   . HIS A 1 6   ? -17.805 -9.420  -0.047  1.00 26.46 ? 12  HIS B O   1 
ATOM   45   C CB  . HIS A 1 6   ? -19.076 -9.888  -2.795  1.00 30.64 ? 12  HIS B CB  1 
ATOM   46   C CG  . HIS A 1 6   ? -18.360 -11.071 -3.337  1.00 28.89 ? 12  HIS B CG  1 
ATOM   47   N ND1 . HIS A 1 6   ? -18.288 -12.271 -2.647  1.00 36.96 ? 12  HIS B ND1 1 
ATOM   48   C CD2 . HIS A 1 6   ? -17.726 -11.274 -4.510  1.00 31.78 ? 12  HIS B CD2 1 
ATOM   49   C CE1 . HIS A 1 6   ? -17.630 -13.155 -3.368  1.00 30.86 ? 12  HIS B CE1 1 
ATOM   50   N NE2 . HIS A 1 6   ? -17.263 -12.571 -4.510  1.00 35.04 ? 12  HIS B NE2 1 
ATOM   51   N N   . HIS A 1 7   ? -15.950 -9.222  -1.312  1.00 22.11 ? 13  HIS B N   1 
ATOM   52   C CA  . HIS A 1 7   ? -14.975 -9.460  -0.211  1.00 19.03 ? 13  HIS B CA  1 
ATOM   53   C C   . HIS A 1 7   ? -14.496 -8.129  0.359   1.00 17.07 ? 13  HIS B C   1 
ATOM   54   O O   . HIS A 1 7   ? -13.507 -8.155  1.075   1.00 17.01 ? 13  HIS B O   1 
ATOM   55   C CB  . HIS A 1 7   ? -13.808 -10.289 -0.704  1.00 18.76 ? 13  HIS B CB  1 
ATOM   56   C CG  . HIS A 1 7   ? -14.226 -11.636 -1.214  1.00 19.10 ? 13  HIS B CG  1 
ATOM   57   N ND1 . HIS A 1 7   ? -14.832 -12.566 -0.381  1.00 20.62 ? 13  HIS B ND1 1 
ATOM   58   C CD2 . HIS A 1 7   ? -14.103 -12.184 -2.431  1.00 19.89 ? 13  HIS B CD2 1 
ATOM   59   C CE1 . HIS A 1 7   ? -15.082 -13.645 -1.093  1.00 19.51 ? 13  HIS B CE1 1 
ATOM   60   N NE2 . HIS A 1 7   ? -14.665 -13.446 -2.342  1.00 21.97 ? 13  HIS B NE2 1 
ATOM   61   N N   . MET A 1 8   ? -15.162 -7.028  0.037   1.00 17.77 ? 14  MET B N   1 
ATOM   62   C CA  . MET A 1 8   ? -14.776 -5.681  0.523   1.00 20.65 ? 14  MET B CA  1 
ATOM   63   C C   . MET A 1 8   ? -14.613 -5.690  2.041   1.00 19.42 ? 14  MET B C   1 
ATOM   64   O O   . MET A 1 8   ? -15.495 -6.216  2.801   1.00 21.85 ? 14  MET B O   1 
ATOM   65   C CB  . MET A 1 8   ? -15.838 -4.652  0.124   1.00 24.41 ? 14  MET B CB  1 
ATOM   66   C CG  . MET A 1 8   ? -15.504 -3.200  0.481   1.00 29.71 ? 14  MET B CG  1 
ATOM   67   S SD  . MET A 1 8   ? -14.151 -2.465  -0.523  1.00 41.04 ? 14  MET B SD  1 
ATOM   68   C CE  . MET A 1 8   ? -15.046 -2.016  -2.006  1.00 34.65 ? 14  MET B CE  1 
ATOM   69   N N   . VAL A 1 9   ? -13.541 -5.079  2.520   1.00 17.24 ? 15  VAL B N   1 
ATOM   70   C CA  . VAL A 1 9   ? -13.237 -4.884  3.965   1.00 17.72 ? 15  VAL B CA  1 
ATOM   71   C C   . VAL A 1 9   ? -13.025 -3.375  4.196   1.00 18.67 ? 15  VAL B C   1 
ATOM   72   O O   . VAL A 1 9   ? -12.463 -2.679  3.319   1.00 17.51 ? 15  VAL B O   1 
ATOM   73   C CB  . VAL A 1 9   ? -12.056 -5.726  4.479   1.00 19.06 ? 15  VAL B CB  1 
ATOM   74   C CG1 . VAL A 1 9   ? -12.391 -7.207  4.527   1.00 21.35 ? 15  VAL B CG1 1 
ATOM   75   C CG2 . VAL A 1 9   ? -10.799 -5.509  3.657   1.00 19.34 ? 15  VAL B CG2 1 
ATOM   76   N N   . HIS A 1 10  ? -13.431 -2.873  5.350   1.00 18.04 ? 16  HIS B N   1 
ATOM   77   C CA  . HIS A 1 10  ? -13.284 -1.454  5.747   1.00 18.88 ? 16  HIS B CA  1 
ATOM   78   C C   . HIS A 1 10  ? -11.916 -1.292  6.401   1.00 19.01 ? 16  HIS B C   1 
ATOM   79   O O   . HIS A 1 10  ? -11.708 -1.789  7.489   1.00 21.87 ? 16  HIS B O   1 
ATOM   80   C CB  . HIS A 1 10  ? -14.401 -1.051  6.709   1.00 18.64 ? 16  HIS B CB  1 
ATOM   81   C CG  . HIS A 1 10  ? -14.399 0.397   7.068   1.00 23.33 ? 16  HIS B CG  1 
ATOM   82   N ND1 . HIS A 1 10  ? -14.902 1.351   6.214   1.00 26.07 ? 16  HIS B ND1 1 
ATOM   83   C CD2 . HIS A 1 10  ? -13.943 1.035   8.166   1.00 26.69 ? 16  HIS B CD2 1 
ATOM   84   C CE1 . HIS A 1 10  ? -14.781 2.542   6.782   1.00 25.37 ? 16  HIS B CE1 1 
ATOM   85   N NE2 . HIS A 1 10  ? -14.178 2.370   7.985   1.00 28.83 ? 16  HIS B NE2 1 
ATOM   86   N N   . ILE A 1 11  ? -10.963 -0.722  5.679   1.00 15.16 ? 17  ILE B N   1 
ATOM   87   C CA  . ILE A 1 11  ? -9.587  -0.530  6.194   1.00 16.01 ? 17  ILE B CA  1 
ATOM   88   C C   . ILE A 1 11  ? -9.493  0.841   6.891   1.00 14.96 ? 17  ILE B C   1 
ATOM   89   O O   . ILE A 1 11  ? -10.044 1.791   6.367   1.00 15.09 ? 17  ILE B O   1 
ATOM   90   C CB  . ILE A 1 11  ? -8.568  -0.666  5.052   1.00 14.93 ? 17  ILE B CB  1 
ATOM   91   C CG1 . ILE A 1 11  ? -8.636  -2.042  4.373   1.00 15.76 ? 17  ILE B CG1 1 
ATOM   92   C CG2 . ILE A 1 11  ? -7.178  -0.360  5.577   1.00 15.23 ? 17  ILE B CG2 1 
ATOM   93   C CD1 . ILE A 1 11  ? -8.539  -3.207  5.319   1.00 15.91 ? 17  ILE B CD1 1 
ATOM   94   N N   . THR A 1 12  ? -8.764  0.870   7.983   1.00 14.31 ? 18  THR B N   1 
ATOM   95   C CA  . THR A 1 12  ? -8.407  2.160   8.648   1.00 14.75 ? 18  THR B CA  1 
ATOM   96   C C   . THR A 1 12  ? -6.907  2.173   8.883   1.00 14.98 ? 18  THR B C   1 
ATOM   97   O O   . THR A 1 12  ? -6.271  1.108   8.992   1.00 15.93 ? 18  THR B O   1 
ATOM   98   C CB  . THR A 1 12  ? -9.189  2.376   9.949   1.00 17.74 ? 18  THR B CB  1 
ATOM   99   O OG1 . THR A 1 12  ? -8.901  1.320   10.854  1.00 18.71 ? 18  THR B OG1 1 
ATOM   100  C CG2 . THR A 1 12  ? -10.683 2.543   9.736   1.00 19.58 ? 18  THR B CG2 1 
ATOM   101  N N   . LEU A 1 13  ? -6.322  3.380   8.930   1.00 13.71 ? 19  LEU B N   1 
ATOM   102  C CA  . LEU A 1 13  ? -4.863  3.516   9.093   1.00 13.35 ? 19  LEU B CA  1 
ATOM   103  C C   . LEU A 1 13  ? -4.455  3.498   10.564  1.00 13.36 ? 19  LEU B C   1 
ATOM   104  O O   . LEU A 1 13  ? -5.193  4.119   11.400  1.00 15.20 ? 19  LEU B O   1 
ATOM   105  C CB  . LEU A 1 13  ? -4.435  4.811   8.416   1.00 13.65 ? 19  LEU B CB  1 
ATOM   106  C CG  . LEU A 1 13  ? -4.723  4.821   6.927   1.00 13.10 ? 19  LEU B CG  1 
ATOM   107  C CD1 . LEU A 1 13  ? -4.417  6.176   6.284   1.00 15.51 ? 19  LEU B CD1 1 
ATOM   108  C CD2 . LEU A 1 13  ? -3.957  3.694   6.221   1.00 14.96 ? 19  LEU B CD2 1 
ATOM   109  N N   . ASP A 1 14  ? -3.358  2.890   10.888  1.00 12.56 ? 20  ASP B N   1 
ATOM   110  C CA  . ASP A 1 14  ? -2.815  2.812   12.260  1.00 12.84 ? 20  ASP B CA  1 
ATOM   111  C C   . ASP A 1 14  ? -1.746  3.926   12.432  1.00 13.85 ? 20  ASP B C   1 
ATOM   112  O O   . ASP A 1 14  ? -0.610  3.776   11.992  1.00 13.11 ? 20  ASP B O   1 
ATOM   113  C CB  . ASP A 1 14  ? -2.223  1.433   12.543  1.00 12.82 ? 20  ASP B CB  1 
ATOM   114  C CG  . ASP A 1 14  ? -1.631  1.229   13.926  1.00 16.80 ? 20  ASP B CG  1 
ATOM   115  O OD1 . ASP A 1 14  ? -1.501  2.253   14.648  1.00 16.88 ? 20  ASP B OD1 1 
ATOM   116  O OD2 . ASP A 1 14  ? -1.207  0.108   14.281  1.00 16.03 ? 20  ASP B OD2 1 
ATOM   117  N N   A ARG A 1 15  ? -2.165  5.021   13.082  0.25 14.81 ? 21  ARG B N   1 
ATOM   118  N N   B ARG A 1 15  ? -2.148  5.021   13.091  0.25 15.34 ? 21  ARG B N   1 
ATOM   119  C CA  A ARG A 1 15  ? -1.342  6.222   13.409  0.25 15.59 ? 21  ARG B CA  1 
ATOM   120  C CA  B ARG A 1 15  ? -1.305  6.223   13.347  0.25 16.41 ? 21  ARG B CA  1 
ATOM   121  C C   A ARG A 1 15  ? 0.000   5.846   14.033  0.25 15.36 ? 21  ARG B C   1 
ATOM   122  C C   B ARG A 1 15  ? 0.012   5.853   14.037  0.25 15.86 ? 21  ARG B C   1 
ATOM   123  O O   A ARG A 1 15  ? 0.992   6.534   13.757  0.25 14.91 ? 21  ARG B O   1 
ATOM   124  O O   B ARG A 1 15  ? 1.012   6.538   13.789  0.25 15.31 ? 21  ARG B O   1 
ATOM   125  C CB  A ARG A 1 15  ? -2.080  7.103   14.426  0.25 17.06 ? 21  ARG B CB  1 
ATOM   126  C CB  B ARG A 1 15  ? -2.061  7.227   14.226  0.25 18.95 ? 21  ARG B CB  1 
ATOM   127  C CG  A ARG A 1 15  ? -3.348  7.740   13.884  0.25 18.77 ? 21  ARG B CG  1 
ATOM   128  C CG  B ARG A 1 15  ? -3.113  8.030   13.478  0.25 21.28 ? 21  ARG B CG  1 
ATOM   129  C CD  A ARG A 1 15  ? -4.005  8.659   14.910  0.25 19.42 ? 21  ARG B CD  1 
ATOM   130  C CD  B ARG A 1 15  ? -4.535  7.609   13.821  0.25 23.97 ? 21  ARG B CD  1 
ATOM   131  N NE  A ARG A 1 15  ? -5.183  9.279   14.328  0.25 19.81 ? 21  ARG B NE  1 
ATOM   132  N NE  B ARG A 1 15  ? -5.114  8.295   14.978  0.25 25.89 ? 21  ARG B NE  1 
ATOM   133  C CZ  A ARG A 1 15  ? -5.119  10.248  13.438  0.25 19.39 ? 21  ARG B CZ  1 
ATOM   134  C CZ  B ARG A 1 15  ? -5.291  7.758   16.186  0.25 28.17 ? 21  ARG B CZ  1 
ATOM   135  N NH1 A ARG A 1 15  ? -3.940  10.720  13.083  0.25 21.22 ? 21  ARG B NH1 1 
ATOM   136  N NH1 B ARG A 1 15  ? -4.918  6.516   16.442  0.25 29.96 ? 21  ARG B NH1 1 
ATOM   137  N NH2 A ARG A 1 15  ? -6.216  10.756  12.918  0.25 20.74 ? 21  ARG B NH2 1 
ATOM   138  N NH2 B ARG A 1 15  ? -5.832  8.479   17.150  0.25 29.76 ? 21  ARG B NH2 1 
ATOM   139  N N   . ASN A 1 16  ? 0.021   4.822   14.887  1.00 14.78 ? 22  ASN B N   1 
ATOM   140  C CA  . ASN A 1 16  ? 1.225   4.461   15.652  1.00 16.27 ? 22  ASN B CA  1 
ATOM   141  C C   . ASN A 1 16  ? 2.346   3.959   14.745  1.00 14.37 ? 22  ASN B C   1 
ATOM   142  O O   . ASN A 1 16  ? 3.499   3.992   15.133  1.00 14.44 ? 22  ASN B O   1 
ATOM   143  C CB  . ASN A 1 16  ? 0.885   3.461   16.770  1.00 19.78 ? 22  ASN B CB  1 
ATOM   144  C CG  . ASN A 1 16  ? 0.158   4.127   17.927  1.00 28.16 ? 22  ASN B CG  1 
ATOM   145  O OD1 . ASN A 1 16  ? 0.278   5.335   18.148  1.00 34.93 ? 22  ASN B OD1 1 
ATOM   146  N ND2 . ASN A 1 16  ? -0.606  3.343   18.667  1.00 39.84 ? 22  ASN B ND2 1 
ATOM   147  N N   . THR A 1 17  ? 1.992   3.434   13.542  1.00 12.50 ? 23  THR B N   1 
ATOM   148  C CA  . THR A 1 17  ? 2.960   2.897   12.570  1.00 12.32 ? 23  THR B CA  1 
ATOM   149  C C   . THR A 1 17  ? 3.468   3.976   11.612  1.00 10.87 ? 23  THR B C   1 
ATOM   150  O O   . THR A 1 17  ? 4.423   3.705   10.872  1.00 11.72 ? 23  THR B O   1 
ATOM   151  C CB  . THR A 1 17  ? 2.402   1.712   11.757  1.00 12.57 ? 23  THR B CB  1 
ATOM   152  O OG1 . THR A 1 17  ? 1.405   2.178   10.850  1.00 12.91 ? 23  THR B OG1 1 
ATOM   153  C CG2 . THR A 1 17  ? 1.946   0.591   12.676  1.00 13.15 ? 23  THR B CG2 1 
ATOM   154  N N   . ALA A 1 18  ? 2.795   5.111   11.598  1.00 11.47 ? 24  ALA B N   1 
ATOM   155  C CA  . ALA A 1 18  ? 3.043   6.127   10.550  1.00 11.15 ? 24  ALA B CA  1 
ATOM   156  C C   . ALA A 1 18  ? 4.427   6.745   10.693  1.00 11.62 ? 24  ALA B C   1 
ATOM   157  O O   . ALA A 1 18  ? 4.843   7.135   11.821  1.00 12.98 ? 24  ALA B O   1 
ATOM   158  C CB  . ALA A 1 18  ? 1.982   7.168   10.587  1.00 11.43 ? 24  ALA B CB  1 
ATOM   159  N N   . ASN A 1 19  ? 5.088   7.038   9.606   1.00 11.55 ? 25  ASN B N   1 
ATOM   160  C CA  . ASN A 1 19  ? 6.217   7.989   9.606   1.00 11.42 ? 25  ASN B CA  1 
ATOM   161  C C   . ASN A 1 19  ? 5.710   9.292   10.259  1.00 11.41 ? 25  ASN B C   1 
ATOM   162  O O   . ASN A 1 19  ? 4.567   9.708   10.096  1.00 11.17 ? 25  ASN B O   1 
ATOM   163  C CB  . ASN A 1 19  ? 6.687   8.161   8.175   1.00 12.72 ? 25  ASN B CB  1 
ATOM   164  C CG  . ASN A 1 19  ? 7.793   9.176   8.041   1.00 13.72 ? 25  ASN B CG  1 
ATOM   165  O OD1 . ASN A 1 19  ? 7.532   10.365  8.083   1.00 13.46 ? 25  ASN B OD1 1 
ATOM   166  N ND2 . ASN A 1 19  ? 8.948   8.720   7.642   1.00 17.47 ? 25  ASN B ND2 1 
ATOM   167  N N   . SER A 1 20  ? 6.608   9.912   11.031  1.00 11.18 ? 26  SER B N   1 
ATOM   168  C CA  . SER A 1 20  ? 6.289   11.088  11.874  1.00 11.27 ? 26  SER B CA  1 
ATOM   169  C C   . SER A 1 20  ? 5.928   12.314  11.046  1.00 11.33 ? 26  SER B C   1 
ATOM   170  O O   . SER A 1 20  ? 5.444   13.271  11.669  1.00 12.83 ? 26  SER B O   1 
ATOM   171  C CB  . SER A 1 20  ? 7.453   11.394  12.781  1.00 12.49 ? 26  SER B CB  1 
ATOM   172  O OG  . SER A 1 20  ? 8.574   11.695  11.993  1.00 15.25 ? 26  SER B OG  1 
ATOM   173  N N   . TRP A 1 21  ? 6.099   12.334  9.729   1.00 10.73 ? 27  TRP B N   1 
ATOM   174  C CA  . TRP A 1 21  ? 5.700   13.471  8.878   1.00 10.95 ? 27  TRP B CA  1 
ATOM   175  C C   . TRP A 1 21  ? 4.313   13.293  8.269   1.00 11.46 ? 27  TRP B C   1 
ATOM   176  O O   . TRP A 1 21  ? 3.826   14.207  7.598   1.00 11.86 ? 27  TRP B O   1 
ATOM   177  C CB  . TRP A 1 21  ? 6.714   13.690  7.777   1.00 11.67 ? 27  TRP B CB  1 
ATOM   178  C CG  . TRP A 1 21  ? 7.996   14.309  8.274   1.00 11.85 ? 27  TRP B CG  1 
ATOM   179  C CD1 . TRP A 1 21  ? 8.730   13.951  9.371   1.00 11.76 ? 27  TRP B CD1 1 
ATOM   180  C CD2 . TRP A 1 21  ? 8.693   15.376  7.640   1.00 13.58 ? 27  TRP B CD2 1 
ATOM   181  N NE1 . TRP A 1 21  ? 9.847   14.757  9.457   1.00 13.88 ? 27  TRP B NE1 1 
ATOM   182  C CE2 . TRP A 1 21  ? 9.851   15.611  8.410   1.00 13.28 ? 27  TRP B CE2 1 
ATOM   183  C CE3 . TRP A 1 21  ? 8.452   16.155  6.513   1.00 15.56 ? 27  TRP B CE3 1 
ATOM   184  C CZ2 . TRP A 1 21  ? 10.781  16.605  8.059   1.00 15.80 ? 27  TRP B CZ2 1 
ATOM   185  C CZ3 . TRP A 1 21  ? 9.389   17.109  6.141   1.00 17.94 ? 27  TRP B CZ3 1 
ATOM   186  C CH2 . TRP A 1 21  ? 10.544  17.308  6.900   1.00 18.82 ? 27  TRP B CH2 1 
ATOM   187  N N   . LEU A 1 22  ? 3.677   12.114  8.498   1.00 11.03 ? 28  LEU B N   1 
ATOM   188  C CA  . LEU A 1 22  ? 2.358   11.867  7.858   1.00 11.28 ? 28  LEU B CA  1 
ATOM   189  C C   . LEU A 1 22  ? 1.244   12.532  8.651   1.00 11.71 ? 28  LEU B C   1 
ATOM   190  O O   . LEU A 1 22  ? 1.270   12.534  9.887   1.00 12.38 ? 28  LEU B O   1 
ATOM   191  C CB  . LEU A 1 22  ? 2.104   10.363  7.723   1.00 11.00 ? 28  LEU B CB  1 
ATOM   192  C CG  . LEU A 1 22  ? 3.083   9.620   6.814   1.00 11.93 ? 28  LEU B CG  1 
ATOM   193  C CD1 . LEU A 1 22  ? 2.736   8.140   6.704   1.00 11.37 ? 28  LEU B CD1 1 
ATOM   194  C CD2 . LEU A 1 22  ? 3.173   10.219  5.447   1.00 12.35 ? 28  LEU B CD2 1 
ATOM   195  N N   . ILE A 1 23  ? 0.232   12.947  7.914   1.00 12.00 ? 29  ILE B N   1 
ATOM   196  C CA  . ILE A 1 23  ? -1.029  13.514  8.463   1.00 13.48 ? 29  ILE B CA  1 
ATOM   197  C C   . ILE A 1 23  ? -2.164  12.571  8.053   1.00 13.22 ? 29  ILE B C   1 
ATOM   198  O O   . ILE A 1 23  ? -2.473  12.444  6.838   1.00 13.47 ? 29  ILE B O   1 
ATOM   199  C CB  . ILE A 1 23  ? -1.287  14.924  7.968   1.00 14.37 ? 29  ILE B CB  1 
ATOM   200  C CG1 . ILE A 1 23  ? -0.135  15.885  8.337   1.00 14.63 ? 29  ILE B CG1 1 
ATOM   201  C CG2 . ILE A 1 23  ? -2.629  15.425  8.531   1.00 16.42 ? 29  ILE B CG2 1 
ATOM   202  C CD1 . ILE A 1 23  ? -0.246  17.204  7.711   1.00 17.03 ? 29  ILE B CD1 1 
ATOM   203  N N   . ILE A 1 24  ? -2.708  11.901  9.037   1.00 15.31 ? 30  ILE B N   1 
ATOM   204  C CA  . ILE A 1 24  ? -3.842  10.967  8.834   1.00 14.92 ? 30  ILE B CA  1 
ATOM   205  C C   . ILE A 1 24  ? -5.123  11.661  9.250   1.00 16.58 ? 30  ILE B C   1 
ATOM   206  O O   . ILE A 1 24  ? -5.199  12.304  10.356  1.00 17.96 ? 30  ILE B O   1 
ATOM   207  C CB  . ILE A 1 24  ? -3.574  9.702   9.625   1.00 16.02 ? 30  ILE B CB  1 
ATOM   208  C CG1 . ILE A 1 24  ? -2.406  8.959   9.001   1.00 19.01 ? 30  ILE B CG1 1 
ATOM   209  C CG2 . ILE A 1 24  ? -4.792  8.782   9.702   1.00 16.14 ? 30  ILE B CG2 1 
ATOM   210  C CD1 . ILE A 1 24  ? -1.935  7.858   9.803   1.00 20.58 ? 30  ILE B CD1 1 
ATOM   211  N N   . SER A 1 25  ? -6.150  11.557  8.454   1.00 16.37 ? 31  SER B N   1 
ATOM   212  C CA  . SER A 1 25  ? -7.424  12.248  8.707   1.00 16.91 ? 31  SER B CA  1 
ATOM   213  C C   . SER A 1 25  ? -8.111  11.676  9.960   1.00 14.95 ? 31  SER B C   1 
ATOM   214  O O   . SER A 1 25  ? -7.814  10.599  10.427  1.00 15.90 ? 31  SER B O   1 
ATOM   215  C CB  . SER A 1 25  ? -8.287  12.129  7.493   1.00 17.32 ? 31  SER B CB  1 
ATOM   216  O OG  . SER A 1 25  ? -8.528  10.741  7.194   1.00 16.57 ? 31  SER B OG  1 
ATOM   217  N N   . LYS A 1 26  ? -9.053  12.467  10.498  1.00 18.49 ? 32  LYS B N   1 
ATOM   218  C CA  . LYS A 1 26  ? -9.838  12.061  11.697  1.00 18.95 ? 32  LYS B CA  1 
ATOM   219  C C   . LYS A 1 26  ? -10.471 10.676  11.507  1.00 16.80 ? 32  LYS B C   1 
ATOM   220  O O   . LYS A 1 26  ? -10.444 9.907   12.470  1.00 19.49 ? 32  LYS B O   1 
ATOM   221  C CB  . LYS A 1 26  ? -10.919 13.110  11.976  1.00 21.86 ? 32  LYS B CB  1 
ATOM   222  C CG  . LYS A 1 26  ? -11.773 12.797  13.179  1.00 23.68 ? 32  LYS B CG  1 
ATOM   223  C CD  . LYS A 1 26  ? -12.399 14.044  13.705  1.00 25.19 ? 32  LYS B CD  1 
ATOM   224  C CE  . LYS A 1 26  ? -13.036 14.814  12.584  1.00 28.16 ? 32  LYS B CE  1 
ATOM   225  N NZ  . LYS A 1 26  ? -13.821 15.914  13.160  1.00 30.30 ? 32  LYS B NZ  1 
ATOM   226  N N   . ASP A 1 27  ? -11.022 10.410  10.323  1.00 17.35 ? 33  ASP B N   1 
ATOM   227  C CA  . ASP A 1 27  ? -11.695 9.108   10.069  1.00 17.39 ? 33  ASP B CA  1 
ATOM   228  C C   . ASP A 1 27  ? -10.680 7.979   9.809   1.00 15.47 ? 33  ASP B C   1 
ATOM   229  O O   . ASP A 1 27  ? -11.132 6.829   9.608   1.00 16.53 ? 33  ASP B O   1 
ATOM   230  C CB  . ASP A 1 27  ? -12.716 9.207   8.942   1.00 17.96 ? 33  ASP B CB  1 
ATOM   231  C CG  . ASP A 1 27  ? -12.167 9.544   7.571   1.00 18.82 ? 33  ASP B CG  1 
ATOM   232  O OD1 . ASP A 1 27  ? -10.917 9.597   7.440   1.00 18.12 ? 33  ASP B OD1 1 
ATOM   233  O OD2 . ASP A 1 27  ? -12.991 9.680   6.660   1.00 21.27 ? 33  ASP B OD2 1 
ATOM   234  N N   . ARG A 1 28  ? -9.375  8.242   9.834   1.00 14.68 ? 34  ARG B N   1 
ATOM   235  C CA  . ARG A 1 28  ? -8.308  7.245   9.591   1.00 14.60 ? 34  ARG B CA  1 
ATOM   236  C C   . ARG A 1 28  ? -8.470  6.601   8.206   1.00 12.52 ? 34  ARG B C   1 
ATOM   237  O O   . ARG A 1 28  ? -7.927  5.509   8.007   1.00 13.71 ? 34  ARG B O   1 
ATOM   238  C CB  . ARG A 1 28  ? -8.204  6.274   10.763  1.00 18.34 ? 34  ARG B CB  1 
ATOM   239  C CG  . ARG A 1 28  ? -7.887  7.023   12.056  1.00 22.47 ? 34  ARG B CG  1 
ATOM   240  C CD  . ARG A 1 28  ? -7.694  6.128   13.237  1.00 30.34 ? 34  ARG B CD  1 
ATOM   241  N NE  . ARG A 1 28  ? -8.805  5.217   13.412  1.00 37.77 ? 34  ARG B NE  1 
ATOM   242  C CZ  . ARG A 1 28  ? -8.781  3.898   13.159  1.00 51.42 ? 34  ARG B CZ  1 
ATOM   243  N NH1 . ARG A 1 28  ? -7.679  3.281   12.728  1.00 49.85 ? 34  ARG B NH1 1 
ATOM   244  N NH2 . ARG A 1 28  ? -9.884  3.187   13.360  1.00 56.94 ? 34  ARG B NH2 1 
ATOM   245  N N   . ARG A 1 29  ? -8.988  7.324   7.266   1.00 11.72 ? 35  ARG B N   1 
ATOM   246  C CA  . ARG A 1 29  ? -9.176  6.794   5.896   1.00 13.29 ? 35  ARG B CA  1 
ATOM   247  C C   . ARG A 1 29  ? -8.337  7.518   4.854   1.00 13.72 ? 35  ARG B C   1 
ATOM   248  O O   . ARG A 1 29  ? -8.296  7.062   3.695   1.00 14.76 ? 35  ARG B O   1 
ATOM   249  C CB  . ARG A 1 29  ? -10.641 6.867   5.455   1.00 13.85 ? 35  ARG B CB  1 
ATOM   250  C CG  . ARG A 1 29  ? -11.584 6.051   6.322   1.00 15.71 ? 35  ARG B CG  1 
ATOM   251  C CD  . ARG A 1 29  ? -11.688 4.598   5.953   1.00 16.88 ? 35  ARG B CD  1 
ATOM   252  N NE  . ARG A 1 29  ? -12.527 4.459   4.767   1.00 18.45 ? 35  ARG B NE  1 
ATOM   253  C CZ  . ARG A 1 29  ? -12.663 3.348   4.041   1.00 17.25 ? 35  ARG B CZ  1 
ATOM   254  N NH1 . ARG A 1 29  ? -12.059 2.264   4.442   1.00 17.69 ? 35  ARG B NH1 1 
ATOM   255  N NH2 . ARG A 1 29  ? -13.473 3.335   2.998   1.00 19.29 ? 35  ARG B NH2 1 
ATOM   256  N N   . GLN A 1 30  ? -7.681  8.615   5.184   1.00 12.78 ? 36  GLN B N   1 
ATOM   257  C CA  . GLN A 1 30  ? -6.806  9.368   4.263   1.00 13.57 ? 36  GLN B CA  1 
ATOM   258  C C   . GLN A 1 30  ? -5.460  9.635   4.909   1.00 11.67 ? 36  GLN B C   1 
ATOM   259  O O   . GLN A 1 30  ? -5.378  9.829   6.149   1.00 12.76 ? 36  GLN B O   1 
ATOM   260  C CB  . GLN A 1 30  ? -7.427  10.714  3.887   1.00 15.68 ? 36  GLN B CB  1 
ATOM   261  C CG  . GLN A 1 30  ? -8.853  10.596  3.411   1.00 18.20 ? 36  GLN B CG  1 
ATOM   262  C CD  . GLN A 1 30  ? -9.337  11.894  2.790   1.00 21.39 ? 36  GLN B CD  1 
ATOM   263  O OE1 . GLN A 1 30  ? -8.549  12.775  2.424   1.00 24.94 ? 36  GLN B OE1 1 
ATOM   264  N NE2 . GLN A 1 30  ? -10.641 12.014  2.697   1.00 27.36 ? 36  GLN B NE2 1 
ATOM   265  N N   . VAL A 1 31  ? -4.431  9.771   4.084   1.00 11.51 ? 37  VAL B N   1 
ATOM   266  C CA  . VAL A 1 31  ? -3.070  10.095  4.585   1.00 11.29 ? 37  VAL B CA  1 
ATOM   267  C C   . VAL A 1 31  ? -2.363  10.934  3.546   1.00 12.22 ? 37  VAL B C   1 
ATOM   268  O O   . VAL A 1 31  ? -2.423  10.610  2.363   1.00 11.83 ? 37  VAL B O   1 
ATOM   269  C CB  . VAL A 1 31  ? -2.308  8.828   4.986   1.00 10.49 ? 37  VAL B CB  1 
ATOM   270  C CG1 . VAL A 1 31  ? -2.184  7.802   3.835   1.00 11.06 ? 37  VAL B CG1 1 
ATOM   271  C CG2 . VAL A 1 31  ? -0.940  9.146   5.560   1.00 11.66 ? 37  VAL B CG2 1 
ATOM   272  N N   . ARG A 1 32  ? -1.640  11.947  3.992   1.00 11.96 ? 38  ARG B N   1 
ATOM   273  C CA  . ARG A 1 32  ? -0.774  12.709  3.085   1.00 12.34 ? 38  ARG B CA  1 
ATOM   274  C C   . ARG A 1 32  ? 0.514   13.071  3.831   1.00 12.40 ? 38  ARG B C   1 
ATOM   275  O O   . ARG A 1 32  ? 0.584   13.049  5.065   1.00 11.93 ? 38  ARG B O   1 
ATOM   276  C CB  . ARG A 1 32  ? -1.453  13.957  2.537   1.00 14.65 ? 38  ARG B CB  1 
ATOM   277  C CG  . ARG A 1 32  ? -1.773  14.978  3.606   1.00 17.17 ? 38  ARG B CG  1 
ATOM   278  C CD  . ARG A 1 32  ? -2.527  16.128  2.954   1.00 19.68 ? 38  ARG B CD  1 
ATOM   279  N NE  . ARG A 1 32  ? -2.843  17.133  3.951   1.00 24.61 ? 38  ARG B NE  1 
ATOM   280  C CZ  . ARG A 1 32  ? -2.061  18.117  4.344   1.00 20.39 ? 38  ARG B CZ  1 
ATOM   281  N NH1 . ARG A 1 32  ? -0.878  18.333  3.807   1.00 22.53 ? 38  ARG B NH1 1 
ATOM   282  N NH2 . ARG A 1 32  ? -2.513  18.922  5.313   1.00 26.09 ? 38  ARG B NH2 1 
ATOM   283  N N   A MET A 1 33  ? 1.503   13.436  3.019   0.25 11.50 ? 39  MET B N   1 
ATOM   284  N N   B MET A 1 33  ? 1.573   13.360  3.080   0.25 12.79 ? 39  MET B N   1 
ATOM   285  C CA  A MET A 1 33  ? 2.833   13.911  3.469   0.25 12.46 ? 39  MET B CA  1 
ATOM   286  C CA  B MET A 1 33  ? 2.857   13.726  3.734   0.25 14.15 ? 39  MET B CA  1 
ATOM   287  C C   A MET A 1 33  ? 2.681   15.342  4.003   0.25 11.99 ? 39  MET B C   1 
ATOM   288  C C   B MET A 1 33  ? 2.861   15.234  3.978   0.25 13.08 ? 39  MET B C   1 
ATOM   289  O O   A MET A 1 33  ? 2.142   16.199  3.305   0.25 12.96 ? 39  MET B O   1 
ATOM   290  O O   B MET A 1 33  ? 2.740   16.008  2.986   0.25 13.15 ? 39  MET B O   1 
ATOM   291  C CB  A MET A 1 33  ? 3.817   13.855  2.295   0.25 12.36 ? 39  MET B CB  1 
ATOM   292  C CB  B MET A 1 33  ? 4.111   13.346  2.940   0.25 16.00 ? 39  MET B CB  1 
ATOM   293  C CG  A MET A 1 33  ? 5.291   14.087  2.670   0.25 13.15 ? 39  MET B CG  1 
ATOM   294  C CG  B MET A 1 33  ? 5.416   13.787  3.663   0.25 17.64 ? 39  MET B CG  1 
ATOM   295  S SD  A MET A 1 33  ? 5.888   12.979  4.021   0.25 15.04 ? 39  MET B SD  1 
ATOM   296  S SD  B MET A 1 33  ? 6.868   13.074  2.875   0.25 20.47 ? 39  MET B SD  1 
ATOM   297  C CE  A MET A 1 33  ? 7.669   13.164  3.941   0.25 14.17 ? 39  MET B CE  1 
ATOM   298  C CE  B MET A 1 33  ? 8.126   13.685  3.996   0.25 19.96 ? 39  MET B CE  1 
ATOM   299  N N   . GLY A 1 34  ? 3.043   15.573  5.260   1.00 12.86 ? 40  GLY B N   1 
ATOM   300  C CA  . GLY A 1 34  ? 3.151   16.956  5.759   1.00 14.39 ? 40  GLY B CA  1 
ATOM   301  C C   . GLY A 1 34  ? 4.464   17.598  5.328   1.00 15.96 ? 40  GLY B C   1 
ATOM   302  O O   . GLY A 1 34  ? 5.322   16.950  4.731   1.00 16.08 ? 40  GLY B O   1 
ATOM   303  N N   . ASP A 1 35  ? 4.542   18.926  5.471   1.00 19.74 ? 41  ASP B N   1 
ATOM   304  C CA  . ASP A 1 35  ? 5.770   19.683  5.054   1.00 20.16 ? 41  ASP B CA  1 
ATOM   305  C C   . ASP A 1 35  ? 6.761   19.737  6.236   1.00 19.92 ? 41  ASP B C   1 
ATOM   306  O O   . ASP A 1 35  ? 7.850   20.319  6.055   1.00 20.31 ? 41  ASP B O   1 
ATOM   307  C CB  . ASP A 1 35  ? 5.413   21.067  4.464   1.00 25.14 ? 41  ASP B CB  1 
ATOM   308  C CG  . ASP A 1 35  ? 4.830   21.064  3.035   1.00 34.49 ? 41  ASP B CG  1 
ATOM   309  O OD1 . ASP A 1 35  ? 5.185   20.162  2.225   1.00 36.73 ? 41  ASP B OD1 1 
ATOM   310  O OD2 . ASP A 1 35  ? 4.046   21.997  2.697   1.00 34.61 ? 41  ASP B OD2 1 
ATOM   311  N N   . THR A 1 36  ? 6.476   19.082  7.360   1.00 16.03 ? 42  THR B N   1 
ATOM   312  C CA  . THR A 1 36  ? 7.318   19.077  8.598   1.00 15.46 ? 42  THR B CA  1 
ATOM   313  C C   . THR A 1 36  ? 6.988   17.879  9.505   1.00 13.49 ? 42  THR B C   1 
ATOM   314  O O   . THR A 1 36  ? 5.919   17.166  9.335   1.00 13.33 ? 42  THR B O   1 
ATOM   315  C CB  . THR A 1 36  ? 7.089   20.423  9.261   1.00 16.75 ? 42  THR B CB  1 
ATOM   316  O OG1 . THR A 1 36  ? 8.094   20.575  10.238  1.00 18.30 ? 42  THR B OG1 1 
ATOM   317  C CG2 . THR A 1 36  ? 5.700   20.518  9.846   1.00 18.06 ? 42  THR B CG2 1 
ATOM   318  N N   . HIS A 1 37  ? 7.768   17.623  10.546  1.00 13.38 ? 43  HIS B N   1 
ATOM   319  C CA  . HIS A 1 37  ? 7.451   16.649  11.610  1.00 12.92 ? 43  HIS B CA  1 
ATOM   320  C C   . HIS A 1 37  ? 6.111   17.000  12.244  1.00 14.35 ? 43  HIS B C   1 
ATOM   321  O O   . HIS A 1 37  ? 5.884   18.191  12.600  1.00 14.34 ? 43  HIS B O   1 
ATOM   322  C CB  . HIS A 1 37  ? 8.633   16.611  12.601  1.00 12.70 ? 43  HIS B CB  1 
ATOM   323  C CG  . HIS A 1 37  ? 8.579   15.612  13.675  1.00 12.63 ? 43  HIS B CG  1 
ATOM   324  N ND1 . HIS A 1 37  ? 7.666   15.642  14.722  1.00 13.22 ? 43  HIS B ND1 1 
ATOM   325  C CD2 . HIS A 1 37  ? 9.391   14.548  13.923  1.00 12.95 ? 43  HIS B CD2 1 
ATOM   326  C CE1 . HIS A 1 37  ? 7.916   14.661  15.540  1.00 13.38 ? 43  HIS B CE1 1 
ATOM   327  N NE2 . HIS A 1 37  ? 8.971   13.929  15.052  1.00 14.24 ? 43  HIS B NE2 1 
ATOM   328  N N   . GLN A 1 38  ? 5.239   16.012  12.460  1.00 12.63 ? 44  GLN B N   1 
ATOM   329  C CA  . GLN A 1 38  ? 3.857   16.247  12.924  1.00 13.04 ? 44  GLN B CA  1 
ATOM   330  C C   . GLN A 1 38  ? 3.725   16.197  14.450  1.00 13.77 ? 44  GLN B C   1 
ATOM   331  O O   . GLN A 1 38  ? 2.588   16.104  14.959  1.00 15.08 ? 44  GLN B O   1 
ATOM   332  C CB  . GLN A 1 38  ? 2.901   15.286  12.207  1.00 13.46 ? 44  GLN B CB  1 
ATOM   333  C CG  . GLN A 1 38  ? 2.823   15.563  10.736  1.00 12.65 ? 44  GLN B CG  1 
ATOM   334  C CD  . GLN A 1 38  ? 2.450   16.977  10.385  1.00 13.88 ? 44  GLN B CD  1 
ATOM   335  O OE1 . GLN A 1 38  ? 3.109   17.676  9.591   1.00 16.05 ? 44  GLN B OE1 1 
ATOM   336  N NE2 . GLN A 1 38  ? 1.396   17.466  11.007  1.00 12.55 ? 44  GLN B NE2 1 
ATOM   337  N N   . ASN A 1 39  ? 4.827   16.313  15.183  1.00 13.29 ? 45  ASN B N   1 
ATOM   338  C CA  . ASN A 1 39  ? 4.793   16.589  16.650  1.00 12.48 ? 45  ASN B CA  1 
ATOM   339  C C   . ASN A 1 39  ? 4.277   15.395  17.428  1.00 14.39 ? 45  ASN B C   1 
ATOM   340  O O   . ASN A 1 39  ? 3.690   15.561  18.501  1.00 15.23 ? 45  ASN B O   1 
ATOM   341  C CB  . ASN A 1 39  ? 4.009   17.876  16.996  1.00 13.05 ? 45  ASN B CB  1 
ATOM   342  C CG  . ASN A 1 39  ? 4.461   18.445  18.328  1.00 12.94 ? 45  ASN B CG  1 
ATOM   343  O OD1 . ASN A 1 39  ? 5.605   18.285  18.754  1.00 12.33 ? 45  ASN B OD1 1 
ATOM   344  N ND2 . ASN A 1 39  ? 3.538   19.097  19.045  1.00 12.63 ? 45  ASN B ND2 1 
ATOM   345  N N   . VAL A 1 40  ? 4.618   14.188  16.982  1.00 15.89 ? 46  VAL B N   1 
ATOM   346  C CA  . VAL A 1 40  ? 4.319   12.891  17.665  1.00 17.21 ? 46  VAL B CA  1 
ATOM   347  C C   . VAL A 1 40  ? 5.604   12.347  18.312  1.00 15.89 ? 46  VAL B C   1 
ATOM   348  O O   . VAL A 1 40  ? 6.668   12.646  17.792  1.00 15.93 ? 46  VAL B O   1 
ATOM   349  C CB  . VAL A 1 40  ? 3.720   11.874  16.662  1.00 18.33 ? 46  VAL B CB  1 
ATOM   350  C CG1 . VAL A 1 40  ? 2.351   12.324  16.176  1.00 20.77 ? 46  VAL B CG1 1 
ATOM   351  C CG2 . VAL A 1 40  ? 4.634   11.588  15.474  1.00 19.18 ? 46  VAL B CG2 1 
ATOM   352  N N   . SER A 1 41  ? 5.520   11.562  19.378  1.00 17.86 ? 47  SER B N   1 
ATOM   353  C CA  . SER A 1 41  ? 6.687   10.854  19.939  1.00 18.56 ? 47  SER B CA  1 
ATOM   354  C C   . SER A 1 41  ? 7.132   9.731   18.998  1.00 16.59 ? 47  SER B C   1 
ATOM   355  O O   . SER A 1 41  ? 6.301   9.193   18.236  1.00 15.80 ? 47  SER B O   1 
ATOM   356  C CB  . SER A 1 41  ? 6.411   10.316  21.319  1.00 19.95 ? 47  SER B CB  1 
ATOM   357  O OG  . SER A 1 41  ? 5.352   9.394   21.276  1.00 23.05 ? 47  SER B OG  1 
ATOM   358  N N   . ASP A 1 42  ? 8.397   9.359   19.041  1.00 17.04 ? 48  ASP B N   1 
ATOM   359  C CA  . ASP A 1 42  ? 8.959   8.238   18.250  1.00 16.67 ? 48  ASP B CA  1 
ATOM   360  C C   . ASP A 1 42  ? 8.638   6.954   18.999  1.00 18.20 ? 48  ASP B C   1 
ATOM   361  O O   . ASP A 1 42  ? 8.294   6.974   20.219  1.00 19.09 ? 48  ASP B O   1 
ATOM   362  C CB  . ASP A 1 42  ? 10.458  8.400   17.957  1.00 17.69 ? 48  ASP B CB  1 
ATOM   363  C CG  . ASP A 1 42  ? 10.957  7.672   16.697  1.00 19.49 ? 48  ASP B CG  1 
ATOM   364  O OD1 . ASP A 1 42  ? 10.117  7.008   16.029  1.00 17.30 ? 48  ASP B OD1 1 
ATOM   365  O OD2 . ASP A 1 42  ? 12.184  7.824   16.296  1.00 19.53 ? 48  ASP B OD2 1 
ATOM   366  N N   . ASN A 1 43  ? 8.650   5.855   18.242  1.00 16.48 ? 49  ASN B N   1 
ATOM   367  C CA  . ASN A 1 43  ? 8.431   4.507   18.805  1.00 18.11 ? 49  ASN B CA  1 
ATOM   368  C C   . ASN A 1 43  ? 9.014   3.497   17.821  1.00 19.78 ? 49  ASN B C   1 
ATOM   369  O O   . ASN A 1 43  ? 9.442   3.859   16.705  1.00 19.30 ? 49  ASN B O   1 
ATOM   370  C CB  . ASN A 1 43  ? 6.966   4.313   19.138  1.00 16.69 ? 49  ASN B CB  1 
ATOM   371  C CG  . ASN A 1 43  ? 6.082   4.187   17.914  1.00 18.28 ? 49  ASN B CG  1 
ATOM   372  O OD1 . ASN A 1 43  ? 6.387   3.395   17.026  1.00 19.43 ? 49  ASN B OD1 1 
ATOM   373  N ND2 . ASN A 1 43  ? 5.022   4.936   17.820  1.00 16.99 ? 49  ASN B ND2 1 
ATOM   374  N N   . LYS A 1 44  ? 9.150   2.258   18.275  1.00 20.82 ? 50  LYS B N   1 
ATOM   375  C CA  . LYS A 1 44  ? 9.790   1.177   17.495  1.00 21.08 ? 50  LYS B CA  1 
ATOM   376  C C   . LYS A 1 44  ? 8.924   0.749   16.292  1.00 18.47 ? 50  LYS B C   1 
ATOM   377  O O   . LYS A 1 44  ? 9.506   0.204   15.364  1.00 20.36 ? 50  LYS B O   1 
ATOM   378  C CB  . LYS A 1 44  ? 9.990   -0.049  18.407  1.00 25.37 ? 50  LYS B CB  1 
ATOM   379  C CG  . LYS A 1 44  ? 8.690   -0.698  18.842  1.00 30.58 ? 50  LYS B CG  1 
ATOM   380  C CD  . LYS A 1 44  ? 8.754   -1.506  20.128  1.00 41.41 ? 50  LYS B CD  1 
ATOM   381  C CE  . LYS A 1 44  ? 7.569   -2.436  20.272  1.00 46.42 ? 50  LYS B CE  1 
ATOM   382  N NZ  . LYS A 1 44  ? 7.999   -3.759  20.783  1.00 52.87 ? 50  LYS B NZ  1 
ATOM   383  N N   . GLU A 1 45  ? 7.647   1.062   16.283  1.00 17.43 ? 51  GLU B N   1 
ATOM   384  C CA  . GLU A 1 45  ? 6.758   0.691   15.145  1.00 17.91 ? 51  GLU B CA  1 
ATOM   385  C C   . GLU A 1 45  ? 6.870   1.661   13.968  1.00 16.87 ? 51  GLU B C   1 
ATOM   386  O O   . GLU A 1 45  ? 6.480   1.265   12.841  1.00 16.39 ? 51  GLU B O   1 
ATOM   387  C CB  . GLU A 1 45  ? 5.313   0.671   15.561  1.00 19.98 ? 51  GLU B CB  1 
ATOM   388  C CG  . GLU A 1 45  ? 4.992   -0.264  16.718  1.00 26.16 ? 51  GLU B CG  1 
ATOM   389  C CD  . GLU A 1 45  ? 3.548   -0.069  17.157  1.00 35.39 ? 51  GLU B CD  1 
ATOM   390  O OE1 . GLU A 1 45  ? 3.347   0.410   18.300  1.00 51.64 ? 51  GLU B OE1 1 
ATOM   391  O OE2 . GLU A 1 45  ? 2.615   -0.309  16.337  1.00 40.13 ? 51  GLU B OE2 1 
ATOM   392  N N   . ARG A 1 46  ? 7.261   2.931   14.167  1.00 14.74 ? 52  ARG B N   1 
ATOM   393  C CA  . ARG A 1 46  ? 7.135   3.910   13.061  1.00 13.83 ? 52  ARG B CA  1 
ATOM   394  C C   . ARG A 1 46  ? 8.123   3.637   11.956  1.00 13.73 ? 52  ARG B C   1 
ATOM   395  O O   . ARG A 1 46  ? 9.315   3.430   12.181  1.00 14.25 ? 52  ARG B O   1 
ATOM   396  C CB  . ARG A 1 46  ? 7.380   5.323   13.587  1.00 13.25 ? 52  ARG B CB  1 
ATOM   397  C CG  . ARG A 1 46  ? 6.365   5.852   14.564  1.00 14.84 ? 52  ARG B CG  1 
ATOM   398  C CD  . ARG A 1 46  ? 6.428   7.411   14.624  1.00 13.48 ? 52  ARG B CD  1 
ATOM   399  N NE  . ARG A 1 46  ? 5.559   7.883   15.665  1.00 15.36 ? 52  ARG B NE  1 
ATOM   400  C CZ  . ARG A 1 46  ? 4.251   7.882   15.594  1.00 14.72 ? 52  ARG B CZ  1 
ATOM   401  N NH1 . ARG A 1 46  ? 3.636   7.659   14.438  1.00 14.36 ? 52  ARG B NH1 1 
ATOM   402  N NH2 . ARG A 1 46  ? 3.497   8.192   16.649  1.00 17.59 ? 52  ARG B NH2 1 
ATOM   403  N N   . PHE A 1 47  ? 7.672   3.690   10.712  1.00 12.64 ? 53  PHE B N   1 
ATOM   404  C CA  . PHE A 1 47  ? 8.601   3.643   9.576   1.00 12.44 ? 53  PHE B CA  1 
ATOM   405  C C   . PHE A 1 47  ? 9.485   4.908   9.600   1.00 13.98 ? 53  PHE B C   1 
ATOM   406  O O   . PHE A 1 47  ? 8.932   6.012   9.588   1.00 13.35 ? 53  PHE B O   1 
ATOM   407  C CB  . PHE A 1 47  ? 7.859   3.535   8.255   1.00 11.38 ? 53  PHE B CB  1 
ATOM   408  C CG  . PHE A 1 47  ? 7.254   2.179   8.007   1.00 11.22 ? 53  PHE B CG  1 
ATOM   409  C CD1 . PHE A 1 47  ? 8.064   1.157   7.570   1.00 11.70 ? 53  PHE B CD1 1 
ATOM   410  C CD2 . PHE A 1 47  ? 5.907   1.938   8.202   1.00 11.14 ? 53  PHE B CD2 1 
ATOM   411  C CE1 . PHE A 1 47  ? 7.551   -0.110  7.326   1.00 12.53 ? 53  PHE B CE1 1 
ATOM   412  C CE2 . PHE A 1 47  ? 5.380   0.664   7.946   1.00 11.04 ? 53  PHE B CE2 1 
ATOM   413  C CZ  . PHE A 1 47  ? 6.223   -0.347  7.508   1.00 10.86 ? 53  PHE B CZ  1 
ATOM   414  N N   . SER A 1 48  ? 10.800  4.770   9.630   1.00 14.72 ? 54  SER B N   1 
ATOM   415  C CA  . SER A 1 48  ? 11.713  5.943   9.819   1.00 15.70 ? 54  SER B CA  1 
ATOM   416  C C   . SER A 1 48  ? 12.149  6.534   8.488   1.00 15.55 ? 54  SER B C   1 
ATOM   417  O O   . SER A 1 48  ? 12.263  7.807   8.378   1.00 18.06 ? 54  SER B O   1 
ATOM   418  C CB  . SER A 1 48  ? 12.899  5.516   10.682  1.00 16.97 ? 54  SER B CB  1 
ATOM   419  O OG  . SER A 1 48  ? 13.660  4.514   10.054  1.00 16.30 ? 54  SER B OG  1 
ATOM   420  N N   . ASN A 1 49  ? 12.445  5.767   7.487   1.00 14.91 ? 55  ASN B N   1 
ATOM   421  C CA  . ASN A 1 49  ? 13.198  6.268   6.314   1.00 16.59 ? 55  ASN B CA  1 
ATOM   422  C C   . ASN A 1 49  ? 12.249  6.741   5.219   1.00 14.89 ? 55  ASN B C   1 
ATOM   423  O O   . ASN A 1 49  ? 12.690  7.437   4.313   1.00 16.83 ? 55  ASN B O   1 
ATOM   424  C CB  . ASN A 1 49  ? 14.147  5.238   5.721   1.00 17.85 ? 55  ASN B CB  1 
ATOM   425  C CG  . ASN A 1 49  ? 15.386  4.984   6.575   1.00 19.87 ? 55  ASN B CG  1 
ATOM   426  O OD1 . ASN A 1 49  ? 15.274  4.859   7.781   1.00 21.26 ? 55  ASN B OD1 1 
ATOM   427  N ND2 . ASN A 1 49  ? 16.545  4.866   5.932   1.00 23.38 ? 55  ASN B ND2 1 
ATOM   428  N N   . TYR A 1 50  ? 10.994  6.268   5.207   1.00 13.56 ? 56  TYR B N   1 
ATOM   429  C CA  . TYR A 1 50  ? 10.075  6.492   4.069   1.00 12.36 ? 56  TYR B CA  1 
ATOM   430  C C   . TYR A 1 50  ? 8.712   6.883   4.609   1.00 10.87 ? 56  TYR B C   1 
ATOM   431  O O   . TYR A 1 50  ? 8.340   6.530   5.724   1.00 11.65 ? 56  TYR B O   1 
ATOM   432  C CB  . TYR A 1 50  ? 9.944   5.193   3.279   1.00 13.77 ? 56  TYR B CB  1 
ATOM   433  C CG  . TYR A 1 50  ? 11.242  4.476   3.005   1.00 14.69 ? 56  TYR B CG  1 
ATOM   434  C CD1 . TYR A 1 50  ? 12.136  4.972   2.074   1.00 16.81 ? 56  TYR B CD1 1 
ATOM   435  C CD2 . TYR A 1 50  ? 11.615  3.318   3.665   1.00 15.73 ? 56  TYR B CD2 1 
ATOM   436  C CE1 . TYR A 1 50  ? 13.341  4.337   1.785   1.00 18.82 ? 56  TYR B CE1 1 
ATOM   437  C CE2 . TYR A 1 50  ? 12.836  2.701   3.440   1.00 16.54 ? 56  TYR B CE2 1 
ATOM   438  C CZ  . TYR A 1 50  ? 13.697  3.201   2.479   1.00 17.51 ? 56  TYR B CZ  1 
ATOM   439  O OH  . TYR A 1 50  ? 14.853  2.505   2.229   1.00 18.56 ? 56  TYR B OH  1 
ATOM   440  N N   . PRO A 1 51  ? 7.875   7.543   3.779   1.00 10.84 ? 57  PRO B N   1 
ATOM   441  C CA  . PRO A 1 51  ? 6.568   8.030   4.220   1.00 10.57 ? 57  PRO B CA  1 
ATOM   442  C C   . PRO A 1 51  ? 5.461   6.948   4.196   1.00 9.35  ? 57  PRO B C   1 
ATOM   443  O O   . PRO A 1 51  ? 4.435   7.047   3.534   1.00 10.02 ? 57  PRO B O   1 
ATOM   444  C CB  . PRO A 1 51  ? 6.241   9.194   3.237   1.00 11.95 ? 57  PRO B CB  1 
ATOM   445  C CG  . PRO A 1 51  ? 7.521   9.435   2.485   1.00 13.26 ? 57  PRO B CG  1 
ATOM   446  C CD  . PRO A 1 51  ? 8.257   8.128   2.491   1.00 11.95 ? 57  PRO B CD  1 
ATOM   447  N N   . MET A 1 52  ? 5.709   5.893   4.996   1.00 10.02 ? 58  MET B N   1 
ATOM   448  C CA  . MET A 1 52  ? 4.915   4.646   5.016   1.00 9.06  ? 58  MET B CA  1 
ATOM   449  C C   . MET A 1 52  ? 4.046   4.574   6.254   1.00 9.36  ? 58  MET B C   1 
ATOM   450  O O   . MET A 1 52  ? 4.322   5.181   7.346   1.00 10.85 ? 58  MET B O   1 
ATOM   451  C CB  . MET A 1 52  ? 5.840   3.437   4.968   1.00 9.67  ? 58  MET B CB  1 
ATOM   452  C CG  . MET A 1 52  ? 6.565   3.289   3.677   1.00 10.10 ? 58  MET B CG  1 
ATOM   453  S SD  . MET A 1 52  ? 7.927   2.097   3.821   1.00 11.47 ? 58  MET B SD  1 
ATOM   454  C CE  . MET A 1 52  ? 8.593   2.086   2.162   1.00 12.64 ? 58  MET B CE  1 
ATOM   455  N N   . VAL A 1 53  ? 2.966   3.814   6.138   1.00 9.59  ? 59  VAL B N   1 
ATOM   456  C CA  . VAL A 1 53  ? 1.993   3.569   7.235   1.00 10.25 ? 59  VAL B CA  1 
ATOM   457  C C   . VAL A 1 53  ? 1.310   2.227   6.964   1.00 10.68 ? 59  VAL B C   1 
ATOM   458  O O   . VAL A 1 53  ? 1.119   1.864   5.781   1.00 10.86 ? 59  VAL B O   1 
ATOM   459  C CB  . VAL A 1 53  ? 1.001   4.741   7.402   1.00 10.47 ? 59  VAL B CB  1 
ATOM   460  C CG1 . VAL A 1 53  ? 0.168   4.979   6.162   1.00 10.92 ? 59  VAL B CG1 1 
ATOM   461  C CG2 . VAL A 1 53  ? 0.096   4.564   8.630   1.00 11.03 ? 59  VAL B CG2 1 
ATOM   462  N N   . LEU A 1 54  ? 0.862   1.540   8.000   1.00 10.14 ? 60  LEU B N   1 
ATOM   463  C CA  . LEU A 1 54  ? 0.092   0.274   7.892   1.00 9.95  ? 60  LEU B CA  1 
ATOM   464  C C   . LEU A 1 54  ? -1.361  0.498   8.187   1.00 10.65 ? 60  LEU B C   1 
ATOM   465  O O   . LEU A 1 54  ? -1.760  1.385   9.025   1.00 12.02 ? 60  LEU B O   1 
ATOM   466  C CB  . LEU A 1 54  ? 0.628   -0.808  8.829   1.00 11.08 ? 60  LEU B CB  1 
ATOM   467  C CG  . LEU A 1 54  ? 2.098   -1.085  8.661   1.00 11.47 ? 60  LEU B CG  1 
ATOM   468  C CD1 . LEU A 1 54  ? 2.556   -2.253  9.541   1.00 12.69 ? 60  LEU B CD1 1 
ATOM   469  C CD2 . LEU A 1 54  ? 2.457   -1.368  7.209   1.00 11.35 ? 60  LEU B CD2 1 
ATOM   470  N N   . GLY A 1 55  ? -2.224  -0.317  7.589   1.00 10.61 ? 61  GLY B N   1 
ATOM   471  C CA  . GLY A 1 55  ? -3.610  -0.478  8.089   1.00 11.00 ? 61  GLY B CA  1 
ATOM   472  C C   . GLY A 1 55  ? -3.620  -1.130  9.475   1.00 11.29 ? 61  GLY B C   1 
ATOM   473  O O   . GLY A 1 55  ? -2.739  -1.892  9.798   1.00 12.05 ? 61  GLY B O   1 
ATOM   474  N N   . ALA A 1 56  ? -4.666  -0.849  10.234  1.00 13.13 ? 62  ALA B N   1 
ATOM   475  C CA  . ALA A 1 56  ? -4.846  -1.452  11.575  1.00 14.68 ? 62  ALA B CA  1 
ATOM   476  C C   . ALA A 1 56  ? -5.214  -2.931  11.473  1.00 14.27 ? 62  ALA B C   1 
ATOM   477  O O   . ALA A 1 56  ? -4.877  -3.701  12.390  1.00 17.54 ? 62  ALA B O   1 
ATOM   478  C CB  . ALA A 1 56  ? -5.876  -0.677  12.330  1.00 15.23 ? 62  ALA B CB  1 
ATOM   479  N N   . GLN A 1 57  ? -5.940  -3.280  10.426  1.00 14.04 ? 63  GLN B N   1 
ATOM   480  C CA  . GLN A 1 57  ? -6.491  -4.657  10.320  1.00 14.19 ? 63  GLN B CA  1 
ATOM   481  C C   . GLN A 1 57  ? -5.366  -5.661  10.065  1.00 13.99 ? 63  GLN B C   1 
ATOM   482  O O   . GLN A 1 57  ? -4.367  -5.371  9.364   1.00 14.64 ? 63  GLN B O   1 
ATOM   483  C CB  . GLN A 1 57  ? -7.523  -4.691  9.197   1.00 16.12 ? 63  GLN B CB  1 
ATOM   484  C CG  . GLN A 1 57  ? -8.791  -3.910  9.479   1.00 18.30 ? 63  GLN B CG  1 
ATOM   485  C CD  . GLN A 1 57  ? -8.623  -2.403  9.492   1.00 17.76 ? 63  GLN B CD  1 
ATOM   486  O OE1 . GLN A 1 57  ? -7.852  -1.859  8.707   1.00 17.11 ? 63  GLN B OE1 1 
ATOM   487  N NE2 . GLN A 1 57  ? -9.350  -1.704  10.342  1.00 20.00 ? 63  GLN B NE2 1 
ATOM   488  N N   . ARG A 1 58  ? -5.454  -6.846  10.685  1.00 14.76 ? 64  ARG B N   1 
ATOM   489  C CA  . ARG A 1 58  ? -4.554  -7.988  10.457  1.00 15.13 ? 64  ARG B CA  1 
ATOM   490  C C   . ARG A 1 58  ? -5.349  -9.129  9.844   1.00 13.16 ? 64  ARG B C   1 
ATOM   491  O O   . ARG A 1 58  ? -6.480  -9.380  10.282  1.00 16.55 ? 64  ARG B O   1 
ATOM   492  C CB  . ARG A 1 58  ? -3.965  -8.553  11.767  1.00 18.33 ? 64  ARG B CB  1 
ATOM   493  C CG  . ARG A 1 58  ? -2.860  -7.760  12.464  1.00 27.57 ? 64  ARG B CG  1 
ATOM   494  C CD  . ARG A 1 58  ? -3.073  -6.269  12.392  1.00 27.06 ? 64  ARG B CD  1 
ATOM   495  N NE  . ARG A 1 58  ? -2.759  -5.253  13.398  1.00 31.29 ? 64  ARG B NE  1 
ATOM   496  C CZ  . ARG A 1 58  ? -1.846  -5.317  14.351  1.00 28.42 ? 64  ARG B CZ  1 
ATOM   497  N NH1 . ARG A 1 58  ? -1.715  -4.290  15.175  1.00 31.54 ? 64  ARG B NH1 1 
ATOM   498  N NH2 . ARG A 1 58  ? -1.123  -6.399  14.528  1.00 30.08 ? 64  ARG B NH2 1 
ATOM   499  N N   . PHE A 1 59  ? -4.827  -9.741  8.817   1.00 12.33 ? 65  PHE B N   1 
ATOM   500  C CA  . PHE A 1 59  ? -5.506  -10.851 8.105   1.00 13.07 ? 65  PHE B CA  1 
ATOM   501  C C   . PHE A 1 59  ? -4.640  -12.086 8.162   1.00 12.45 ? 65  PHE B C   1 
ATOM   502  O O   . PHE A 1 59  ? -3.468  -12.045 7.825   1.00 12.48 ? 65  PHE B O   1 
ATOM   503  C CB  . PHE A 1 59  ? -5.729  -10.433 6.638   1.00 15.30 ? 65  PHE B CB  1 
ATOM   504  C CG  . PHE A 1 59  ? -6.555  -9.168  6.481   1.00 16.41 ? 65  PHE B CG  1 
ATOM   505  C CD1 . PHE A 1 59  ? -7.784  -9.088  7.107   1.00 19.62 ? 65  PHE B CD1 1 
ATOM   506  C CD2 . PHE A 1 59  ? -6.096  -8.078  5.773   1.00 23.23 ? 65  PHE B CD2 1 
ATOM   507  C CE1 . PHE A 1 59  ? -8.578  -7.959  7.014   1.00 22.09 ? 65  PHE B CE1 1 
ATOM   508  C CE2 . PHE A 1 59  ? -6.906  -6.947  5.656   1.00 18.95 ? 65  PHE B CE2 1 
ATOM   509  C CZ  . PHE A 1 59  ? -8.097  -6.886  6.325   1.00 19.81 ? 65  PHE B CZ  1 
ATOM   510  N N   A SER A 1 60  ? -5.224  -13.216 8.582   0.25 12.60 ? 66  SER B N   1 
ATOM   511  N N   B SER A 1 60  ? -5.242  -13.205 8.582   0.25 12.58 ? 66  SER B N   1 
ATOM   512  C CA  A SER A 1 60  ? -4.503  -14.513 8.678   0.25 13.35 ? 66  SER B CA  1 
ATOM   513  C CA  B SER A 1 60  ? -4.574  -14.528 8.675   0.25 13.29 ? 66  SER B CA  1 
ATOM   514  C C   A SER A 1 60  ? -5.250  -15.644 7.945   0.25 13.21 ? 66  SER B C   1 
ATOM   515  C C   B SER A 1 60  ? -5.411  -15.618 8.007   0.25 13.30 ? 66  SER B C   1 
ATOM   516  O O   A SER A 1 60  ? -4.715  -16.778 7.922   0.25 13.37 ? 66  SER B O   1 
ATOM   517  O O   B SER A 1 60  ? -5.132  -16.799 8.239   0.25 12.67 ? 66  SER B O   1 
ATOM   518  C CB  A SER A 1 60  ? -4.194  -14.848 10.132  0.25 13.41 ? 66  SER B CB  1 
ATOM   519  C CB  B SER A 1 60  ? -4.331  -14.893 10.105  0.25 13.35 ? 66  SER B CB  1 
ATOM   520  O OG  A SER A 1 60  ? -3.101  -14.048 10.624  0.25 14.19 ? 66  SER B OG  1 
ATOM   521  O OG  B SER A 1 60  ? -5.559  -14.917 10.788  0.25 14.53 ? 66  SER B OG  1 
ATOM   522  N N   A SER A 1 61  ? -6.395  -15.331 7.323   0.25 12.68 ? 67  SER B N   1 
ATOM   523  N N   B SER A 1 61  ? -6.436  -15.238 7.256   0.25 13.27 ? 67  SER B N   1 
ATOM   524  C CA  A SER A 1 61  ? -7.243  -16.281 6.552   0.25 13.63 ? 67  SER B CA  1 
ATOM   525  C CA  B SER A 1 61  ? -7.330  -16.209 6.593   0.25 14.90 ? 67  SER B CA  1 
ATOM   526  C C   A SER A 1 61  ? -8.140  -15.498 5.589   0.25 14.42 ? 67  SER B C   1 
ATOM   527  C C   B SER A 1 61  ? -8.270  -15.474 5.651   0.25 15.00 ? 67  SER B C   1 
ATOM   528  O O   A SER A 1 61  ? -8.205  -14.273 5.719   0.25 14.77 ? 67  SER B O   1 
ATOM   529  O O   B SER A 1 61  ? -8.539  -14.274 5.889   0.25 14.66 ? 67  SER B O   1 
ATOM   530  C CB  A SER A 1 61  ? -8.097  -17.119 7.499   0.25 14.10 ? 67  SER B CB  1 
ATOM   531  C CB  B SER A 1 61  ? -8.120  -16.972 7.635   0.25 15.84 ? 67  SER B CB  1 
ATOM   532  O OG  A SER A 1 61  ? -9.100  -16.325 8.115   0.25 14.69 ? 67  SER B OG  1 
ATOM   533  O OG  B SER A 1 61  ? -8.849  -18.018 7.028   0.25 18.81 ? 67  SER B OG  1 
ATOM   534  N N   . GLY A 1 62  ? -8.821  -16.200 4.683   1.00 15.30 ? 68  GLY B N   1 
ATOM   535  C CA  . GLY A 1 62  ? -9.928  -15.644 3.907   1.00 15.96 ? 68  GLY B CA  1 
ATOM   536  C C   . GLY A 1 62  ? -9.506  -14.790 2.719   1.00 13.02 ? 68  GLY B C   1 
ATOM   537  O O   . GLY A 1 62  ? -8.326  -14.769 2.326   1.00 14.52 ? 68  GLY B O   1 
ATOM   538  N N   . LYS A 1 63  ? -10.528 -14.178 2.164   1.00 13.26 ? 69  LYS B N   1 
ATOM   539  C CA  . LYS A 1 63  ? -10.417 -13.322 0.981   1.00 13.84 ? 69  LYS B CA  1 
ATOM   540  C C   . LYS A 1 63  ? -10.791 -11.914 1.413   1.00 13.51 ? 69  LYS B C   1 
ATOM   541  O O   . LYS A 1 63  ? -11.820 -11.712 2.047   1.00 14.99 ? 69  LYS B O   1 
ATOM   542  C CB  . LYS A 1 63  ? -11.350 -13.845 -0.105  1.00 15.18 ? 69  LYS B CB  1 
ATOM   543  C CG  . LYS A 1 63  ? -10.944 -15.191 -0.679  1.00 15.11 ? 69  LYS B CG  1 
ATOM   544  C CD  . LYS A 1 63  ? -11.976 -15.785 -1.680  1.00 17.84 ? 69  LYS B CD  1 
ATOM   545  C CE  . LYS A 1 63  ? -11.555 -17.112 -2.260  1.00 20.77 ? 69  LYS B CE  1 
ATOM   546  N NZ  . LYS A 1 63  ? -12.548 -17.569 -3.268  1.00 24.48 ? 69  LYS B NZ  1 
ATOM   547  N N   . MET A 1 64  ? -9.992  -10.934 1.008   1.00 13.08 ? 70  MET B N   1 
ATOM   548  C CA  . MET A 1 64  ? -10.144 -9.511  1.381   1.00 12.72 ? 70  MET B CA  1 
ATOM   549  C C   . MET A 1 64  ? -9.974  -8.641  0.146   1.00 12.65 ? 70  MET B C   1 
ATOM   550  O O   . MET A 1 64  ? -9.133  -8.971  -0.690  1.00 13.53 ? 70  MET B O   1 
ATOM   551  C CB  . MET A 1 64  ? -9.074  -9.066  2.369   1.00 12.95 ? 70  MET B CB  1 
ATOM   552  C CG  . MET A 1 64  ? -9.180  -9.623  3.771   1.00 14.03 ? 70  MET B CG  1 
ATOM   553  S SD  . MET A 1 64  ? -8.948  -11.387 4.091   1.00 15.49 ? 70  MET B SD  1 
ATOM   554  C CE  . MET A 1 64  ? -7.336  -11.679 3.411   1.00 15.70 ? 70  MET B CE  1 
ATOM   555  N N   . TYR A 1 65  ? -10.704 -7.548  0.047   1.00 12.30 ? 71  TYR B N   1 
ATOM   556  C CA  . TYR A 1 65  ? -10.633 -6.606  -1.102  1.00 12.62 ? 71  TYR B CA  1 
ATOM   557  C C   . TYR A 1 65  ? -10.777 -5.197  -0.543  1.00 13.43 ? 71  TYR B C   1 
ATOM   558  O O   . TYR A 1 65  ? -11.676 -4.939  0.289   1.00 13.69 ? 71  TYR B O   1 
ATOM   559  C CB  . TYR A 1 65  ? -11.721 -6.914  -2.145  1.00 13.41 ? 71  TYR B CB  1 
ATOM   560  C CG  . TYR A 1 65  ? -11.749 -5.991  -3.342  1.00 12.64 ? 71  TYR B CG  1 
ATOM   561  C CD1 . TYR A 1 65  ? -10.785 -6.083  -4.338  1.00 13.40 ? 71  TYR B CD1 1 
ATOM   562  C CD2 . TYR A 1 65  ? -12.664 -4.942  -3.419  1.00 13.66 ? 71  TYR B CD2 1 
ATOM   563  C CE1 . TYR A 1 65  ? -10.782 -5.226  -5.436  1.00 14.00 ? 71  TYR B CE1 1 
ATOM   564  C CE2 . TYR A 1 65  ? -12.644 -4.057  -4.491  1.00 13.49 ? 71  TYR B CE2 1 
ATOM   565  C CZ  . TYR A 1 65  ? -11.726 -4.207  -5.504  1.00 14.10 ? 71  TYR B CZ  1 
ATOM   566  O OH  . TYR A 1 65  ? -11.692 -3.326  -6.539  1.00 15.71 ? 71  TYR B OH  1 
ATOM   567  N N   . TRP A 1 66  ? -9.967  -4.281  -1.041  1.00 11.84 ? 72  TRP B N   1 
ATOM   568  C CA  . TRP A 1 66  ? -10.167 -2.838  -0.757  1.00 12.27 ? 72  TRP B CA  1 
ATOM   569  C C   . TRP A 1 66  ? -9.660  -2.005  -1.934  1.00 12.04 ? 72  TRP B C   1 
ATOM   570  O O   . TRP A 1 66  ? -8.959  -2.523  -2.813  1.00 12.17 ? 72  TRP B O   1 
ATOM   571  C CB  . TRP A 1 66  ? -9.521  -2.406  0.586   1.00 12.02 ? 72  TRP B CB  1 
ATOM   572  C CG  . TRP A 1 66  ? -8.041  -2.551  0.687   1.00 11.62 ? 72  TRP B CG  1 
ATOM   573  C CD1 . TRP A 1 66  ? -7.088  -1.575  0.492   1.00 11.85 ? 72  TRP B CD1 1 
ATOM   574  C CD2 . TRP A 1 66  ? -7.288  -3.720  1.023   1.00 11.97 ? 72  TRP B CD2 1 
ATOM   575  N NE1 . TRP A 1 66  ? -5.831  -2.060  0.717   1.00 11.74 ? 72  TRP B NE1 1 
ATOM   576  C CE2 . TRP A 1 66  ? -5.915  -3.387  1.044   1.00 12.22 ? 72  TRP B CE2 1 
ATOM   577  C CE3 . TRP A 1 66  ? -7.655  -5.024  1.369   1.00 13.82 ? 72  TRP B CE3 1 
ATOM   578  C CZ2 . TRP A 1 66  ? -4.915  -4.289  1.356   1.00 12.46 ? 72  TRP B CZ2 1 
ATOM   579  C CZ3 . TRP A 1 66  ? -6.670  -5.931  1.671   1.00 15.37 ? 72  TRP B CZ3 1 
ATOM   580  C CH2 . TRP A 1 66  ? -5.318  -5.588  1.653   1.00 14.39 ? 72  TRP B CH2 1 
ATOM   581  N N   . GLU A 1 67  ? -10.029 -0.725  -1.927  1.00 11.96 ? 73  GLU B N   1 
ATOM   582  C CA  . GLU A 1 67  ? -9.669  0.218   -2.998  1.00 11.52 ? 73  GLU B CA  1 
ATOM   583  C C   . GLU A 1 67  ? -9.013  1.470   -2.434  1.00 11.06 ? 73  GLU B C   1 
ATOM   584  O O   . GLU A 1 67  ? -9.372  1.928   -1.364  1.00 11.97 ? 73  GLU B O   1 
ATOM   585  C CB  . GLU A 1 67  ? -10.888 0.614   -3.831  1.00 13.45 ? 73  GLU B CB  1 
ATOM   586  C CG  . GLU A 1 67  ? -11.419 -0.571  -4.636  1.00 15.75 ? 73  GLU B CG  1 
ATOM   587  C CD  . GLU A 1 67  ? -12.628 -0.306  -5.509  1.00 17.30 ? 73  GLU B CD  1 
ATOM   588  O OE1 . GLU A 1 67  ? -13.139 0.846   -5.464  1.00 23.85 ? 73  GLU B OE1 1 
ATOM   589  O OE2 . GLU A 1 67  ? -13.067 -1.248  -6.267  1.00 16.80 ? 73  GLU B OE2 1 
ATOM   590  N N   . VAL A 1 68  ? -8.050  1.961   -3.189  1.00 11.46 ? 74  VAL B N   1 
ATOM   591  C CA  . VAL A 1 68  ? -7.278  3.153   -2.815  1.00 11.03 ? 74  VAL B CA  1 
ATOM   592  C C   . VAL A 1 68  ? -7.296  4.151   -3.963  1.00 10.64 ? 74  VAL B C   1 
ATOM   593  O O   . VAL A 1 68  ? -6.955  3.808   -5.105  1.00 11.92 ? 74  VAL B O   1 
ATOM   594  C CB  . VAL A 1 68  ? -5.834  2.818   -2.424  1.00 10.80 ? 74  VAL B CB  1 
ATOM   595  C CG1 . VAL A 1 68  ? -5.148  4.051   -1.875  1.00 11.90 ? 74  VAL B CG1 1 
ATOM   596  C CG2 . VAL A 1 68  ? -5.768  1.638   -1.468  1.00 11.60 ? 74  VAL B CG2 1 
ATOM   597  N N   . ASP A 1 69  ? -7.573  5.416   -3.629  1.00 11.25 ? 75  ASP B N   1 
ATOM   598  C CA  . ASP A 1 69  ? -7.549  6.551   -4.580  1.00 12.31 ? 75  ASP B CA  1 
ATOM   599  C C   . ASP A 1 69  ? -6.138  7.117   -4.613  1.00 10.49 ? 75  ASP B C   1 
ATOM   600  O O   . ASP A 1 69  ? -5.583  7.456   -3.511  1.00 11.62 ? 75  ASP B O   1 
ATOM   601  C CB  . ASP A 1 69  ? -8.569  7.633   -4.202  1.00 13.74 ? 75  ASP B CB  1 
ATOM   602  C CG  . ASP A 1 69  ? -8.811  8.645   -5.305  1.00 15.68 ? 75  ASP B CG  1 
ATOM   603  O OD1 . ASP A 1 69  ? -7.908  9.285   -5.706  1.00 15.51 ? 75  ASP B OD1 1 
ATOM   604  O OD2 . ASP A 1 69  ? -9.891  8.595   -5.908  1.00 19.77 ? 75  ASP B OD2 1 
ATOM   605  N N   . VAL A 1 70  ? -5.542  7.250   -5.797  1.00 10.88 ? 76  VAL B N   1 
ATOM   606  C CA  . VAL A 1 70  ? -4.162  7.753   -6.040  1.00 11.77 ? 76  VAL B CA  1 
ATOM   607  C C   . VAL A 1 70  ? -4.167  8.992   -6.963  1.00 11.58 ? 76  VAL B C   1 
ATOM   608  O O   . VAL A 1 70  ? -3.132  9.306   -7.540  1.00 12.38 ? 76  VAL B O   1 
ATOM   609  C CB  . VAL A 1 70  ? -3.264  6.618   -6.599  1.00 11.52 ? 76  VAL B CB  1 
ATOM   610  C CG1 . VAL A 1 70  ? -3.139  5.419   -5.631  1.00 11.13 ? 76  VAL B CG1 1 
ATOM   611  C CG2 . VAL A 1 70  ? -3.708  6.105   -7.955  1.00 11.57 ? 76  VAL B CG2 1 
ATOM   612  N N   . THR A 1 71  ? -5.327  9.617   -7.127  1.00 12.54 ? 77  THR B N   1 
ATOM   613  C CA  . THR A 1 71  ? -5.504  10.741  -8.067  1.00 13.98 ? 77  THR B CA  1 
ATOM   614  C C   . THR A 1 71  ? -4.391  11.790  -7.894  1.00 13.78 ? 77  THR B C   1 
ATOM   615  O O   . THR A 1 71  ? -4.131  12.248  -6.783  1.00 14.23 ? 77  THR B O   1 
ATOM   616  C CB  . THR A 1 71  ? -6.869  11.396  -7.880  1.00 13.59 ? 77  THR B CB  1 
ATOM   617  O OG1 . THR A 1 71  ? -7.904  10.436  -8.117  1.00 16.02 ? 77  THR B OG1 1 
ATOM   618  C CG2 . THR A 1 71  ? -7.024  12.573  -8.825  1.00 15.56 ? 77  THR B CG2 1 
ATOM   619  N N   . GLN A 1 72  ? -3.761  12.143  -9.014  0.50 15.38 ? 78  GLN B N   1 
ATOM   620  C CA  . GLN A 1 72  ? -2.750  13.227  -9.191  0.50 15.33 ? 78  GLN B CA  1 
ATOM   621  C C   . GLN A 1 72  ? -1.538  13.045  -8.278  0.50 14.71 ? 78  GLN B C   1 
ATOM   622  O O   . GLN A 1 72  ? -0.829  14.044  -7.983  0.50 15.25 ? 78  GLN B O   1 
ATOM   623  C CB  . GLN A 1 72  ? -3.391  14.590  -8.983  0.50 17.19 ? 78  GLN B CB  1 
ATOM   624  C CG  . GLN A 1 72  ? -4.114  15.050  -10.232 0.50 17.74 ? 78  GLN B CG  1 
ATOM   625  C CD  . GLN A 1 72  ? -3.187  15.174  -11.418 0.50 18.25 ? 78  GLN B CD  1 
ATOM   626  O OE1 . GLN A 1 72  ? -3.259  14.401  -12.368 0.50 21.08 ? 78  GLN B OE1 1 
ATOM   627  N NE2 . GLN A 1 72  ? -2.289  16.137  -11.360 0.50 18.82 ? 78  GLN B NE2 1 
ATOM   628  N N   . LYS A 1 73  ? -1.236  11.807  -7.905  1.00 13.36 ? 79  LYS B N   1 
ATOM   629  C CA  . LYS A 1 73  ? 0.072   11.525  -7.314  1.00 12.24 ? 79  LYS B CA  1 
ATOM   630  C C   . LYS A 1 73  ? 1.110   11.154  -8.370  1.00 11.48 ? 79  LYS B C   1 
ATOM   631  O O   . LYS A 1 73  ? 0.765   10.455  -9.394  1.00 13.09 ? 79  LYS B O   1 
ATOM   632  C CB  . LYS A 1 73  ? -0.058  10.444  -6.254  1.00 12.09 ? 79  LYS B CB  1 
ATOM   633  C CG  . LYS A 1 73  ? -0.857  10.920  -5.031  1.00 12.30 ? 79  LYS B CG  1 
ATOM   634  C CD  . LYS A 1 73  ? -0.820  9.970   -3.865  1.00 12.81 ? 79  LYS B CD  1 
ATOM   635  C CE  . LYS A 1 73  ? 0.548   9.857   -3.238  1.00 11.89 ? 79  LYS B CE  1 
ATOM   636  N NZ  . LYS A 1 73  ? 1.143   11.170  -2.846  1.00 10.88 ? 79  LYS B NZ  1 
ATOM   637  N N   . GLU A 1 74  ? 2.348   11.530  -8.146  1.00 10.61 ? 80  GLU B N   1 
ATOM   638  C CA  . GLU A 1 74  ? 3.500   11.196  -8.996  1.00 10.52 ? 80  GLU B CA  1 
ATOM   639  C C   . GLU A 1 74  ? 4.242   9.959   -8.492  1.00 10.73 ? 80  GLU B C   1 
ATOM   640  O O   . GLU A 1 74  ? 5.008   9.365   -9.239  1.00 11.40 ? 80  GLU B O   1 
ATOM   641  C CB  . GLU A 1 74  ? 4.509   12.350  -9.000  1.00 11.78 ? 80  GLU B CB  1 
ATOM   642  C CG  . GLU A 1 74  ? 4.013   13.648  -9.614  1.00 12.57 ? 80  GLU B CG  1 
ATOM   643  C CD  . GLU A 1 74  ? 5.047   14.777  -9.487  1.00 12.67 ? 80  GLU B CD  1 
ATOM   644  O OE1 . GLU A 1 74  ? 4.856   15.781  -10.188 1.00 14.96 ? 80  GLU B OE1 1 
ATOM   645  O OE2 . GLU A 1 74  ? 6.015   14.628  -8.714  1.00 13.61 ? 80  GLU B OE2 1 
ATOM   646  N N   . ALA A 1 75  ? 4.075   9.570   -7.228  1.00 10.53 ? 81  ALA B N   1 
ATOM   647  C CA  . ALA A 1 75  ? 4.843   8.463   -6.647  1.00 10.52 ? 81  ALA B CA  1 
ATOM   648  C C   . ALA A 1 75  ? 4.043   7.919   -5.474  1.00 10.99 ? 81  ALA B C   1 
ATOM   649  O O   . ALA A 1 75  ? 3.514   8.707   -4.637  1.00 10.79 ? 81  ALA B O   1 
ATOM   650  C CB  . ALA A 1 75  ? 6.201   8.901   -6.190  1.00 11.28 ? 81  ALA B CB  1 
ATOM   651  N N   . TRP A 1 76  ? 4.058   6.586   -5.333  1.00 9.77  ? 82  TRP B N   1 
ATOM   652  C CA  . TRP A 1 76  ? 3.371   5.877   -4.216  1.00 9.63  ? 82  TRP B CA  1 
ATOM   653  C C   . TRP A 1 76  ? 3.737   4.407   -4.313  1.00 10.31 ? 82  TRP B C   1 
ATOM   654  O O   . TRP A 1 76  ? 4.124   3.925   -5.381  1.00 10.47 ? 82  TRP B O   1 
ATOM   655  C CB  . TRP A 1 76  ? 1.848   6.068   -4.239  1.00 10.37 ? 82  TRP B CB  1 
ATOM   656  C CG  . TRP A 1 76  ? 1.168   5.828   -5.550  1.00 10.62 ? 82  TRP B CG  1 
ATOM   657  C CD1 . TRP A 1 76  ? 0.795   6.769   -6.457  1.00 10.89 ? 82  TRP B CD1 1 
ATOM   658  C CD2 . TRP A 1 76  ? 0.825   4.562   -6.179  1.00 11.01 ? 82  TRP B CD2 1 
ATOM   659  N NE1 . TRP A 1 76  ? 0.177   6.212   -7.534  1.00 10.79 ? 82  TRP B NE1 1 
ATOM   660  C CE2 . TRP A 1 76  ? 0.219   4.843   -7.410  1.00 11.04 ? 82  TRP B CE2 1 
ATOM   661  C CE3 . TRP A 1 76  ? 0.951   3.202   -5.799  1.00 11.46 ? 82  TRP B CE3 1 
ATOM   662  C CZ2 . TRP A 1 76  ? -0.291  3.873   -8.272  1.00 11.19 ? 82  TRP B CZ2 1 
ATOM   663  C CZ3 . TRP A 1 76  ? 0.479   2.222   -6.663  1.00 11.63 ? 82  TRP B CZ3 1 
ATOM   664  C CH2 . TRP A 1 76  ? -0.136  2.568   -7.874  1.00 12.16 ? 82  TRP B CH2 1 
ATOM   665  N N   . ASP A 1 77  ? 3.568   3.705   -3.195  1.00 9.77  ? 83  ASP B N   1 
ATOM   666  C CA  . ASP A 1 77  ? 3.631   2.214   -3.136  1.00 9.67  ? 83  ASP B CA  1 
ATOM   667  C C   . ASP A 1 77  ? 2.326   1.734   -2.478  1.00 9.41  ? 83  ASP B C   1 
ATOM   668  O O   . ASP A 1 77  ? 1.882   2.380   -1.499  1.00 9.55  ? 83  ASP B O   1 
ATOM   669  C CB  . ASP A 1 77  ? 4.803   1.671   -2.335  1.00 11.09 ? 83  ASP B CB  1 
ATOM   670  C CG  . ASP A 1 77  ? 6.149   2.322   -2.522  1.00 12.53 ? 83  ASP B CG  1 
ATOM   671  O OD1 . ASP A 1 77  ? 6.396   2.686   -3.640  1.00 16.10 ? 83  ASP B OD1 1 
ATOM   672  O OD2 . ASP A 1 77  ? 6.921   2.421   -1.537  1.00 14.82 ? 83  ASP B OD2 1 
ATOM   673  N N   . LEU A 1 78  ? 1.749   0.624   -2.940  1.00 8.77  ? 84  LEU B N   1 
ATOM   674  C CA  . LEU A 1 78  ? 0.543   0.037   -2.319  1.00 9.18  ? 84  LEU B CA  1 
ATOM   675  C C   . LEU A 1 78  ? 0.678   -1.478  -2.300  1.00 9.16  ? 84  LEU B C   1 
ATOM   676  O O   . LEU A 1 78  ? 1.175   -2.074  -3.247  1.00 9.43  ? 84  LEU B O   1 
ATOM   677  C CB  . LEU A 1 78  ? -0.694  0.404   -3.127  1.00 9.73  ? 84  LEU B CB  1 
ATOM   678  C CG  . LEU A 1 78  ? -1.189  1.835   -3.053  1.00 10.82 ? 84  LEU B CG  1 
ATOM   679  C CD1 . LEU A 1 78  ? -2.330  2.048   -4.029  1.00 11.68 ? 84  LEU B CD1 1 
ATOM   680  C CD2 . LEU A 1 78  ? -1.599  2.189   -1.651  1.00 11.40 ? 84  LEU B CD2 1 
ATOM   681  N N   . GLY A 1 79  ? 0.086   -2.076  -1.278  1.00 8.55  ? 85  GLY B N   1 
ATOM   682  C CA  . GLY A 1 79  ? -0.120  -3.542  -1.290  1.00 9.37  ? 85  GLY B CA  1 
ATOM   683  C C   . GLY A 1 79  ? -0.402  -4.040  0.115   1.00 8.55  ? 85  GLY B C   1 
ATOM   684  O O   . GLY A 1 79  ? -1.213  -3.445  0.860   1.00 9.25  ? 85  GLY B O   1 
ATOM   685  N N   A VAL A 1 80  ? 0.246   -5.155  0.451   0.25 8.87  ? 86  VAL B N   1 
ATOM   686  N N   B VAL A 1 80  ? 0.294   -5.097  0.491   0.25 9.19  ? 86  VAL B N   1 
ATOM   687  C CA  A VAL A 1 80  ? 0.200   -5.761  1.811   0.25 8.97  ? 86  VAL B CA  1 
ATOM   688  C CA  B VAL A 1 80  ? 0.064   -5.773  1.792   0.25 9.48  ? 86  VAL B CA  1 
ATOM   689  C C   A VAL A 1 80  ? 1.610   -6.106  2.257   0.25 9.27  ? 86  VAL B C   1 
ATOM   690  C C   B VAL A 1 80  ? 1.444   -6.280  2.240   0.25 9.59  ? 86  VAL B C   1 
ATOM   691  O O   A VAL A 1 80  ? 2.549   -6.217  1.449   0.25 9.26  ? 86  VAL B O   1 
ATOM   692  O O   B VAL A 1 80  ? 2.263   -6.561  1.369   0.25 9.83  ? 86  VAL B O   1 
ATOM   693  C CB  A VAL A 1 80  ? -0.642  -7.045  1.900   0.25 9.02  ? 86  VAL B CB  1 
ATOM   694  C CB  B VAL A 1 80  ? -1.006  -6.873  1.608   0.25 10.24 ? 86  VAL B CB  1 
ATOM   695  C CG1 A VAL A 1 80  ? -2.102  -6.707  1.718   0.25 9.04  ? 86  VAL B CG1 1 
ATOM   696  C CG1 B VAL A 1 80  ? -0.499  -8.027  0.759   0.25 10.15 ? 86  VAL B CG1 1 
ATOM   697  C CG2 A VAL A 1 80  ? -0.186  -8.117  0.915   0.25 9.04  ? 86  VAL B CG2 1 
ATOM   698  C CG2 B VAL A 1 80  ? -1.571  -7.374  2.918   0.25 10.48 ? 86  VAL B CG2 1 
ATOM   699  N N   . CYS A 1 81  ? 1.733   -6.343  3.550   1.00 9.57  ? 87  CYS B N   1 
ATOM   700  C CA  . CYS A 1 81  ? 3.007   -6.793  4.069   1.00 10.61 ? 87  CYS B CA  1 
ATOM   701  C C   . CYS A 1 81  ? 2.797   -7.627  5.324   1.00 10.07 ? 87  CYS B C   1 
ATOM   702  O O   . CYS A 1 81  ? 1.734   -7.560  5.968   1.00 10.08 ? 87  CYS B O   1 
ATOM   703  C CB  . CYS A 1 81  ? 3.918   -5.608  4.372   1.00 11.44 ? 87  CYS B CB  1 
ATOM   704  S SG  . CYS A 1 81  ? 3.361   -4.493  5.686   1.00 11.31 ? 87  CYS B SG  1 
ATOM   705  N N   A ARG A 1 82  ? 3.823   -8.380  5.679   0.25 10.50 ? 88  ARG B N   1 
ATOM   706  N N   B ARG A 1 82  ? 3.817   -8.409  5.671   0.25 9.40  ? 88  ARG B N   1 
ATOM   707  C CA  A ARG A 1 82  ? 3.792   -9.083  6.978   0.25 11.54 ? 88  ARG B CA  1 
ATOM   708  C CA  B ARG A 1 82  ? 3.817   -9.175  6.948   0.25 9.68  ? 88  ARG B CA  1 
ATOM   709  C C   A ARG A 1 82  ? 3.681   -8.075  8.118   0.25 10.87 ? 88  ARG B C   1 
ATOM   710  C C   B ARG A 1 82  ? 3.809   -8.187  8.130   0.25 10.01 ? 88  ARG B C   1 
ATOM   711  O O   A ARG A 1 82  ? 4.208   -6.953  8.057   0.25 10.38 ? 88  ARG B O   1 
ATOM   712  O O   B ARG A 1 82  ? 4.545   -7.163  8.077   0.25 10.18 ? 88  ARG B O   1 
ATOM   713  C CB  A ARG A 1 82  ? 5.061   -9.899  7.167   0.25 13.12 ? 88  ARG B CB  1 
ATOM   714  C CB  B ARG A 1 82  ? 5.047   -10.086 7.010   0.25 9.60  ? 88  ARG B CB  1 
ATOM   715  C CG  A ARG A 1 82  ? 5.174   -10.993 6.129   0.25 15.07 ? 88  ARG B CG  1 
ATOM   716  C CG  B ARG A 1 82  ? 4.948   -11.198 8.046   0.25 9.29  ? 88  ARG B CG  1 
ATOM   717  C CD  A ARG A 1 82  ? 6.358   -11.888 6.398   0.25 17.10 ? 88  ARG B CD  1 
ATOM   718  C CD  B ARG A 1 82  ? 6.175   -12.079 8.119   0.25 9.23  ? 88  ARG B CD  1 
ATOM   719  N NE  A ARG A 1 82  ? 6.575   -12.826 5.307   0.25 17.45 ? 88  ARG B NE  1 
ATOM   720  N NE  B ARG A 1 82  ? 6.394   -12.740 6.850   0.25 8.89  ? 88  ARG B NE  1 
ATOM   721  C CZ  A ARG A 1 82  ? 7.759   -13.121 4.821   0.25 18.18 ? 88  ARG B CZ  1 
ATOM   722  C CZ  B ARG A 1 82  ? 7.473   -12.591 6.086   0.25 8.65  ? 88  ARG B CZ  1 
ATOM   723  N NH1 A ARG A 1 82  ? 8.832   -12.542 5.324   0.25 19.11 ? 88  ARG B NH1 1 
ATOM   724  N NH1 B ARG A 1 82  ? 8.524   -11.933 6.510   0.25 9.64  ? 88  ARG B NH1 1 
ATOM   725  N NH2 A ARG A 1 82  ? 7.859   -13.993 3.839   0.25 19.85 ? 88  ARG B NH2 1 
ATOM   726  N NH2 B ARG A 1 82  ? 7.503   -13.164 4.900   0.25 8.76  ? 88  ARG B NH2 1 
ATOM   727  N N   . ASP A 1 83  ? 3.050   -8.508  9.191   1.00 11.15 ? 89  ASP B N   1 
ATOM   728  C CA  . ASP A 1 83  ? 2.998   -7.642  10.385  1.00 11.96 ? 89  ASP B CA  1 
ATOM   729  C C   . ASP A 1 83  ? 4.412   -7.363  10.884  1.00 13.19 ? 89  ASP B C   1 
ATOM   730  O O   . ASP A 1 83  ? 4.610   -6.268  11.462  1.00 15.52 ? 89  ASP B O   1 
ATOM   731  C CB  . ASP A 1 83  ? 2.156   -8.322  11.468  1.00 12.96 ? 89  ASP B CB  1 
ATOM   732  C CG  . ASP A 1 83  ? 2.617   -9.657  11.991  1.00 13.89 ? 89  ASP B CG  1 
ATOM   733  O OD1 . ASP A 1 83  ? 3.506   -10.288 11.413  1.00 15.22 ? 89  ASP B OD1 1 
ATOM   734  O OD2 . ASP A 1 83  ? 1.974   -10.068 13.022  1.00 16.78 ? 89  ASP B OD2 1 
ATOM   735  N N   . SER A 1 84  ? 5.387   -8.253  10.708  1.00 11.77 ? 90  SER B N   1 
ATOM   736  C CA  . SER A 1 84  ? 6.719   -8.075  11.319  1.00 13.38 ? 90  SER B CA  1 
ATOM   737  C C   . SER A 1 84  ? 7.777   -7.532  10.364  1.00 12.03 ? 90  SER B C   1 
ATOM   738  O O   . SER A 1 84  ? 8.954   -7.683  10.627  1.00 13.70 ? 90  SER B O   1 
ATOM   739  C CB  . SER A 1 84  ? 7.145   -9.383  11.885  1.00 14.73 ? 90  SER B CB  1 
ATOM   740  O OG  . SER A 1 84  ? 7.182   -10.362 10.890  1.00 14.87 ? 90  SER B OG  1 
ATOM   741  N N   . VAL A 1 85  ? 7.361   -6.841  9.298   1.00 11.52 ? 91  VAL B N   1 
ATOM   742  C CA  . VAL A 1 85  ? 8.371   -6.194  8.425   1.00 11.97 ? 91  VAL B CA  1 
ATOM   743  C C   . VAL A 1 85  ? 9.215   -5.209  9.256   1.00 11.48 ? 91  VAL B C   1 
ATOM   744  O O   . VAL A 1 85  ? 8.726   -4.567  10.192  1.00 12.57 ? 91  VAL B O   1 
ATOM   745  C CB  . VAL A 1 85  ? 7.767   -5.473  7.204   1.00 11.78 ? 91  VAL B CB  1 
ATOM   746  C CG1 . VAL A 1 85  ? 7.163   -6.495  6.240   1.00 11.74 ? 91  VAL B CG1 1 
ATOM   747  C CG2 . VAL A 1 85  ? 6.794   -4.394  7.575   1.00 11.54 ? 91  VAL B CG2 1 
ATOM   748  N N   . GLN A 1 86  ? 10.449  -5.088  8.812   1.00 12.83 ? 92  GLN B N   1 
ATOM   749  C CA  . GLN A 1 86  ? 11.407  -4.051  9.299   1.00 13.99 ? 92  GLN B CA  1 
ATOM   750  C C   . GLN A 1 86  ? 10.769  -2.658  9.199   1.00 13.50 ? 92  GLN B C   1 
ATOM   751  O O   . GLN A 1 86  ? 10.144  -2.328  8.192   1.00 14.42 ? 92  GLN B O   1 
ATOM   752  C CB  . GLN A 1 86  ? 12.642  -4.128  8.400   1.00 16.75 ? 92  GLN B CB  1 
ATOM   753  C CG  . GLN A 1 86  ? 13.786  -3.160  8.718   1.00 19.27 ? 92  GLN B CG  1 
ATOM   754  C CD  . GLN A 1 86  ? 14.932  -3.287  7.718   1.00 21.19 ? 92  GLN B CD  1 
ATOM   755  O OE1 . GLN A 1 86  ? 15.074  -4.262  6.959   1.00 22.92 ? 92  GLN B OE1 1 
ATOM   756  N NE2 . GLN A 1 86  ? 15.805  -2.288  7.677   1.00 23.54 ? 92  GLN B NE2 1 
ATOM   757  N N   . ARG A 1 87  ? 11.004  -1.816  10.211  1.00 12.77 ? 93  ARG B N   1 
ATOM   758  C CA  . ARG A 1 87  ? 10.446  -0.442  10.289  1.00 12.44 ? 93  ARG B CA  1 
ATOM   759  C C   . ARG A 1 87  ? 11.583  0.575   10.153  1.00 13.25 ? 93  ARG B C   1 
ATOM   760  O O   . ARG A 1 87  ? 11.306  1.687   9.659   1.00 13.99 ? 93  ARG B O   1 
ATOM   761  C CB  . ARG A 1 87  ? 9.704   -0.197  11.584  1.00 13.67 ? 93  ARG B CB  1 
ATOM   762  C CG  . ARG A 1 87  ? 8.607   -1.206  11.903  1.00 12.95 ? 93  ARG B CG  1 
ATOM   763  C CD  . ARG A 1 87  ? 7.558   -1.355  10.777  1.00 12.99 ? 93  ARG B CD  1 
ATOM   764  N NE  . ARG A 1 87  ? 6.688   -2.505  11.071  1.00 14.00 ? 93  ARG B NE  1 
ATOM   765  C CZ  . ARG A 1 87  ? 5.636   -2.439  11.846  1.00 13.20 ? 93  ARG B CZ  1 
ATOM   766  N NH1 . ARG A 1 87  ? 5.289   -1.302  12.418  1.00 14.61 ? 93  ARG B NH1 1 
ATOM   767  N NH2 . ARG A 1 87  ? 4.960   -3.540  12.119  1.00 15.85 ? 93  ARG B NH2 1 
ATOM   768  N N   . LYS A 1 88  ? 12.785  0.277   10.634  1.00 13.49 ? 94  LYS B N   1 
ATOM   769  C CA  . LYS A 1 88  ? 13.885  1.270   10.753  1.00 13.71 ? 94  LYS B CA  1 
ATOM   770  C C   . LYS A 1 88  ? 14.931  1.022   9.698   1.00 15.49 ? 94  LYS B C   1 
ATOM   771  O O   . LYS A 1 88  ? 15.255  -0.160  9.437   1.00 17.20 ? 94  LYS B O   1 
ATOM   772  C CB  . LYS A 1 88  ? 14.518  1.205   12.145  1.00 15.00 ? 94  LYS B CB  1 
ATOM   773  C CG  . LYS A 1 88  ? 13.547  1.324   13.285  1.00 16.42 ? 94  LYS B CG  1 
ATOM   774  C CD  . LYS A 1 88  ? 12.707  2.604   13.227  1.00 16.48 ? 94  LYS B CD  1 
ATOM   775  C CE  . LYS A 1 88  ? 11.826  2.726   14.427  1.00 17.18 ? 94  LYS B CE  1 
ATOM   776  N NZ  . LYS A 1 88  ? 11.003  3.968   14.406  1.00 18.69 ? 94  LYS B NZ  1 
ATOM   777  N N   . GLY A 1 89  ? 15.517  2.078   9.150   1.00 15.90 ? 95  GLY B N   1 
ATOM   778  C CA  . GLY A 1 89  ? 16.610  1.970   8.190   1.00 15.90 ? 95  GLY B CA  1 
ATOM   779  C C   . GLY A 1 89  ? 16.156  1.713   6.773   1.00 17.89 ? 95  GLY B C   1 
ATOM   780  O O   . GLY A 1 89  ? 14.899  1.799   6.496   1.00 18.36 ? 95  GLY B O   1 
ATOM   781  N N   . GLN A 1 90  ? 17.094  1.359   5.924   1.00 19.30 ? 96  GLN B N   1 
ATOM   782  C CA  . GLN A 1 90  ? 16.867  1.167   4.481   1.00 20.90 ? 96  GLN B CA  1 
ATOM   783  C C   . GLN A 1 90  ? 16.513  -0.281  4.189   1.00 19.98 ? 96  GLN B C   1 
ATOM   784  O O   . GLN A 1 90  ? 17.022  -1.181  4.834   1.00 20.41 ? 96  GLN B O   1 
ATOM   785  C CB  . GLN A 1 90  ? 18.117  1.578   3.701   1.00 23.48 ? 96  GLN B CB  1 
ATOM   786  C CG  . GLN A 1 90  ? 18.382  3.055   3.874   1.00 31.16 ? 96  GLN B CG  1 
ATOM   787  C CD  . GLN A 1 90  ? 19.756  3.476   3.436   1.00 39.23 ? 96  GLN B CD  1 
ATOM   788  O OE1 . GLN A 1 90  ? 19.930  3.973   2.326   1.00 48.89 ? 96  GLN B OE1 1 
ATOM   789  N NE2 . GLN A 1 90  ? 20.723  3.295   4.328   1.00 42.61 ? 96  GLN B NE2 1 
ATOM   790  N N   . PHE A 1 91  ? 15.557  -0.477  3.288   1.00 16.23 ? 97  PHE B N   1 
ATOM   791  C CA  . PHE A 1 91  ? 15.171  -1.827  2.839   1.00 16.02 ? 97  PHE B CA  1 
ATOM   792  C C   . PHE A 1 91  ? 14.459  -1.711  1.505   1.00 15.75 ? 97  PHE B C   1 
ATOM   793  O O   . PHE A 1 91  ? 13.935  -0.656  1.158   1.00 17.54 ? 97  PHE B O   1 
ATOM   794  C CB  . PHE A 1 91  ? 14.252  -2.522  3.847   1.00 15.76 ? 97  PHE B CB  1 
ATOM   795  C CG  . PHE A 1 91  ? 13.027  -1.730  4.213   1.00 14.70 ? 97  PHE B CG  1 
ATOM   796  C CD1 . PHE A 1 91  ? 11.868  -1.821  3.447   1.00 15.71 ? 97  PHE B CD1 1 
ATOM   797  C CD2 . PHE A 1 91  ? 13.001  -0.925  5.339   1.00 15.31 ? 97  PHE B CD2 1 
ATOM   798  C CE1 . PHE A 1 91  ? 10.727  -1.119  3.790   1.00 15.26 ? 97  PHE B CE1 1 
ATOM   799  C CE2 . PHE A 1 91  ? 11.851  -0.231  5.693   1.00 15.02 ? 97  PHE B CE2 1 
ATOM   800  C CZ  . PHE A 1 91  ? 10.720  -0.330  4.909   1.00 15.21 ? 97  PHE B CZ  1 
ATOM   801  N N   A SER A 1 92  ? 14.478  -2.783  0.721   0.25 16.35 ? 98  SER B N   1 
ATOM   802  N N   B SER A 1 92  ? 14.484  -2.817  0.765   0.25 15.68 ? 98  SER B N   1 
ATOM   803  C CA  A SER A 1 92  ? 13.724  -2.860  -0.556  0.25 16.20 ? 98  SER B CA  1 
ATOM   804  C CA  B SER A 1 92  ? 13.760  -3.008  -0.515  0.25 15.32 ? 98  SER B CA  1 
ATOM   805  C C   A SER A 1 92  ? 12.393  -3.577  -0.325  0.25 14.54 ? 98  SER B C   1 
ATOM   806  C C   B SER A 1 92  ? 12.350  -3.533  -0.232  0.25 13.98 ? 98  SER B C   1 
ATOM   807  O O   A SER A 1 92  ? 12.317  -4.519  0.489   0.25 13.81 ? 98  SER B O   1 
ATOM   808  O O   B SER A 1 92  ? 12.156  -4.273  0.776   0.25 13.21 ? 98  SER B O   1 
ATOM   809  C CB  A SER A 1 92  ? 14.492  -3.555  -1.628  0.25 18.74 ? 98  SER B CB  1 
ATOM   810  C CB  B SER A 1 92  ? 14.508  -3.952  -1.417  0.25 16.58 ? 98  SER B CB  1 
ATOM   811  O OG  A SER A 1 92  ? 14.944  -4.806  -1.148  0.25 22.09 ? 98  SER B OG  1 
ATOM   812  O OG  B SER A 1 92  ? 15.760  -3.390  -1.802  0.25 18.89 ? 98  SER B OG  1 
ATOM   813  N N   . LEU A 1 93  ? 11.393  -3.158  -1.086  1.00 13.31 ? 99  LEU B N   1 
ATOM   814  C CA  . LEU A 1 93  ? 10.061  -3.787  -1.082  1.00 13.16 ? 99  LEU B CA  1 
ATOM   815  C C   . LEU A 1 93  ? 10.145  -5.035  -1.942  1.00 13.70 ? 99  LEU B C   1 
ATOM   816  O O   . LEU A 1 93  ? 10.197  -4.992  -3.171  1.00 15.54 ? 99  LEU B O   1 
ATOM   817  C CB  . LEU A 1 93  ? 9.027   -2.821  -1.630  1.00 13.62 ? 99  LEU B CB  1 
ATOM   818  C CG  . LEU A 1 93  ? 8.815   -1.544  -0.838  1.00 15.36 ? 99  LEU B CG  1 
ATOM   819  C CD1 . LEU A 1 93  ? 7.789   -0.645  -1.520  1.00 15.77 ? 99  LEU B CD1 1 
ATOM   820  C CD2 . LEU A 1 93  ? 8.364   -1.831  0.582   1.00 16.70 ? 99  LEU B CD2 1 
ATOM   821  N N   . SER A 1 94  ? 10.130  -6.214  -1.311  1.00 12.36 ? 100 SER B N   1 
ATOM   822  C CA  . SER A 1 94  ? 10.234  -7.509  -2.008  1.00 12.57 ? 100 SER B CA  1 
ATOM   823  C C   . SER A 1 94  ? 9.504   -8.562  -1.191  1.00 11.60 ? 100 SER B C   1 
ATOM   824  O O   . SER A 1 94  ? 9.461   -8.431  0.029   1.00 11.79 ? 100 SER B O   1 
ATOM   825  C CB  . SER A 1 94  ? 11.673  -7.950  -2.209  1.00 13.78 ? 100 SER B CB  1 
ATOM   826  O OG  . SER A 1 94  ? 12.293  -8.186  -0.955  1.00 17.09 ? 100 SER B OG  1 
ATOM   827  N N   . PRO A 1 95  ? 9.067   -9.658  -1.782  1.00 11.59 ? 101 PRO B N   1 
ATOM   828  C CA  . PRO A 1 95  ? 8.522   -10.758 -0.990  1.00 12.75 ? 101 PRO B CA  1 
ATOM   829  C C   . PRO A 1 95  ? 9.537   -11.330 0.004   1.00 13.06 ? 101 PRO B C   1 
ATOM   830  O O   . PRO A 1 95  ? 9.113   -11.670 1.129   1.00 12.69 ? 101 PRO B O   1 
ATOM   831  C CB  . PRO A 1 95  ? 8.103   -11.790 -2.054  1.00 13.41 ? 101 PRO B CB  1 
ATOM   832  C CG  . PRO A 1 95  ? 7.789   -10.905 -3.266  1.00 13.85 ? 101 PRO B CG  1 
ATOM   833  C CD  . PRO A 1 95  ? 8.882   -9.855  -3.222  1.00 13.26 ? 101 PRO B CD  1 
ATOM   834  N N   . GLU A 1 96  ? 10.815  -11.352 -0.330  1.00 13.28 ? 102 GLU B N   1 
ATOM   835  C CA  . GLU A 1 96  ? 11.845  -11.848 0.620   1.00 15.68 ? 102 GLU B CA  1 
ATOM   836  C C   . GLU A 1 96  ? 11.826  -11.012 1.896   1.00 14.89 ? 102 GLU B C   1 
ATOM   837  O O   . GLU A 1 96  ? 12.142  -11.530 2.994   1.00 15.99 ? 102 GLU B O   1 
ATOM   838  C CB  . GLU A 1 96  ? 13.214  -11.837 -0.052  1.00 19.05 ? 102 GLU B CB  1 
ATOM   839  C CG  . GLU A 1 96  ? 13.258  -12.589 -1.365  1.00 27.75 ? 102 GLU B CG  1 
ATOM   840  C CD  . GLU A 1 96  ? 13.124  -11.764 -2.649  1.00 32.61 ? 102 GLU B CD  1 
ATOM   841  O OE1 . GLU A 1 96  ? 11.954  -11.480 -3.124  1.00 23.18 ? 102 GLU B OE1 1 
ATOM   842  O OE2 . GLU A 1 96  ? 14.222  -11.472 -3.239  1.00 41.73 ? 102 GLU B OE2 1 
ATOM   843  N N   . ASN A 1 97  ? 11.517  -9.722  1.809   1.00 13.23 ? 103 ASN B N   1 
ATOM   844  C CA  . ASN A 1 97  ? 11.465  -8.828  2.981   1.00 13.14 ? 103 ASN B CA  1 
ATOM   845  C C   . ASN A 1 97  ? 10.050  -8.735  3.539   1.00 12.10 ? 103 ASN B C   1 
ATOM   846  O O   . ASN A 1 97  ? 9.826   -7.983  4.493   1.00 13.10 ? 103 ASN B O   1 
ATOM   847  C CB  . ASN A 1 97  ? 11.994  -7.425  2.642   1.00 14.06 ? 103 ASN B CB  1 
ATOM   848  C CG  . ASN A 1 97  ? 13.482  -7.384  2.468   1.00 16.21 ? 103 ASN B CG  1 
ATOM   849  O OD1 . ASN A 1 97  ? 14.195  -8.294  2.930   1.00 17.76 ? 103 ASN B OD1 1 
ATOM   850  N ND2 . ASN A 1 97  ? 13.957  -6.394  1.716   1.00 17.22 ? 103 ASN B ND2 1 
ATOM   851  N N   . GLY A 1 98  ? 9.069   -9.477  3.031   1.00 11.03 ? 104 GLY B N   1 
ATOM   852  C CA  . GLY A 1 98  ? 7.717   -9.502  3.583   1.00 10.86 ? 104 GLY B CA  1 
ATOM   853  C C   . GLY A 1 98  ? 6.744   -8.493  2.982   1.00 10.03 ? 104 GLY B C   1 
ATOM   854  O O   . GLY A 1 98  ? 5.756   -8.162  3.618   1.00 10.37 ? 104 GLY B O   1 
ATOM   855  N N   . PHE A 1 99  ? 6.985   -8.071  1.722   1.00 10.61 ? 105 PHE B N   1 
ATOM   856  C CA  . PHE A 1 99  ? 6.107   -7.091  1.027   1.00 9.78  ? 105 PHE B CA  1 
ATOM   857  C C   . PHE A 1 99  ? 5.574   -7.631  -0.302  1.00 8.93  ? 105 PHE B C   1 
ATOM   858  O O   . PHE A 1 99  ? 6.420   -8.155  -1.061  1.00 10.84 ? 105 PHE B O   1 
ATOM   859  C CB  . PHE A 1 99  ? 6.827   -5.771  0.735   1.00 9.77  ? 105 PHE B CB  1 
ATOM   860  C CG  . PHE A 1 99  ? 7.332   -5.047  1.964   1.00 9.47  ? 105 PHE B CG  1 
ATOM   861  C CD1 . PHE A 1 99  ? 8.608   -5.295  2.474   1.00 10.40 ? 105 PHE B CD1 1 
ATOM   862  C CD2 . PHE A 1 99  ? 6.580   -4.080  2.599   1.00 10.21 ? 105 PHE B CD2 1 
ATOM   863  C CE1 . PHE A 1 99  ? 9.087   -4.612  3.592   1.00 10.99 ? 105 PHE B CE1 1 
ATOM   864  C CE2 . PHE A 1 99  ? 7.053   -3.422  3.715   1.00 11.12 ? 105 PHE B CE2 1 
ATOM   865  C CZ  . PHE A 1 99  ? 8.302   -3.672  4.184   1.00 10.83 ? 105 PHE B CZ  1 
ATOM   866  N N   . TRP A 1 100 ? 4.298   -7.410  -0.578  1.00 8.72  ? 106 TRP B N   1 
ATOM   867  C CA  . TRP A 1 100 ? 3.654   -7.728  -1.876  1.00 8.93  ? 106 TRP B CA  1 
ATOM   868  C C   . TRP A 1 100 ? 2.990   -6.437  -2.358  1.00 8.07  ? 106 TRP B C   1 
ATOM   869  O O   . TRP A 1 100 ? 1.912   -6.083  -1.905  1.00 9.25  ? 106 TRP B O   1 
ATOM   870  C CB  . TRP A 1 100 ? 2.674   -8.907  -1.767  1.00 9.23  ? 106 TRP B CB  1 
ATOM   871  C CG  . TRP A 1 100 ? 3.386   -10.163 -1.342  1.00 9.22  ? 106 TRP B CG  1 
ATOM   872  C CD1 . TRP A 1 100 ? 3.885   -11.145 -2.148  1.00 10.75 ? 106 TRP B CD1 1 
ATOM   873  C CD2 . TRP A 1 100 ? 3.733   -10.564 0.010   1.00 9.90  ? 106 TRP B CD2 1 
ATOM   874  N NE1 . TRP A 1 100 ? 4.573   -12.085 -1.401  1.00 10.62 ? 106 TRP B NE1 1 
ATOM   875  C CE2 . TRP A 1 100 ? 4.461   -11.758 -0.079  1.00 10.31 ? 106 TRP B CE2 1 
ATOM   876  C CE3 . TRP A 1 100 ? 3.499   -10.026 1.273   1.00 9.95  ? 106 TRP B CE3 1 
ATOM   877  C CZ2 . TRP A 1 100 ? 4.987   -12.400 1.058   1.00 11.21 ? 106 TRP B CZ2 1 
ATOM   878  C CZ3 . TRP A 1 100 ? 4.006   -10.678 2.390   1.00 11.56 ? 106 TRP B CZ3 1 
ATOM   879  C CH2 . TRP A 1 100 ? 4.757   -11.810 2.269   1.00 11.91 ? 106 TRP B CH2 1 
ATOM   880  N N   . THR A 1 101 ? 3.695   -5.725  -3.264  1.00 8.79  ? 107 THR B N   1 
ATOM   881  C CA  . THR A 1 101 ? 3.384   -4.301  -3.552  1.00 9.18  ? 107 THR B CA  1 
ATOM   882  C C   . THR A 1 101 ? 3.554   -4.012  -5.054  1.00 8.87  ? 107 THR B C   1 
ATOM   883  O O   . THR A 1 101 ? 4.300   -4.710  -5.753  1.00 9.25  ? 107 THR B O   1 
ATOM   884  C CB  . THR A 1 101 ? 4.283   -3.335  -2.771  1.00 9.97  ? 107 THR B CB  1 
ATOM   885  O OG1 . THR A 1 101 ? 5.641   -3.484  -3.139  1.00 10.55 ? 107 THR B OG1 1 
ATOM   886  C CG2 . THR A 1 101 ? 4.089   -3.482  -1.273  1.00 10.14 ? 107 THR B CG2 1 
ATOM   887  N N   . ILE A 1 102 ? 2.900   -2.944  -5.486  1.00 9.13  ? 108 ILE B N   1 
ATOM   888  C CA  . ILE A 1 102 ? 3.218   -2.278  -6.787  1.00 9.19  ? 108 ILE B CA  1 
ATOM   889  C C   . ILE A 1 102 ? 3.488   -0.811  -6.458  1.00 8.97  ? 108 ILE B C   1 
ATOM   890  O O   . ILE A 1 102 ? 3.113   -0.301  -5.367  1.00 9.39  ? 108 ILE B O   1 
ATOM   891  C CB  . ILE A 1 102 ? 2.083   -2.446  -7.820  1.00 9.75  ? 108 ILE B CB  1 
ATOM   892  C CG1 . ILE A 1 102 ? 0.805   -1.710  -7.414  1.00 10.83 ? 108 ILE B CG1 1 
ATOM   893  C CG2 . ILE A 1 102 ? 1.828   -3.937  -8.062  1.00 10.24 ? 108 ILE B CG2 1 
ATOM   894  C CD1 . ILE A 1 102 ? -0.271  -1.619  -8.512  1.00 11.12 ? 108 ILE B CD1 1 
ATOM   895  N N   . TRP A 1 103 ? 4.012   -0.108  -7.446  1.00 9.78  ? 109 TRP B N   1 
ATOM   896  C CA  . TRP A 1 103 ? 4.306   1.329   -7.265  1.00 9.90  ? 109 TRP B CA  1 
ATOM   897  C C   . TRP A 1 103 ? 4.258   2.094   -8.557  1.00 10.46 ? 109 TRP B C   1 
ATOM   898  O O   . TRP A 1 103 ? 4.373   1.516   -9.664  1.00 10.50 ? 109 TRP B O   1 
ATOM   899  C CB  . TRP A 1 103 ? 5.607   1.561   -6.560  1.00 12.49 ? 109 TRP B CB  1 
ATOM   900  C CG  . TRP A 1 103 ? 6.803   1.056   -7.245  1.00 14.11 ? 109 TRP B CG  1 
ATOM   901  C CD1 . TRP A 1 103 ? 7.451   1.636   -8.293  1.00 14.62 ? 109 TRP B CD1 1 
ATOM   902  C CD2 . TRP A 1 103 ? 7.641   0.000   -6.774  1.00 14.64 ? 109 TRP B CD2 1 
ATOM   903  N NE1 . TRP A 1 103 ? 8.615   0.981   -8.529  1.00 18.01 ? 109 TRP B NE1 1 
ATOM   904  C CE2 . TRP A 1 103 ? 8.770   -0.027  -7.622  1.00 15.91 ? 109 TRP B CE2 1 
ATOM   905  C CE3 . TRP A 1 103 ? 7.535   -0.921  -5.737  1.00 16.14 ? 109 TRP B CE3 1 
ATOM   906  C CZ2 . TRP A 1 103 ? 9.794   -0.962  -7.475  1.00 18.97 ? 109 TRP B CZ2 1 
ATOM   907  C CZ3 . TRP A 1 103 ? 8.568   -1.801  -5.564  1.00 17.57 ? 109 TRP B CZ3 1 
ATOM   908  C CH2 . TRP A 1 103 ? 9.661   -1.819  -6.413  1.00 17.26 ? 109 TRP B CH2 1 
ATOM   909  N N   . LEU A 1 104 ? 4.140   3.416   -8.401  1.00 10.06 ? 110 LEU B N   1 
ATOM   910  C CA  . LEU A 1 104 ? 4.374   4.414   -9.464  1.00 10.20 ? 110 LEU B CA  1 
ATOM   911  C C   . LEU A 1 104 ? 5.633   5.162   -9.084  1.00 9.95  ? 110 LEU B C   1 
ATOM   912  O O   . LEU A 1 104 ? 5.748   5.648   -7.951  1.00 10.65 ? 110 LEU B O   1 
ATOM   913  C CB  . LEU A 1 104 ? 3.214   5.370   -9.544  1.00 10.76 ? 110 LEU B CB  1 
ATOM   914  C CG  . LEU A 1 104 ? 3.394   6.574   -10.473 1.00 11.35 ? 110 LEU B CG  1 
ATOM   915  C CD1 . LEU A 1 104 ? 3.652   6.169   -11.929 1.00 11.94 ? 110 LEU B CD1 1 
ATOM   916  C CD2 . LEU A 1 104 ? 2.212   7.503   -10.382 1.00 12.70 ? 110 LEU B CD2 1 
ATOM   917  N N   . TRP A 1 105 ? 6.517   5.384   -10.052 1.00 11.29 ? 111 TRP B N   1 
ATOM   918  C CA  . TRP A 1 105 ? 7.770   6.143   -9.868  1.00 12.65 ? 111 TRP B CA  1 
ATOM   919  C C   . TRP A 1 105 ? 8.254   6.637   -11.217 1.00 13.75 ? 111 TRP B C   1 
ATOM   920  O O   . TRP A 1 105 ? 8.403   5.822   -12.140 1.00 13.79 ? 111 TRP B O   1 
ATOM   921  C CB  . TRP A 1 105 ? 8.819   5.248   -9.244  1.00 15.81 ? 111 TRP B CB  1 
ATOM   922  C CG  . TRP A 1 105 ? 10.168  5.855   -9.164  1.00 18.03 ? 111 TRP B CG  1 
ATOM   923  C CD1 . TRP A 1 105 ? 11.308  5.508   -9.836  1.00 18.86 ? 111 TRP B CD1 1 
ATOM   924  C CD2 . TRP A 1 105 ? 10.512  6.919   -8.276  1.00 18.38 ? 111 TRP B CD2 1 
ATOM   925  N NE1 . TRP A 1 105 ? 12.324  6.307   -9.429  1.00 19.64 ? 111 TRP B NE1 1 
ATOM   926  C CE2 . TRP A 1 105 ? 11.880  7.186   -8.490  1.00 17.19 ? 111 TRP B CE2 1 
ATOM   927  C CE3 . TRP A 1 105 ? 9.820   7.676   -7.328  1.00 18.07 ? 111 TRP B CE3 1 
ATOM   928  C CZ2 . TRP A 1 105 ? 12.572  8.162   -7.788  1.00 21.25 ? 111 TRP B CZ2 1 
ATOM   929  C CZ3 . TRP A 1 105 ? 10.491  8.694   -6.681  1.00 21.83 ? 111 TRP B CZ3 1 
ATOM   930  C CH2 . TRP A 1 105 ? 11.845  8.941   -6.910  1.00 22.05 ? 111 TRP B CH2 1 
ATOM   931  N N   . GLN A 1 106 ? 8.438   7.957   -11.368 1.00 13.09 ? 112 GLN B N   1 
ATOM   932  C CA  . GLN A 1 106 ? 9.015   8.536   -12.623 1.00 13.77 ? 112 GLN B CA  1 
ATOM   933  C C   . GLN A 1 106 ? 8.239   8.025   -13.816 1.00 14.49 ? 112 GLN B C   1 
ATOM   934  O O   . GLN A 1 106 ? 8.901   7.626   -14.841 1.00 17.00 ? 112 GLN B O   1 
ATOM   935  C CB  . GLN A 1 106 ? 10.505  8.268   -12.661 1.00 14.79 ? 112 GLN B CB  1 
ATOM   936  C CG  . GLN A 1 106 ? 11.206  8.919   -11.489 1.00 15.87 ? 112 GLN B CG  1 
ATOM   937  C CD  . GLN A 1 106 ? 12.708  8.916   -11.561 1.00 16.66 ? 112 GLN B CD  1 
ATOM   938  O OE1 . GLN A 1 106 ? 13.385  9.642   -10.820 1.00 20.39 ? 112 GLN B OE1 1 
ATOM   939  N NE2 . GLN A 1 106 ? 13.274  8.118   -12.453 1.00 16.32 ? 112 GLN B NE2 1 
ATOM   940  N N   . ASP A 1 107 ? 6.950   8.158   -13.796 1.00 15.25 ? 113 ASP B N   1 
ATOM   941  C CA  . ASP A 1 107 ? 6.078   7.942   -14.962 1.00 19.86 ? 113 ASP B CA  1 
ATOM   942  C C   . ASP A 1 107 ? 6.025   6.462   -15.375 1.00 19.76 ? 113 ASP B C   1 
ATOM   943  O O   . ASP A 1 107 ? 5.406   6.193   -16.448 1.00 24.95 ? 113 ASP B O   1 
ATOM   944  C CB  . ASP A 1 107 ? 6.597   8.766   -16.153 1.00 23.91 ? 113 ASP B CB  1 
ATOM   945  C CG  . ASP A 1 107 ? 5.535   9.164   -17.136 1.00 33.18 ? 113 ASP B CG  1 
ATOM   946  O OD1 . ASP A 1 107 ? 4.345   9.206   -16.756 1.00 37.21 ? 113 ASP B OD1 1 
ATOM   947  O OD2 . ASP A 1 107 ? 5.927   9.463   -18.286 1.00 46.94 ? 113 ASP B OD2 1 
ATOM   948  N N   . SER A 1 108 ? 6.520   5.525   -14.562 1.00 15.90 ? 114 SER B N   1 
ATOM   949  C CA  . SER A 1 108 ? 6.356   4.070   -14.844 1.00 17.49 ? 114 SER B CA  1 
ATOM   950  C C   . SER A 1 108 ? 5.815   3.336   -13.616 1.00 14.75 ? 114 SER B C   1 
ATOM   951  O O   . SER A 1 108 ? 6.069   3.701   -12.434 1.00 14.33 ? 114 SER B O   1 
ATOM   952  C CB  . SER A 1 108 ? 7.614   3.488   -15.452 1.00 21.97 ? 114 SER B CB  1 
ATOM   953  O OG  . SER A 1 108 ? 8.615   3.340   -14.503 1.00 29.89 ? 114 SER B OG  1 
ATOM   954  N N   . TYR A 1 109 ? 5.078   2.288   -13.893 1.00 12.42 ? 115 TYR B N   1 
ATOM   955  C CA  . TYR A 1 109 ? 4.491   1.393   -12.868 1.00 11.79 ? 115 TYR B CA  1 
ATOM   956  C C   . TYR A 1 109 ? 5.286   0.102   -12.830 1.00 11.50 ? 115 TYR B C   1 
ATOM   957  O O   . TYR A 1 109 ? 5.622   -0.478  -13.889 1.00 12.24 ? 115 TYR B O   1 
ATOM   958  C CB  . TYR A 1 109 ? 3.038   1.138   -13.181 1.00 11.54 ? 115 TYR B CB  1 
ATOM   959  C CG  . TYR A 1 109 ? 2.161   2.375   -13.202 1.00 12.28 ? 115 TYR B CG  1 
ATOM   960  C CD1 . TYR A 1 109 ? 1.976   3.116   -14.364 1.00 13.02 ? 115 TYR B CD1 1 
ATOM   961  C CD2 . TYR A 1 109 ? 1.485   2.792   -12.075 1.00 12.03 ? 115 TYR B CD2 1 
ATOM   962  C CE1 . TYR A 1 109 ? 1.138   4.226   -14.394 1.00 13.34 ? 115 TYR B CE1 1 
ATOM   963  C CE2 . TYR A 1 109 ? 0.669   3.913   -12.083 1.00 12.51 ? 115 TYR B CE2 1 
ATOM   964  C CZ  . TYR A 1 109 ? 0.479   4.623   -13.256 1.00 12.64 ? 115 TYR B CZ  1 
ATOM   965  O OH  . TYR A 1 109 ? -0.288  5.769   -13.301 1.00 13.84 ? 115 TYR B OH  1 
ATOM   966  N N   A GLU A 1 110 ? 5.599   -0.381  -11.626 0.25 11.66 ? 116 GLU B N   1 
ATOM   967  N N   B GLU A 1 110 ? 5.650   -0.341  -11.621 0.25 11.29 ? 116 GLU B N   1 
ATOM   968  C CA  A GLU A 1 110 ? 6.400   -1.620  -11.448 0.25 11.78 ? 116 GLU B CA  1 
ATOM   969  C CA  B GLU A 1 110 ? 6.419   -1.593  -11.385 0.25 11.21 ? 116 GLU B CA  1 
ATOM   970  C C   A GLU A 1 110 ? 5.879   -2.443  -10.268 0.25 10.43 ? 116 GLU B C   1 
ATOM   971  C C   B GLU A 1 110 ? 5.716   -2.459  -10.324 0.25 9.83  ? 116 GLU B C   1 
ATOM   972  O O   A GLU A 1 110 ? 5.485   -1.852  -9.259  0.25 10.38 ? 116 GLU B O   1 
ATOM   973  O O   B GLU A 1 110 ? 4.968   -1.928  -9.470  0.25 8.77  ? 116 GLU B O   1 
ATOM   974  C CB  A GLU A 1 110 ? 7.865   -1.271  -11.231 0.25 13.25 ? 116 GLU B CB  1 
ATOM   975  C CB  B GLU A 1 110 ? 7.848   -1.277  -10.948 0.25 12.53 ? 116 GLU B CB  1 
ATOM   976  C CG  A GLU A 1 110 ? 8.462   -0.436  -12.357 0.25 15.21 ? 116 GLU B CG  1 
ATOM   977  C CG  B GLU A 1 110 ? 8.664   -0.484  -11.967 0.25 14.67 ? 116 GLU B CG  1 
ATOM   978  C CD  A GLU A 1 110 ? 9.923   -0.116  -12.115 0.25 17.17 ? 116 GLU B CD  1 
ATOM   979  C CD  B GLU A 1 110 ? 9.301   -1.292  -13.091 0.25 15.32 ? 116 GLU B CD  1 
ATOM   980  O OE1 A GLU A 1 110 ? 10.255  0.259   -10.975 0.25 19.56 ? 116 GLU B OE1 1 
ATOM   981  O OE1 B GLU A 1 110 ? 9.575   -2.503  -12.898 0.25 19.05 ? 116 GLU B OE1 1 
ATOM   982  O OE2 A GLU A 1 110 ? 10.729  -0.249  -13.064 0.25 18.04 ? 116 GLU B OE2 1 
ATOM   983  O OE2 B GLU A 1 110 ? 9.575   -0.701  -14.141 0.25 20.39 ? 116 GLU B OE2 1 
ATOM   984  N N   . ALA A 1 111 ? 5.952   -3.771  -10.392 1.00 10.30 ? 117 ALA B N   1 
ATOM   985  C CA  . ALA A 1 111 ? 5.650   -4.682  -9.278  1.00 10.25 ? 117 ALA B CA  1 
ATOM   986  C C   . ALA A 1 111 ? 6.924   -4.909  -8.474  1.00 10.05 ? 117 ALA B C   1 
ATOM   987  O O   . ALA A 1 111 ? 8.041   -5.063  -9.012  1.00 10.58 ? 117 ALA B O   1 
ATOM   988  C CB  . ALA A 1 111 ? 5.114   -6.014  -9.753  1.00 10.50 ? 117 ALA B CB  1 
ATOM   989  N N   . GLY A 1 112 ? 6.758   -4.916  -7.128  1.00 10.60 ? 118 GLY B N   1 
ATOM   990  C CA  . GLY A 1 112 ? 7.842   -5.091  -6.163  1.00 11.50 ? 118 GLY B CA  1 
ATOM   991  C C   . GLY A 1 112 ? 8.319   -6.522  -6.036  1.00 11.92 ? 118 GLY B C   1 
ATOM   992  O O   . GLY A 1 112 ? 8.384   -7.090  -4.966  1.00 14.10 ? 118 GLY B O   1 
ATOM   993  N N   . THR A 1 113 ? 8.641   -7.196  -7.129  1.00 13.03 ? 119 THR B N   1 
ATOM   994  C CA  . THR A 1 113 ? 9.472   -8.412  -7.149  1.00 14.25 ? 119 THR B CA  1 
ATOM   995  C C   . THR A 1 113 ? 10.950  -8.047  -7.007  1.00 14.85 ? 119 THR B C   1 
ATOM   996  O O   . THR A 1 113 ? 11.279  -6.863  -7.092  1.00 16.89 ? 119 THR B O   1 
ATOM   997  C CB  . THR A 1 113 ? 9.166   -9.122  -8.448  1.00 12.65 ? 119 THR B CB  1 
ATOM   998  O OG1 . THR A 1 113 ? 9.403   -8.239  -9.563  1.00 12.72 ? 119 THR B OG1 1 
ATOM   999  C CG2 . THR A 1 113 ? 7.756   -9.582  -8.566  1.00 14.06 ? 119 THR B CG2 1 
ATOM   1000 N N   . SER A 1 114 ? 11.816  -9.053  -6.847  1.00 19.16 ? 120 SER B N   1 
ATOM   1001 C CA  . SER A 1 114 ? 13.266  -8.815  -6.831  1.00 21.70 ? 120 SER B CA  1 
ATOM   1002 C C   . SER A 1 114 ? 13.925  -9.641  -7.936  1.00 23.42 ? 120 SER B C   1 
ATOM   1003 O O   . SER A 1 114 ? 13.930  -10.871 -7.891  1.00 25.19 ? 120 SER B O   1 
ATOM   1004 C CB  . SER A 1 114 ? 13.847  -9.058  -5.449  1.00 26.34 ? 120 SER B CB  1 
ATOM   1005 O OG  . SER A 1 114 ? 15.239  -8.734  -5.431  1.00 30.26 ? 120 SER B OG  1 
ATOM   1006 N N   . PRO A 1 115 ? 14.389  -8.990  -9.019  1.00 20.34 ? 121 PRO B N   1 
ATOM   1007 C CA  . PRO A 1 115 ? 14.294  -7.553  -9.227  1.00 20.24 ? 121 PRO B CA  1 
ATOM   1008 C C   . PRO A 1 115 ? 12.872  -7.155  -9.685  1.00 16.53 ? 121 PRO B C   1 
ATOM   1009 O O   . PRO A 1 115 ? 12.048  -8.022  -9.974  1.00 15.44 ? 121 PRO B O   1 
ATOM   1010 C CB  . PRO A 1 115 ? 15.317  -7.284  -10.327 1.00 23.10 ? 121 PRO B CB  1 
ATOM   1011 C CG  . PRO A 1 115 ? 15.232  -8.519  -11.172 1.00 23.42 ? 121 PRO B CG  1 
ATOM   1012 C CD  . PRO A 1 115 ? 14.970  -9.662  -10.203 1.00 22.24 ? 121 PRO B CD  1 
ATOM   1013 N N   . GLN A 1 116 ? 12.574  -5.862  -9.717  1.00 15.68 ? 122 GLN B N   1 
ATOM   1014 C CA  . GLN A 1 116 ? 11.220  -5.346  -9.996  1.00 15.14 ? 122 GLN B CA  1 
ATOM   1015 C C   . GLN A 1 116 ? 10.783  -5.705  -11.422 1.00 12.98 ? 122 GLN B C   1 
ATOM   1016 O O   . GLN A 1 116 ? 11.648  -5.893  -12.316 1.00 14.75 ? 122 GLN B O   1 
ATOM   1017 C CB  . GLN A 1 116 ? 11.124  -3.840  -9.737  1.00 19.32 ? 122 GLN B CB  1 
ATOM   1018 C CG  . GLN A 1 116 ? 11.856  -2.989  -10.742 1.00 26.91 ? 122 GLN B CG  1 
ATOM   1019 C CD  . GLN A 1 116 ? 13.145  -2.454  -10.176 1.00 36.67 ? 122 GLN B CD  1 
ATOM   1020 O OE1 . GLN A 1 116 ? 13.912  -3.163  -9.515  1.00 45.71 ? 122 GLN B OE1 1 
ATOM   1021 N NE2 . GLN A 1 116 ? 13.392  -1.187  -10.458 1.00 44.87 ? 122 GLN B NE2 1 
ATOM   1022 N N   . THR A 1 117 ? 9.489   -5.772  -11.610 1.00 11.68 ? 123 THR B N   1 
ATOM   1023 C CA  . THR A 1 117 ? 8.860   -6.179  -12.879 1.00 11.75 ? 123 THR B CA  1 
ATOM   1024 C C   . THR A 1 117 ? 8.100   -4.994  -13.468 1.00 11.38 ? 123 THR B C   1 
ATOM   1025 O O   . THR A 1 117 ? 7.217   -4.439  -12.827 1.00 12.23 ? 123 THR B O   1 
ATOM   1026 C CB  . THR A 1 117 ? 7.950   -7.392  -12.671 1.00 10.95 ? 123 THR B CB  1 
ATOM   1027 O OG1 . THR A 1 117 ? 8.712   -8.456  -12.126 1.00 12.75 ? 123 THR B OG1 1 
ATOM   1028 C CG2 . THR A 1 117 ? 7.325   -7.822  -13.984 1.00 12.04 ? 123 THR B CG2 1 
ATOM   1029 N N   . THR A 1 118 ? 8.352   -4.690  -14.735 1.00 12.25 ? 124 THR B N   1 
ATOM   1030 C CA  . THR A 1 118 ? 7.623   -3.662  -15.483 1.00 13.18 ? 124 THR B CA  1 
ATOM   1031 C C   . THR A 1 118 ? 6.148   -4.011  -15.616 1.00 12.19 ? 124 THR B C   1 
ATOM   1032 O O   . THR A 1 118 ? 5.821   -5.198  -15.979 1.00 14.44 ? 124 THR B O   1 
ATOM   1033 C CB  . THR A 1 118 ? 8.255   -3.565  -16.884 1.00 16.30 ? 124 THR B CB  1 
ATOM   1034 O OG1 . THR A 1 118 ? 9.597   -3.105  -16.710 1.00 18.80 ? 124 THR B OG1 1 
ATOM   1035 C CG2 . THR A 1 118 ? 7.432   -2.710  -17.822 1.00 18.66 ? 124 THR B CG2 1 
ATOM   1036 N N   . LEU A 1 119 ? 5.249   -3.093  -15.322 1.00 11.43 ? 125 LEU B N   1 
ATOM   1037 C CA  . LEU A 1 119 ? 3.806   -3.249  -15.526 1.00 11.28 ? 125 LEU B CA  1 
ATOM   1038 C C   . LEU A 1 119 ? 3.421   -2.549  -16.834 1.00 12.97 ? 125 LEU B C   1 
ATOM   1039 O O   . LEU A 1 119 ? 4.189   -1.683  -17.335 1.00 16.70 ? 125 LEU B O   1 
ATOM   1040 C CB  . LEU A 1 119 ? 2.998   -2.680  -14.352 1.00 11.06 ? 125 LEU B CB  1 
ATOM   1041 C CG  . LEU A 1 119 ? 3.342   -3.320  -13.002 1.00 10.64 ? 125 LEU B CG  1 
ATOM   1042 C CD1 . LEU A 1 119 ? 2.629   -2.623  -11.843 1.00 11.23 ? 125 LEU B CD1 1 
ATOM   1043 C CD2 . LEU A 1 119 ? 3.036   -4.820  -13.014 1.00 11.47 ? 125 LEU B CD2 1 
ATOM   1044 N N   . HIS A 1 120 ? 2.358   -3.009  -17.449 1.00 12.47 ? 126 HIS B N   1 
ATOM   1045 C CA  . HIS A 1 120 ? 1.868   -2.515  -18.769 1.00 12.75 ? 126 HIS B CA  1 
ATOM   1046 C C   . HIS A 1 120 ? 0.505   -1.899  -18.545 1.00 13.94 ? 126 HIS B C   1 
ATOM   1047 O O   . HIS A 1 120 ? -0.502  -2.625  -18.429 1.00 18.34 ? 126 HIS B O   1 
ATOM   1048 C CB  . HIS A 1 120 ? 1.791   -3.688  -19.766 1.00 13.33 ? 126 HIS B CB  1 
ATOM   1049 C CG  . HIS A 1 120 ? 3.105   -4.341  -20.009 1.00 13.37 ? 126 HIS B CG  1 
ATOM   1050 N ND1 . HIS A 1 120 ? 3.484   -5.509  -19.334 1.00 15.29 ? 126 HIS B ND1 1 
ATOM   1051 C CD2 . HIS A 1 120 ? 4.147   -4.019  -20.785 1.00 15.00 ? 126 HIS B CD2 1 
ATOM   1052 C CE1 . HIS A 1 120 ? 4.698   -5.841  -19.713 1.00 15.54 ? 126 HIS B CE1 1 
ATOM   1053 N NE2 . HIS A 1 120 ? 5.138   -4.970  -20.622 1.00 15.08 ? 126 HIS B NE2 1 
ATOM   1054 N N   . ILE A 1 121 ? 0.455   -0.596  -18.333 1.00 16.79 ? 127 ILE B N   1 
ATOM   1055 C CA  . ILE A 1 121 ? -0.784  0.152   -17.997 1.00 19.07 ? 127 ILE B CA  1 
ATOM   1056 C C   . ILE A 1 121 ? -0.989  1.231   -19.096 1.00 18.71 ? 127 ILE B C   1 
ATOM   1057 O O   . ILE A 1 121 ? -0.105  2.098   -19.303 1.00 25.03 ? 127 ILE B O   1 
ATOM   1058 C CB  . ILE A 1 121 ? -0.652  0.738   -16.575 1.00 19.54 ? 127 ILE B CB  1 
ATOM   1059 C CG1 . ILE A 1 121 ? -0.593  -0.387  -15.515 1.00 18.95 ? 127 ILE B CG1 1 
ATOM   1060 C CG2 . ILE A 1 121 ? -1.745  1.780   -16.363 1.00 23.22 ? 127 ILE B CG2 1 
ATOM   1061 C CD1 . ILE A 1 121 ? -0.621  0.062   -14.058 1.00 20.36 ? 127 ILE B CD1 1 
ATOM   1062 N N   . GLN A 1 122 ? -2.047  1.066   -19.865 1.00 22.37 ? 128 GLN B N   1 
ATOM   1063 C CA  . GLN A 1 122 ? -2.426  2.000   -20.966 1.00 23.93 ? 128 GLN B CA  1 
ATOM   1064 C C   . GLN A 1 122 ? -3.214  3.182   -20.384 1.00 21.90 ? 128 GLN B C   1 
ATOM   1065 O O   . GLN A 1 122 ? -3.045  4.322   -20.899 1.00 22.29 ? 128 GLN B O   1 
ATOM   1066 C CB  . GLN A 1 122 ? -3.257  1.243   -22.011 1.00 28.27 ? 128 GLN B CB  1 
ATOM   1067 C CG  . GLN A 1 122 ? -3.619  2.057   -23.255 1.00 35.89 ? 128 GLN B CG  1 
ATOM   1068 C CD  . GLN A 1 122 ? -2.409  2.562   -24.013 1.00 42.10 ? 128 GLN B CD  1 
ATOM   1069 O OE1 . GLN A 1 122 ? -1.321  1.986   -23.947 1.00 51.27 ? 128 GLN B OE1 1 
ATOM   1070 N NE2 . GLN A 1 122 ? -2.580  3.669   -24.723 1.00 45.25 ? 128 GLN B NE2 1 
ATOM   1071 N N   . VAL A 1 123 ? -4.020  2.938   -19.347 1.00 19.15 ? 129 VAL B N   1 
ATOM   1072 C CA  . VAL A 1 123 ? -4.926  3.951   -18.712 1.00 18.00 ? 129 VAL B CA  1 
ATOM   1073 C C   . VAL A 1 123 ? -4.418  4.249   -17.303 1.00 17.92 ? 129 VAL B C   1 
ATOM   1074 O O   . VAL A 1 123 ? -4.619  3.414   -16.413 1.00 15.72 ? 129 VAL B O   1 
ATOM   1075 C CB  . VAL A 1 123 ? -6.374  3.460   -18.666 1.00 19.14 ? 129 VAL B CB  1 
ATOM   1076 C CG1 . VAL A 1 123 ? -7.309  4.458   -17.967 1.00 20.62 ? 129 VAL B CG1 1 
ATOM   1077 C CG2 . VAL A 1 123 ? -6.893  3.137   -20.065 1.00 22.47 ? 129 VAL B CG2 1 
ATOM   1078 N N   . PRO A 1 124 ? -3.653  5.332   -17.055 1.00 16.12 ? 130 PRO B N   1 
ATOM   1079 C CA  . PRO A 1 124 ? -3.134  5.602   -15.705 1.00 16.13 ? 130 PRO B CA  1 
ATOM   1080 C C   . PRO A 1 124 ? -4.246  5.543   -14.684 1.00 15.42 ? 130 PRO B C   1 
ATOM   1081 O O   . PRO A 1 124 ? -5.280  6.169   -14.791 1.00 16.01 ? 130 PRO B O   1 
ATOM   1082 C CB  . PRO A 1 124 ? -2.554  7.026   -15.836 1.00 18.86 ? 130 PRO B CB  1 
ATOM   1083 C CG  . PRO A 1 124 ? -2.095  7.063   -17.296 1.00 19.81 ? 130 PRO B CG  1 
ATOM   1084 C CD  . PRO A 1 124 ? -3.182  6.344   -18.033 1.00 18.69 ? 130 PRO B CD  1 
ATOM   1085 N N   . PRO A 1 125 ? -4.128  4.690   -13.645 1.00 14.06 ? 131 PRO B N   1 
ATOM   1086 C CA  . PRO A 1 125 ? -5.201  4.527   -12.692 1.00 13.57 ? 131 PRO B CA  1 
ATOM   1087 C C   . PRO A 1 125 ? -5.340  5.739   -11.768 1.00 13.34 ? 131 PRO B C   1 
ATOM   1088 O O   . PRO A 1 125 ? -4.339  6.248   -11.260 1.00 14.05 ? 131 PRO B O   1 
ATOM   1089 C CB  . PRO A 1 125 ? -4.829  3.241   -11.926 1.00 14.39 ? 131 PRO B CB  1 
ATOM   1090 C CG  . PRO A 1 125 ? -3.368  3.102   -12.132 1.00 16.68 ? 131 PRO B CG  1 
ATOM   1091 C CD  . PRO A 1 125 ? -3.063  3.680   -13.492 1.00 15.18 ? 131 PRO B CD  1 
ATOM   1092 N N   . CYS A 1 126 ? -6.577  6.077   -11.486 1.00 13.85 ? 132 CYS B N   1 
ATOM   1093 C CA  . CYS A 1 126 ? -6.923  7.010   -10.379 1.00 13.76 ? 132 CYS B CA  1 
ATOM   1094 C C   . CYS A 1 126 ? -7.337  6.248   -9.118  1.00 13.61 ? 132 CYS B C   1 
ATOM   1095 O O   . CYS A 1 126 ? -7.296  6.798   -8.022  1.00 12.53 ? 132 CYS B O   1 
ATOM   1096 C CB  . CYS A 1 126 ? -8.015  7.979   -10.770 1.00 16.43 ? 132 CYS B CB  1 
ATOM   1097 S SG  . CYS A 1 126 ? -7.573  9.049   -12.166 1.00 22.45 ? 132 CYS B SG  1 
ATOM   1098 N N   A GLN A 1 127 ? -7.840  5.009   -9.244  0.25 13.25 ? 133 GLN B N   1 
ATOM   1099 N N   B GLN A 1 127 ? -7.661  4.970   -9.299  0.25 13.90 ? 133 GLN B N   1 
ATOM   1100 C CA  A GLN A 1 127 ? -8.094  4.122   -8.073  0.25 13.45 ? 133 GLN B CA  1 
ATOM   1101 C CA  B GLN A 1 127 ? -8.089  4.084   -8.200  0.25 14.81 ? 133 GLN B CA  1 
ATOM   1102 C C   A GLN A 1 127 ? -7.634  2.696   -8.400  0.25 12.61 ? 133 GLN B C   1 
ATOM   1103 C C   B GLN A 1 127 ? -7.498  2.698   -8.461  0.25 13.36 ? 133 GLN B C   1 
ATOM   1104 O O   A GLN A 1 127 ? -7.865  2.224   -9.531  0.25 11.73 ? 133 GLN B O   1 
ATOM   1105 O O   B GLN A 1 127 ? -7.392  2.287   -9.635  0.25 12.09 ? 133 GLN B O   1 
ATOM   1106 C CB  A GLN A 1 127 ? -9.558  4.043   -7.618  0.25 14.32 ? 133 GLN B CB  1 
ATOM   1107 C CB  B GLN A 1 127 ? -9.612  4.079   -8.084  0.25 17.36 ? 133 GLN B CB  1 
ATOM   1108 C CG  A GLN A 1 127 ? -10.197 5.367   -7.214  0.25 15.49 ? 133 GLN B CG  1 
ATOM   1109 C CG  B GLN A 1 127 ? -10.199 5.431   -7.710  0.25 19.47 ? 133 GLN B CG  1 
ATOM   1110 C CD  A GLN A 1 127 ? -10.800 6.078   -8.400  0.25 16.80 ? 133 GLN B CD  1 
ATOM   1111 C CD  B GLN A 1 127 ? -11.596 5.337   -7.149  0.25 21.65 ? 133 GLN B CD  1 
ATOM   1112 O OE1 A GLN A 1 127 ? -11.334 5.451   -9.311  0.25 16.95 ? 133 GLN B OE1 1 
ATOM   1113 O OE1 B GLN A 1 127 ? -12.172 4.257   -7.010  0.25 25.75 ? 133 GLN B OE1 1 
ATOM   1114 N NE2 A GLN A 1 127 ? -10.710 7.400   -8.402  0.25 17.04 ? 133 GLN B NE2 1 
ATOM   1115 N NE2 B GLN A 1 127 ? -12.155 6.487   -6.820  0.25 24.30 ? 133 GLN B NE2 1 
ATOM   1116 N N   . ILE A 1 128 ? -7.030  2.063   -7.387  1.00 12.24 ? 134 ILE B N   1 
ATOM   1117 C CA  . ILE A 1 128 ? -6.389  0.722   -7.437  1.00 11.48 ? 134 ILE B CA  1 
ATOM   1118 C C   . ILE A 1 128 ? -7.232  -0.173  -6.527  1.00 12.38 ? 134 ILE B C   1 
ATOM   1119 O O   . ILE A 1 128 ? -7.508  0.187   -5.356  1.00 11.79 ? 134 ILE B O   1 
ATOM   1120 C CB  . ILE A 1 128 ? -4.943  0.810   -6.922  1.00 12.54 ? 134 ILE B CB  1 
ATOM   1121 C CG1 . ILE A 1 128 ? -4.033  1.754   -7.729  1.00 14.69 ? 134 ILE B CG1 1 
ATOM   1122 C CG2 . ILE A 1 128 ? -4.333  -0.598  -6.847  1.00 13.17 ? 134 ILE B CG2 1 
ATOM   1123 C CD1 . ILE A 1 128 ? -3.730  1.257   -9.093  1.00 14.52 ? 134 ILE B CD1 1 
ATOM   1124 N N   . GLY A 1 129 ? -7.598  -1.364  -7.024  1.00 11.97 ? 135 GLY B N   1 
ATOM   1125 C CA  . GLY A 1 129 ? -8.200  -2.418  -6.204  1.00 11.53 ? 135 GLY B CA  1 
ATOM   1126 C C   . GLY A 1 129 ? -7.156  -3.455  -5.821  1.00 11.42 ? 135 GLY B C   1 
ATOM   1127 O O   . GLY A 1 129 ? -6.318  -3.808  -6.638  1.00 11.67 ? 135 GLY B O   1 
ATOM   1128 N N   . ILE A 1 130 ? -7.188  -3.903  -4.557  1.00 11.69 ? 136 ILE B N   1 
ATOM   1129 C CA  . ILE A 1 130 ? -6.231  -4.886  -3.991  1.00 11.15 ? 136 ILE B CA  1 
ATOM   1130 C C   . ILE A 1 130 ? -7.036  -6.058  -3.452  1.00 11.34 ? 136 ILE B C   1 
ATOM   1131 O O   . ILE A 1 130 ? -7.939  -5.869  -2.625  1.00 12.08 ? 136 ILE B O   1 
ATOM   1132 C CB  . ILE A 1 130 ? -5.370  -4.236  -2.889  1.00 11.99 ? 136 ILE B CB  1 
ATOM   1133 C CG1 . ILE A 1 130 ? -4.634  -3.025  -3.451  1.00 12.78 ? 136 ILE B CG1 1 
ATOM   1134 C CG2 . ILE A 1 130 ? -4.399  -5.243  -2.278  1.00 12.87 ? 136 ILE B CG2 1 
ATOM   1135 C CD1 . ILE A 1 130 ? -3.879  -2.237  -2.450  1.00 15.31 ? 136 ILE B CD1 1 
ATOM   1136 N N   . PHE A 1 131 ? -6.712  -7.231  -3.972  1.00 11.16 ? 137 PHE B N   1 
ATOM   1137 C CA  . PHE A 1 131 ? -7.358  -8.501  -3.559  1.00 10.69 ? 137 PHE B CA  1 
ATOM   1138 C C   . PHE A 1 131 ? -6.307  -9.417  -2.960  1.00 10.63 ? 137 PHE B C   1 
ATOM   1139 O O   . PHE A 1 131 ? -5.263  -9.648  -3.556  1.00 11.12 ? 137 PHE B O   1 
ATOM   1140 C CB  . PHE A 1 131 ? -7.980  -9.186  -4.778  1.00 12.27 ? 137 PHE B CB  1 
ATOM   1141 C CG  . PHE A 1 131 ? -8.606  -10.515 -4.473  1.00 13.20 ? 137 PHE B CG  1 
ATOM   1142 C CD1 . PHE A 1 131 ? -9.727  -10.612 -3.683  1.00 14.52 ? 137 PHE B CD1 1 
ATOM   1143 C CD2 . PHE A 1 131 ? -8.089  -11.671 -5.022  1.00 14.95 ? 137 PHE B CD2 1 
ATOM   1144 C CE1 . PHE A 1 131 ? -10.288 -11.859 -3.418  1.00 16.07 ? 137 PHE B CE1 1 
ATOM   1145 C CE2 . PHE A 1 131 ? -8.638  -12.921 -4.745  1.00 16.91 ? 137 PHE B CE2 1 
ATOM   1146 C CZ  . PHE A 1 131 ? -9.738  -12.997 -3.949  1.00 15.16 ? 137 PHE B CZ  1 
ATOM   1147 N N   . VAL A 1 132 ? -6.612  -9.957  -1.783  1.00 10.94 ? 138 VAL B N   1 
ATOM   1148 C CA  . VAL A 1 132 ? -5.773  -10.959 -1.082  1.00 11.22 ? 138 VAL B CA  1 
ATOM   1149 C C   . VAL A 1 132 ? -6.587  -12.222 -0.847  1.00 10.78 ? 138 VAL B C   1 
ATOM   1150 O O   . VAL A 1 132 ? -7.660  -12.170 -0.252  1.00 12.27 ? 138 VAL B O   1 
ATOM   1151 C CB  . VAL A 1 132 ? -5.208  -10.404 0.230   1.00 11.51 ? 138 VAL B CB  1 
ATOM   1152 C CG1 . VAL A 1 132 ? -4.343  -11.460 0.924   1.00 13.44 ? 138 VAL B CG1 1 
ATOM   1153 C CG2 . VAL A 1 132 ? -4.422  -9.112  -0.020  1.00 12.80 ? 138 VAL B CG2 1 
ATOM   1154 N N   . ASP A 1 133 ? -6.047  -13.330 -1.320  1.00 10.67 ? 139 ASP B N   1 
ATOM   1155 C CA  . ASP A 1 133 ? -6.582  -14.681 -0.953  1.00 12.25 ? 139 ASP B CA  1 
ATOM   1156 C C   . ASP A 1 133 ? -5.517  -15.362 -0.110  1.00 11.10 ? 139 ASP B C   1 
ATOM   1157 O O   . ASP A 1 133 ? -4.505  -15.826 -0.626  1.00 11.30 ? 139 ASP B O   1 
ATOM   1158 C CB  . ASP A 1 133 ? -6.979  -15.466 -2.188  1.00 12.73 ? 139 ASP B CB  1 
ATOM   1159 C CG  . ASP A 1 133 ? -7.594  -16.833 -1.895  1.00 14.68 ? 139 ASP B CG  1 
ATOM   1160 O OD1 . ASP A 1 133 ? -7.346  -17.393 -0.805  1.00 15.39 ? 139 ASP B OD1 1 
ATOM   1161 O OD2 . ASP A 1 133 ? -8.310  -17.296 -2.815  1.00 18.53 ? 139 ASP B OD2 1 
ATOM   1162 N N   . TYR A 1 134 ? -5.735  -15.369 1.214   1.00 11.52 ? 140 TYR B N   1 
ATOM   1163 C CA  . TYR A 1 134 ? -4.703  -15.860 2.142   1.00 11.77 ? 140 TYR B CA  1 
ATOM   1164 C C   . TYR A 1 134 ? -4.369  -17.337 1.872   1.00 12.67 ? 140 TYR B C   1 
ATOM   1165 O O   . TYR A 1 134 ? -3.241  -17.699 1.701   1.00 13.50 ? 140 TYR B O   1 
ATOM   1166 C CB  . TYR A 1 134 ? -5.111  -15.611 3.601   1.00 12.61 ? 140 TYR B CB  1 
ATOM   1167 C CG  . TYR A 1 134 ? -3.912  -15.728 4.519   1.00 12.44 ? 140 TYR B CG  1 
ATOM   1168 C CD1 . TYR A 1 134 ? -3.334  -16.954 4.842   1.00 12.55 ? 140 TYR B CD1 1 
ATOM   1169 C CD2 . TYR A 1 134 ? -3.268  -14.591 5.012   1.00 12.51 ? 140 TYR B CD2 1 
ATOM   1170 C CE1 . TYR A 1 134 ? -2.190  -17.056 5.614   1.00 12.48 ? 140 TYR B CE1 1 
ATOM   1171 C CE2 . TYR A 1 134 ? -2.110  -14.669 5.776   1.00 12.42 ? 140 TYR B CE2 1 
ATOM   1172 C CZ  . TYR A 1 134 ? -1.571  -15.908 6.098   1.00 11.57 ? 140 TYR B CZ  1 
ATOM   1173 O OH  . TYR A 1 134 ? -0.422  -16.014 6.822   1.00 12.21 ? 140 TYR B OH  1 
ATOM   1174 N N   . GLU A 1 135 ? -5.409  -18.134 1.773   1.00 14.03 ? 141 GLU B N   1 
ATOM   1175 C CA  . GLU A 1 135 ? -5.217  -19.599 1.638   1.00 14.93 ? 141 GLU B CA  1 
ATOM   1176 C C   . GLU A 1 135 ? -4.560  -19.933 0.309   1.00 14.42 ? 141 GLU B C   1 
ATOM   1177 O O   . GLU A 1 135 ? -3.621  -20.724 0.295   1.00 15.66 ? 141 GLU B O   1 
ATOM   1178 C CB  . GLU A 1 135 ? -6.535  -20.348 1.790   1.00 16.35 ? 141 GLU B CB  1 
ATOM   1179 C CG  . GLU A 1 135 ? -6.871  -20.583 3.278   1.00 22.33 ? 141 GLU B CG  1 
ATOM   1180 C CD  . GLU A 1 135 ? -7.230  -19.351 4.030   1.00 24.54 ? 141 GLU B CD  1 
ATOM   1181 O OE1 . GLU A 1 135 ? -7.007  -19.319 5.197   1.00 23.60 ? 141 GLU B OE1 1 
ATOM   1182 O OE2 . GLU A 1 135 ? -7.782  -18.419 3.397   1.00 26.70 ? 141 GLU B OE2 1 
ATOM   1183 N N   . ALA A 1 136 ? -4.965  -19.278 -0.772  1.00 13.20 ? 142 ALA B N   1 
ATOM   1184 C CA  . ALA A 1 136 ? -4.389  -19.553 -2.093  1.00 13.87 ? 142 ALA B CA  1 
ATOM   1185 C C   . ALA A 1 136 ? -2.991  -18.949 -2.261  1.00 14.02 ? 142 ALA B C   1 
ATOM   1186 O O   . ALA A 1 136 ? -2.275  -19.373 -3.165  1.00 16.22 ? 142 ALA B O   1 
ATOM   1187 C CB  . ALA A 1 136 ? -5.301  -19.007 -3.158  1.00 15.29 ? 142 ALA B CB  1 
ATOM   1188 N N   . GLY A 1 137 ? -2.549  -18.028 -1.410  1.00 11.96 ? 143 GLY B N   1 
ATOM   1189 C CA  . GLY A 1 137 ? -1.260  -17.355 -1.569  1.00 11.36 ? 143 GLY B CA  1 
ATOM   1190 C C   . GLY A 1 137 ? -1.249  -16.400 -2.774  1.00 10.21 ? 143 GLY B C   1 
ATOM   1191 O O   . GLY A 1 137 ? -0.307  -16.474 -3.567  1.00 11.13 ? 143 GLY B O   1 
ATOM   1192 N N   . VAL A 1 138 ? -2.279  -15.573 -2.883  1.00 11.14 ? 144 VAL B N   1 
ATOM   1193 C CA  . VAL A 1 138 ? -2.438  -14.627 -4.029  1.00 11.24 ? 144 VAL B CA  1 
ATOM   1194 C C   . VAL A 1 138 ? -2.613  -13.209 -3.499  1.00 10.51 ? 144 VAL B C   1 
ATOM   1195 O O   . VAL A 1 138 ? -3.468  -12.962 -2.626  1.00 11.26 ? 144 VAL B O   1 
ATOM   1196 C CB  . VAL A 1 138 ? -3.654  -15.054 -4.864  1.00 11.74 ? 144 VAL B CB  1 
ATOM   1197 C CG1 . VAL A 1 138 ? -4.066  -13.989 -5.893  1.00 12.61 ? 144 VAL B CG1 1 
ATOM   1198 C CG2 . VAL A 1 138 ? -3.372  -16.394 -5.534  1.00 13.13 ? 144 VAL B CG2 1 
ATOM   1199 N N   . VAL A 1 139 ? -1.944  -12.290 -4.187  1.00 10.27 ? 145 VAL B N   1 
ATOM   1200 C CA  . VAL A 1 139 ? -2.227  -10.830 -4.070  1.00 10.54 ? 145 VAL B CA  1 
ATOM   1201 C C   . VAL A 1 139 ? -2.389  -10.261 -5.494  1.00 9.71  ? 145 VAL B C   1 
ATOM   1202 O O   . VAL A 1 139 ? -1.413  -10.362 -6.266  1.00 10.66 ? 145 VAL B O   1 
ATOM   1203 C CB  . VAL A 1 139 ? -1.096  -10.102 -3.322  1.00 9.77  ? 145 VAL B CB  1 
ATOM   1204 C CG1 . VAL A 1 139 ? -1.473  -8.637  -3.138  1.00 10.58 ? 145 VAL B CG1 1 
ATOM   1205 C CG2 . VAL A 1 139 ? -0.805  -10.764 -1.978  1.00 10.08 ? 145 VAL B CG2 1 
ATOM   1206 N N   . SER A 1 140 ? -3.540  -9.700  -5.796  1.00 9.86  ? 146 SER B N   1 
ATOM   1207 C CA  . SER A 1 140 ? -3.812  -9.149  -7.138  1.00 11.00 ? 146 SER B CA  1 
ATOM   1208 C C   . SER A 1 140 ? -4.192  -7.678  -7.046  1.00 10.57 ? 146 SER B C   1 
ATOM   1209 O O   . SER A 1 140 ? -4.795  -7.248  -6.083  1.00 11.01 ? 146 SER B O   1 
ATOM   1210 C CB  . SER A 1 140 ? -4.898  -9.943  -7.852  1.00 10.97 ? 146 SER B CB  1 
ATOM   1211 O OG  . SER A 1 140 ? -4.459  -11.273 -8.132  1.00 11.76 ? 146 SER B OG  1 
ATOM   1212 N N   . PHE A 1 141 ? -3.839  -6.960  -8.105  1.00 9.63  ? 147 PHE B N   1 
ATOM   1213 C CA  . PHE A 1 141 ? -4.036  -5.518  -8.244  1.00 10.09 ? 147 PHE B CA  1 
ATOM   1214 C C   . PHE A 1 141 ? -4.864  -5.266  -9.494  1.00 10.08 ? 147 PHE B C   1 
ATOM   1215 O O   . PHE A 1 141 ? -4.527  -5.806  -10.595 1.00 10.74 ? 147 PHE B O   1 
ATOM   1216 C CB  . PHE A 1 141 ? -2.695  -4.767  -8.319  1.00 9.80  ? 147 PHE B CB  1 
ATOM   1217 C CG  . PHE A 1 141 ? -1.854  -4.909  -7.074  1.00 9.75  ? 147 PHE B CG  1 
ATOM   1218 C CD1 . PHE A 1 141 ? -1.092  -6.056  -6.863  1.00 9.82  ? 147 PHE B CD1 1 
ATOM   1219 C CD2 . PHE A 1 141 ? -1.864  -3.915  -6.090  1.00 9.76  ? 147 PHE B CD2 1 
ATOM   1220 C CE1 . PHE A 1 141 ? -0.331  -6.193  -5.696  1.00 9.84  ? 147 PHE B CE1 1 
ATOM   1221 C CE2 . PHE A 1 141 ? -1.137  -4.095  -4.911  1.00 9.58  ? 147 PHE B CE2 1 
ATOM   1222 C CZ  . PHE A 1 141 ? -0.352  -5.209  -4.728  1.00 9.44  ? 147 PHE B CZ  1 
ATOM   1223 N N   . TYR A 1 142 ? -5.820  -4.348  -9.394  1.00 9.97  ? 148 TYR B N   1 
ATOM   1224 C CA  . TYR A 1 142 ? -6.808  -4.047  -10.451 1.00 11.46 ? 148 TYR B CA  1 
ATOM   1225 C C   . TYR A 1 142 ? -6.857  -2.544  -10.694 1.00 12.27 ? 148 TYR B C   1 
ATOM   1226 O O   . TYR A 1 142 ? -6.809  -1.712  -9.778  1.00 12.53 ? 148 TYR B O   1 
ATOM   1227 C CB  . TYR A 1 142 ? -8.183  -4.629  -10.124 1.00 12.41 ? 148 TYR B CB  1 
ATOM   1228 C CG  . TYR A 1 142 ? -8.199  -6.127  -9.992  1.00 13.28 ? 148 TYR B CG  1 
ATOM   1229 C CD1 . TYR A 1 142 ? -8.279  -6.944  -11.099 1.00 13.54 ? 148 TYR B CD1 1 
ATOM   1230 C CD2 . TYR A 1 142 ? -7.995  -6.742  -8.759  1.00 13.51 ? 148 TYR B CD2 1 
ATOM   1231 C CE1 . TYR A 1 142 ? -8.181  -8.322  -10.999 1.00 13.92 ? 148 TYR B CE1 1 
ATOM   1232 C CE2 . TYR A 1 142 ? -7.913  -8.118  -8.635  1.00 14.04 ? 148 TYR B CE2 1 
ATOM   1233 C CZ  . TYR A 1 142 ? -8.047  -8.917  -9.755  1.00 14.59 ? 148 TYR B CZ  1 
ATOM   1234 O OH  . TYR A 1 142 ? -7.933  -10.284 -9.648  1.00 15.89 ? 148 TYR B OH  1 
ATOM   1235 N N   . ASN A 1 143 ? -7.055  -2.190  -11.960 1.00 13.50 ? 149 ASN B N   1 
ATOM   1236 C CA  . ASN A 1 143 ? -7.156  -0.788  -12.447 1.00 13.22 ? 149 ASN B CA  1 
ATOM   1237 C C   . ASN A 1 143 ? -8.626  -0.393  -12.435 1.00 12.33 ? 149 ASN B C   1 
ATOM   1238 O O   . ASN A 1 143 ? -9.356  -0.714  -13.418 1.00 14.87 ? 149 ASN B O   1 
ATOM   1239 C CB  . ASN A 1 143 ? -6.525  -0.686  -13.828 1.00 13.22 ? 149 ASN B CB  1 
ATOM   1240 C CG  . ASN A 1 143 ? -6.486  0.748   -14.347 1.00 13.56 ? 149 ASN B CG  1 
ATOM   1241 O OD1 . ASN A 1 143 ? -7.213  1.602   -13.835 1.00 15.01 ? 149 ASN B OD1 1 
ATOM   1242 N ND2 . ASN A 1 143 ? -5.606  0.993   -15.266 1.00 14.22 ? 149 ASN B ND2 1 
ATOM   1243 N N   . ILE A 1 144 ? -9.132  0.280   -11.406 1.00 14.30 ? 150 ILE B N   1 
ATOM   1244 C CA  . ILE A 1 144 ? -10.574 0.582   -11.288 1.00 15.08 ? 150 ILE B CA  1 
ATOM   1245 C C   . ILE A 1 144 ? -10.949 1.603   -12.383 1.00 16.40 ? 150 ILE B C   1 
ATOM   1246 O O   . ILE A 1 144 ? -12.079 1.506   -12.925 1.00 18.52 ? 150 ILE B O   1 
ATOM   1247 C CB  . ILE A 1 144 ? -10.892 1.091   -9.873  1.00 16.21 ? 150 ILE B CB  1 
ATOM   1248 C CG1 . ILE A 1 144 ? -10.457 0.093   -8.787  1.00 16.99 ? 150 ILE B CG1 1 
ATOM   1249 C CG2 . ILE A 1 144 ? -12.358 1.494   -9.744  1.00 18.44 ? 150 ILE B CG2 1 
ATOM   1250 C CD1 . ILE A 1 144 ? -10.826 -1.333  -9.093  1.00 21.00 ? 150 ILE B CD1 1 
ATOM   1251 N N   . THR A 1 145 ? -10.045 2.467   -12.785 1.00 15.65 ? 151 THR B N   1 
ATOM   1252 C CA  . THR A 1 145 ? -10.307 3.505   -13.833 1.00 16.51 ? 151 THR B CA  1 
ATOM   1253 C C   . THR A 1 145 ? -10.559 2.797   -15.163 1.00 19.32 ? 151 THR B C   1 
ATOM   1254 O O   . THR A 1 145 ? -11.385 3.300   -15.948 1.00 22.88 ? 151 THR B O   1 
ATOM   1255 C CB  . THR A 1 145 ? -9.103  4.451   -13.918 1.00 15.67 ? 151 THR B CB  1 
ATOM   1256 O OG1 . THR A 1 145 ? -8.885  4.961   -12.606 1.00 16.42 ? 151 THR B OG1 1 
ATOM   1257 C CG2 . THR A 1 145 ? -9.397  5.586   -14.879 1.00 17.28 ? 151 THR B CG2 1 
ATOM   1258 N N   . ASP A 1 146 ? -9.906  1.673   -15.437 1.00 18.04 ? 152 ASP B N   1 
ATOM   1259 C CA  . ASP A 1 146 ? -10.056 0.891   -16.697 1.00 18.61 ? 152 ASP B CA  1 
ATOM   1260 C C   . ASP A 1 146 ? -10.942 -0.342  -16.461 1.00 18.88 ? 152 ASP B C   1 
ATOM   1261 O O   . ASP A 1 146 ? -10.502 -1.436  -16.809 1.00 20.17 ? 152 ASP B O   1 
ATOM   1262 C CB  . ASP A 1 146 ? -8.677  0.612   -17.240 1.00 18.10 ? 152 ASP B CB  1 
ATOM   1263 C CG  . ASP A 1 146 ? -8.692  -0.121  -18.553 1.00 22.17 ? 152 ASP B CG  1 
ATOM   1264 O OD1 . ASP A 1 146 ? -9.501  0.273   -19.414 1.00 23.84 ? 152 ASP B OD1 1 
ATOM   1265 O OD2 . ASP A 1 146 ? -7.891  -1.055  -18.686 1.00 22.01 ? 152 ASP B OD2 1 
ATOM   1266 N N   . HIS A 1 147 ? -12.121 -0.181  -15.888 1.00 21.45 ? 153 HIS B N   1 
ATOM   1267 C CA  . HIS A 1 147 ? -13.162 -1.237  -15.784 1.00 25.04 ? 153 HIS B CA  1 
ATOM   1268 C C   . HIS A 1 147 ? -12.555 -2.451  -15.080 1.00 23.26 ? 153 HIS B C   1 
ATOM   1269 O O   . HIS A 1 147 ? -12.862 -3.584  -15.448 1.00 25.63 ? 153 HIS B O   1 
ATOM   1270 C CB  . HIS A 1 147 ? -13.690 -1.696  -17.154 1.00 29.21 ? 153 HIS B CB  1 
ATOM   1271 C CG  . HIS A 1 147 ? -14.043 -0.634  -18.142 1.00 38.01 ? 153 HIS B CG  1 
ATOM   1272 N ND1 . HIS A 1 147 ? -15.161 0.167   -18.003 1.00 44.64 ? 153 HIS B ND1 1 
ATOM   1273 C CD2 . HIS A 1 147 ? -13.464 -0.292  -19.316 1.00 42.31 ? 153 HIS B CD2 1 
ATOM   1274 C CE1 . HIS A 1 147 ? -15.239 0.990   -19.034 1.00 47.27 ? 153 HIS B CE1 1 
ATOM   1275 N NE2 . HIS A 1 147 ? -14.212 0.720   -19.863 1.00 44.59 ? 153 HIS B NE2 1 
ATOM   1276 N N   . GLY A 1 148 ? -11.673 -2.221  -14.113 1.00 19.44 ? 154 GLY B N   1 
ATOM   1277 C CA  . GLY A 1 148 ? -11.201 -3.321  -13.247 1.00 16.88 ? 154 GLY B CA  1 
ATOM   1278 C C   . GLY A 1 148 ? -10.174 -4.202  -13.915 1.00 15.22 ? 154 GLY B C   1 
ATOM   1279 O O   . GLY A 1 148 ? -10.051 -5.311  -13.447 1.00 15.82 ? 154 GLY B O   1 
ATOM   1280 N N   . SER A 1 149 ? -9.493  -3.765  -14.943 1.00 14.95 ? 155 SER B N   1 
ATOM   1281 C CA  . SER A 1 149 ? -8.541  -4.630  -15.652 1.00 12.99 ? 155 SER B CA  1 
ATOM   1282 C C   . SER A 1 149 ? -7.413  -5.068  -14.708 1.00 13.54 ? 155 SER B C   1 
ATOM   1283 O O   . SER A 1 149 ? -6.944  -4.281  -13.830 1.00 13.27 ? 155 SER B O   1 
ATOM   1284 C CB  . SER A 1 149 ? -7.991  -3.963  -16.879 1.00 15.01 ? 155 SER B CB  1 
ATOM   1285 O OG  . SER A 1 149 ? -7.352  -2.705  -16.610 1.00 15.16 ? 155 SER B OG  1 
ATOM   1286 N N   . LEU A 1 150 ? -6.880  -6.248  -14.913 1.00 12.20 ? 156 LEU B N   1 
ATOM   1287 C CA  . LEU A 1 150 ? -5.789  -6.777  -14.071 1.00 11.52 ? 156 LEU B CA  1 
ATOM   1288 C C   . LEU A 1 150 ? -4.528  -5.989  -14.355 1.00 11.42 ? 156 LEU B C   1 
ATOM   1289 O O   . LEU A 1 150 ? -4.066  -5.793  -15.502 1.00 12.03 ? 156 LEU B O   1 
ATOM   1290 C CB  . LEU A 1 150 ? -5.578  -8.256  -14.412 1.00 11.82 ? 156 LEU B CB  1 
ATOM   1291 C CG  . LEU A 1 150 ? -4.460  -8.943  -13.616 1.00 11.74 ? 156 LEU B CG  1 
ATOM   1292 C CD1 . LEU A 1 150 ? -4.793  -9.056  -12.135 1.00 11.80 ? 156 LEU B CD1 1 
ATOM   1293 C CD2 . LEU A 1 150 ? -4.230  -10.363 -14.176 1.00 12.83 ? 156 LEU B CD2 1 
ATOM   1294 N N   . ILE A 1 151 ? -3.850  -5.557  -13.280 1.00 10.55 ? 157 ILE B N   1 
ATOM   1295 C CA  . ILE A 1 151 ? -2.508  -4.965  -13.297 1.00 10.66 ? 157 ILE B CA  1 
ATOM   1296 C C   . ILE A 1 151 ? -1.418  -6.021  -13.071 1.00 9.72  ? 157 ILE B C   1 
ATOM   1297 O O   . ILE A 1 151 ? -0.423  -6.103  -13.766 1.00 10.19 ? 157 ILE B O   1 
ATOM   1298 C CB  . ILE A 1 151 ? -2.416  -3.796  -12.287 1.00 10.93 ? 157 ILE B CB  1 
ATOM   1299 C CG1 . ILE A 1 151 ? -3.332  -2.641  -12.680 1.00 11.50 ? 157 ILE B CG1 1 
ATOM   1300 C CG2 . ILE A 1 151 ? -0.968  -3.327  -12.199 1.00 11.41 ? 157 ILE B CG2 1 
ATOM   1301 C CD1 . ILE A 1 151 ? -3.508  -1.607  -11.598 1.00 11.93 ? 157 ILE B CD1 1 
ATOM   1302 N N   . TYR A 1 152 ? -1.552  -6.781  -11.972 1.00 10.18 ? 158 TYR B N   1 
ATOM   1303 C CA  . TYR A 1 152 ? -0.490  -7.734  -11.580 1.00 10.35 ? 158 TYR B CA  1 
ATOM   1304 C C   . TYR A 1 152 ? -1.061  -8.747  -10.583 1.00 9.65  ? 158 TYR B C   1 
ATOM   1305 O O   . TYR A 1 152 ? -1.855  -8.358  -9.718  1.00 10.20 ? 158 TYR B O   1 
ATOM   1306 C CB  . TYR A 1 152 ? 0.704   -7.016  -10.896 1.00 10.03 ? 158 TYR B CB  1 
ATOM   1307 C CG  . TYR A 1 152 ? 1.905   -7.900  -10.769 1.00 9.55  ? 158 TYR B CG  1 
ATOM   1308 C CD1 . TYR A 1 152 ? 2.761   -8.143  -11.841 1.00 10.15 ? 158 TYR B CD1 1 
ATOM   1309 C CD2 . TYR A 1 152 ? 2.204   -8.547  -9.570  1.00 9.50  ? 158 TYR B CD2 1 
ATOM   1310 C CE1 . TYR A 1 152 ? 3.820   -9.004  -11.743 1.00 10.89 ? 158 TYR B CE1 1 
ATOM   1311 C CE2 . TYR A 1 152 ? 3.285   -9.374  -9.457  1.00 10.41 ? 158 TYR B CE2 1 
ATOM   1312 C CZ  . TYR A 1 152 ? 4.079   -9.629  -10.542 1.00 10.13 ? 158 TYR B CZ  1 
ATOM   1313 O OH  . TYR A 1 152 ? 5.106   -10.516 -10.436 1.00 12.49 ? 158 TYR B OH  1 
ATOM   1314 N N   . THR A 1 153 ? -0.616  -10.004 -10.674 1.00 9.65  ? 159 THR B N   1 
ATOM   1315 C CA  . THR A 1 153 ? -0.864  -11.063 -9.663  1.00 9.96  ? 159 THR B CA  1 
ATOM   1316 C C   . THR A 1 153 ? 0.441   -11.655 -9.162  1.00 10.06 ? 159 THR B C   1 
ATOM   1317 O O   . THR A 1 153 ? 1.228   -12.197 -9.918  1.00 10.92 ? 159 THR B O   1 
ATOM   1318 C CB  . THR A 1 153 ? -1.748  -12.184 -10.251 1.00 10.72 ? 159 THR B CB  1 
ATOM   1319 O OG1 . THR A 1 153 ? -3.032  -11.608 -10.496 1.00 11.09 ? 159 THR B OG1 1 
ATOM   1320 C CG2 . THR A 1 153 ? -1.853  -13.395 -9.337  1.00 11.63 ? 159 THR B CG2 1 
ATOM   1321 N N   . PHE A 1 154 ? 0.686   -11.503 -7.848  1.00 10.04 ? 160 PHE B N   1 
ATOM   1322 C CA  . PHE A 1 154 ? 1.669   -12.335 -7.111  1.00 9.73  ? 160 PHE B CA  1 
ATOM   1323 C C   . PHE A 1 154 ? 0.962   -13.650 -6.735  1.00 9.85  ? 160 PHE B C   1 
ATOM   1324 O O   . PHE A 1 154 ? -0.041  -13.637 -6.052  1.00 10.61 ? 160 PHE B O   1 
ATOM   1325 C CB  . PHE A 1 154 ? 2.084   -11.670 -5.796  1.00 10.33 ? 160 PHE B CB  1 
ATOM   1326 C CG  . PHE A 1 154 ? 2.896   -10.396 -5.928  1.00 8.82  ? 160 PHE B CG  1 
ATOM   1327 C CD1 . PHE A 1 154 ? 2.298   -9.149  -5.977  1.00 8.91  ? 160 PHE B CD1 1 
ATOM   1328 C CD2 . PHE A 1 154 ? 4.265   -10.454 -5.849  1.00 9.29  ? 160 PHE B CD2 1 
ATOM   1329 C CE1 . PHE A 1 154 ? 3.087   -8.005  -6.002  1.00 9.61  ? 160 PHE B CE1 1 
ATOM   1330 C CE2 . PHE A 1 154 ? 5.053   -9.302  -5.881  1.00 9.90  ? 160 PHE B CE2 1 
ATOM   1331 C CZ  . PHE A 1 154 ? 4.444   -8.077  -5.950  1.00 9.44  ? 160 PHE B CZ  1 
ATOM   1332 N N   . SER A 1 155 ? 1.528   -14.744 -7.240  1.00 11.37 ? 161 SER B N   1 
ATOM   1333 C CA  . SER A 1 155 ? 1.011   -16.069 -6.858  1.00 11.78 ? 161 SER B CA  1 
ATOM   1334 C C   . SER A 1 155 ? 2.138   -16.837 -6.200  1.00 11.53 ? 161 SER B C   1 
ATOM   1335 O O   . SER A 1 155 ? 3.289   -16.441 -6.185  1.00 12.86 ? 161 SER B O   1 
ATOM   1336 C CB  . SER A 1 155 ? 0.447   -16.743 -8.060  1.00 12.42 ? 161 SER B CB  1 
ATOM   1337 O OG  . SER A 1 155 ? 1.470   -17.032 -8.971  1.00 15.70 ? 161 SER B OG  1 
ATOM   1338 N N   . GLU A 1 156 ? 1.762   -17.973 -5.579  1.00 12.98 ? 162 GLU B N   1 
ATOM   1339 C CA  . GLU A 1 156 ? 2.721   -18.799 -4.790  1.00 14.92 ? 162 GLU B CA  1 
ATOM   1340 C C   . GLU A 1 156 ? 3.347   -17.942 -3.686  1.00 12.92 ? 162 GLU B C   1 
ATOM   1341 O O   . GLU A 1 156 ? 4.552   -18.079 -3.351  1.00 14.56 ? 162 GLU B O   1 
ATOM   1342 C CB  . GLU A 1 156 ? 3.807   -19.413 -5.669  1.00 17.97 ? 162 GLU B CB  1 
ATOM   1343 C CG  . GLU A 1 156 ? 3.328   -20.115 -6.936  1.00 22.14 ? 162 GLU B CG  1 
ATOM   1344 C CD  . GLU A 1 156 ? 4.501   -20.800 -7.592  1.00 31.49 ? 162 GLU B CD  1 
ATOM   1345 O OE1 . GLU A 1 156 ? 5.375   -20.094 -8.172  1.00 33.09 ? 162 GLU B OE1 1 
ATOM   1346 O OE2 . GLU A 1 156 ? 4.629   -22.014 -7.365  1.00 39.53 ? 162 GLU B OE2 1 
ATOM   1347 N N   . CYS A 1 157 ? 2.531   -17.058 -3.127  1.00 11.80 ? 163 CYS B N   1 
ATOM   1348 C CA  . CYS A 1 157 ? 3.033   -16.185 -2.044  1.00 11.52 ? 163 CYS B CA  1 
ATOM   1349 C C   . CYS A 1 157 ? 3.282   -17.019 -0.776  1.00 12.57 ? 163 CYS B C   1 
ATOM   1350 O O   . CYS A 1 157 ? 2.422   -17.861 -0.424  1.00 13.66 ? 163 CYS B O   1 
ATOM   1351 C CB  . CYS A 1 157 ? 2.068   -15.049 -1.688  1.00 11.01 ? 163 CYS B CB  1 
ATOM   1352 S SG  . CYS A 1 157 ? 1.794   -13.863 -3.030  1.00 11.74 ? 163 CYS B SG  1 
ATOM   1353 N N   . VAL A 1 158 ? 4.362   -16.713 -0.091  1.00 12.29 ? 164 VAL B N   1 
ATOM   1354 C CA  . VAL A 1 158 ? 4.661   -17.367 1.213   1.00 12.95 ? 164 VAL B CA  1 
ATOM   1355 C C   . VAL A 1 158 ? 4.535   -16.262 2.265   1.00 11.50 ? 164 VAL B C   1 
ATOM   1356 O O   . VAL A 1 158 ? 5.529   -15.597 2.613   1.00 13.21 ? 164 VAL B O   1 
ATOM   1357 C CB  . VAL A 1 158 ? 6.006   -18.125 1.151   1.00 14.69 ? 164 VAL B CB  1 
ATOM   1358 C CG1 . VAL A 1 158 ? 6.289   -18.755 2.529   1.00 15.18 ? 164 VAL B CG1 1 
ATOM   1359 C CG2 . VAL A 1 158 ? 5.991   -19.181 0.039   1.00 15.84 ? 164 VAL B CG2 1 
ATOM   1360 N N   . PHE A 1 159 ? 3.340   -15.993 2.742   1.00 11.28 ? 165 PHE B N   1 
ATOM   1361 C CA  . PHE A 1 159 ? 3.052   -14.848 3.646   1.00 12.42 ? 165 PHE B CA  1 
ATOM   1362 C C   . PHE A 1 159 ? 3.841   -14.998 4.938   1.00 12.81 ? 165 PHE B C   1 
ATOM   1363 O O   . PHE A 1 159 ? 4.410   -14.012 5.424   1.00 13.42 ? 165 PHE B O   1 
ATOM   1364 C CB  . PHE A 1 159 ? 1.556   -14.662 3.840   1.00 12.02 ? 165 PHE B CB  1 
ATOM   1365 C CG  . PHE A 1 159 ? 0.797   -14.350 2.570   1.00 11.15 ? 165 PHE B CG  1 
ATOM   1366 C CD1 . PHE A 1 159 ? 1.221   -13.318 1.723   1.00 10.50 ? 165 PHE B CD1 1 
ATOM   1367 C CD2 . PHE A 1 159 ? -0.355  -15.024 2.240   1.00 12.66 ? 165 PHE B CD2 1 
ATOM   1368 C CE1 . PHE A 1 159 ? 0.517   -13.031 0.552   1.00 11.28 ? 165 PHE B CE1 1 
ATOM   1369 C CE2 . PHE A 1 159 ? -1.068  -14.739 1.082   1.00 12.30 ? 165 PHE B CE2 1 
ATOM   1370 C CZ  . PHE A 1 159 ? -0.649  -13.712 0.257   1.00 11.96 ? 165 PHE B CZ  1 
ATOM   1371 N N   . ALA A 1 160 ? 3.792   -16.176 5.563   1.00 12.38 ? 166 ALA B N   1 
ATOM   1372 C CA  . ALA A 1 160 ? 4.611   -16.551 6.744   1.00 12.85 ? 166 ALA B CA  1 
ATOM   1373 C C   . ALA A 1 160 ? 4.271   -15.695 7.954   1.00 12.62 ? 166 ALA B C   1 
ATOM   1374 O O   . ALA A 1 160 ? 5.162   -15.533 8.850   1.00 13.28 ? 166 ALA B O   1 
ATOM   1375 C CB  . ALA A 1 160 ? 6.055   -16.516 6.421   1.00 13.15 ? 166 ALA B CB  1 
ATOM   1376 N N   . GLY A 1 161 ? 3.075   -15.200 8.046   1.00 12.53 ? 167 GLY B N   1 
ATOM   1377 C CA  . GLY A 1 161 ? 2.613   -14.393 9.186   1.00 12.89 ? 167 GLY B CA  1 
ATOM   1378 C C   . GLY A 1 161 ? 1.314   -13.699 8.878   1.00 12.19 ? 167 GLY B C   1 
ATOM   1379 O O   . GLY A 1 161 ? 0.812   -13.775 7.719   1.00 12.20 ? 167 GLY B O   1 
ATOM   1380 N N   . PRO A 1 162 ? 0.718   -13.013 9.844   1.00 11.33 ? 168 PRO B N   1 
ATOM   1381 C CA  . PRO A 1 162 ? -0.406  -12.134 9.590   1.00 11.52 ? 168 PRO B CA  1 
ATOM   1382 C C   . PRO A 1 162 ? -0.010  -11.039 8.573   1.00 11.33 ? 168 PRO B C   1 
ATOM   1383 O O   . PRO A 1 162 ? 1.152   -10.604 8.588   1.00 11.98 ? 168 PRO B O   1 
ATOM   1384 C CB  . PRO A 1 162 ? -0.771  -11.522 10.958  1.00 11.57 ? 168 PRO B CB  1 
ATOM   1385 C CG  . PRO A 1 162 ? -0.032  -12.441 11.955  1.00 11.75 ? 168 PRO B CG  1 
ATOM   1386 C CD  . PRO A 1 162 ? 1.177   -12.912 11.245  1.00 11.46 ? 168 PRO B CD  1 
ATOM   1387 N N   . LEU A 1 163 ? -0.987  -10.611 7.796   1.00 10.92 ? 169 LEU B N   1 
ATOM   1388 C CA  . LEU A 1 163 ? -0.805  -9.527  6.791   1.00 10.79 ? 169 LEU B CA  1 
ATOM   1389 C C   . LEU A 1 163 ? -1.489  -8.257  7.268   1.00 11.17 ? 169 LEU B C   1 
ATOM   1390 O O   . LEU A 1 163 ? -2.577  -8.287  7.837   1.00 12.21 ? 169 LEU B O   1 
ATOM   1391 C CB  . LEU A 1 163 ? -1.383  -9.977  5.439   1.00 11.24 ? 169 LEU B CB  1 
ATOM   1392 C CG  . LEU A 1 163 ? -0.637  -11.081 4.690   1.00 12.17 ? 169 LEU B CG  1 
ATOM   1393 C CD1 . LEU A 1 163 ? -1.427  -11.456 3.449   1.00 12.17 ? 169 LEU B CD1 1 
ATOM   1394 C CD2 . LEU A 1 163 ? 0.798   -10.681 4.375   1.00 12.56 ? 169 LEU B CD2 1 
ATOM   1395 N N   . ARG A 1 164 ? -0.881  -7.132  6.890   1.00 10.73 ? 170 ARG B N   1 
ATOM   1396 C CA  . ARG A 1 164 ? -1.459  -5.799  7.091   1.00 10.59 ? 170 ARG B CA  1 
ATOM   1397 C C   . ARG A 1 164 ? -1.491  -5.019  5.773   1.00 9.08  ? 170 ARG B C   1 
ATOM   1398 O O   . ARG A 1 164 ? -0.524  -5.105  5.000   1.00 10.18 ? 170 ARG B O   1 
ATOM   1399 C CB  . ARG A 1 164 ? -0.670  -5.020  8.160   1.00 11.25 ? 170 ARG B CB  1 
ATOM   1400 C CG  . ARG A 1 164 ? -0.723  -5.713  9.533   1.00 12.97 ? 170 ARG B CG  1 
ATOM   1401 C CD  . ARG A 1 164 ? 0.005   -4.999  10.667  1.00 13.40 ? 170 ARG B CD  1 
ATOM   1402 N NE  . ARG A 1 164 ? -0.689  -3.761  10.955  1.00 13.81 ? 170 ARG B NE  1 
ATOM   1403 C CZ  . ARG A 1 164 ? -0.345  -2.959  11.950  1.00 14.49 ? 170 ARG B CZ  1 
ATOM   1404 N NH1 . ARG A 1 164 ? 0.624   -3.294  12.765  1.00 15.21 ? 170 ARG B NH1 1 
ATOM   1405 N NH2 . ARG A 1 164 ? -1.006  -1.851  12.118  1.00 14.84 ? 170 ARG B NH2 1 
ATOM   1406 N N   . PRO A 1 165 ? -2.550  -4.223  5.533   1.00 9.24  ? 171 PRO B N   1 
ATOM   1407 C CA  . PRO A 1 165 ? -2.522  -3.293  4.393   1.00 9.49  ? 171 PRO B CA  1 
ATOM   1408 C C   . PRO A 1 165 ? -1.306  -2.363  4.541   1.00 9.02  ? 171 PRO B C   1 
ATOM   1409 O O   . PRO A 1 165 ? -0.958  -1.911  5.620   1.00 10.10 ? 171 PRO B O   1 
ATOM   1410 C CB  . PRO A 1 165 ? -3.832  -2.543  4.486   1.00 9.64  ? 171 PRO B CB  1 
ATOM   1411 C CG  . PRO A 1 165 ? -4.759  -3.439  5.346   1.00 11.23 ? 171 PRO B CG  1 
ATOM   1412 C CD  . PRO A 1 165 ? -3.806  -4.121  6.294   1.00 11.19 ? 171 PRO B CD  1 
ATOM   1413 N N   . PHE A 1 166 ? -0.650  -2.068  3.416   1.00 8.88  ? 172 PHE B N   1 
ATOM   1414 C CA  . PHE A 1 166 ? 0.589   -1.285  3.341   1.00 9.22  ? 172 PHE B CA  1 
ATOM   1415 C C   . PHE A 1 166 ? 0.423   -0.103  2.374   1.00 8.72  ? 172 PHE B C   1 
ATOM   1416 O O   . PHE A 1 166 ? -0.111  -0.256  1.272   1.00 8.83  ? 172 PHE B O   1 
ATOM   1417 C CB  . PHE A 1 166 ? 1.725   -2.173  2.867   1.00 9.98  ? 172 PHE B CB  1 
ATOM   1418 C CG  . PHE A 1 166 ? 3.017   -1.434  2.624   1.00 9.49  ? 172 PHE B CG  1 
ATOM   1419 C CD1 . PHE A 1 166 ? 3.833   -1.089  3.695   1.00 10.84 ? 172 PHE B CD1 1 
ATOM   1420 C CD2 . PHE A 1 166 ? 3.394   -1.017  1.359   1.00 10.91 ? 172 PHE B CD2 1 
ATOM   1421 C CE1 . PHE A 1 166 ? 4.998   -0.373  3.481   1.00 10.69 ? 172 PHE B CE1 1 
ATOM   1422 C CE2 . PHE A 1 166 ? 4.528   -0.253  1.166   1.00 10.50 ? 172 PHE B CE2 1 
ATOM   1423 C CZ  . PHE A 1 166 ? 5.344   0.047   2.224   1.00 11.19 ? 172 PHE B CZ  1 
ATOM   1424 N N   . PHE A 1 167 ? 0.962   1.051   2.782   1.00 8.75  ? 173 PHE B N   1 
ATOM   1425 C CA  . PHE A 1 167 ? 0.829   2.318   2.036   1.00 8.85  ? 173 PHE B CA  1 
ATOM   1426 C C   . PHE A 1 167 ? 2.150   3.066   2.102   1.00 9.12  ? 173 PHE B C   1 
ATOM   1427 O O   . PHE A 1 167 ? 2.750   3.192   3.189   1.00 9.73  ? 173 PHE B O   1 
ATOM   1428 C CB  . PHE A 1 167 ? -0.249  3.233   2.621   1.00 9.28  ? 173 PHE B CB  1 
ATOM   1429 C CG  . PHE A 1 167 ? -1.576  2.528   2.804   1.00 9.25  ? 173 PHE B CG  1 
ATOM   1430 C CD1 . PHE A 1 167 ? -1.857  1.801   3.952   1.00 9.24  ? 173 PHE B CD1 1 
ATOM   1431 C CD2 . PHE A 1 167 ? -2.577  2.612   1.850   1.00 10.56 ? 173 PHE B CD2 1 
ATOM   1432 C CE1 . PHE A 1 167 ? -3.057  1.106   4.113   1.00 9.62  ? 173 PHE B CE1 1 
ATOM   1433 C CE2 . PHE A 1 167 ? -3.789  1.954   2.025   1.00 10.94 ? 173 PHE B CE2 1 
ATOM   1434 C CZ  . PHE A 1 167 ? -4.033  1.207   3.158   1.00 10.93 ? 173 PHE B CZ  1 
ATOM   1435 N N   . ASN A 1 168 ? 2.505   3.749   1.016   1.00 9.41  ? 174 ASN B N   1 
ATOM   1436 C CA  . ASN A 1 168 ? 3.595   4.752   0.975   1.00 8.83  ? 174 ASN B CA  1 
ATOM   1437 C C   . ASN A 1 168 ? 3.068   5.927   0.162   1.00 9.00  ? 174 ASN B C   1 
ATOM   1438 O O   . ASN A 1 168 ? 2.778   5.740   -1.034  1.00 9.67  ? 174 ASN B O   1 
ATOM   1439 C CB  . ASN A 1 168 ? 4.860   4.195   0.351   1.00 8.88  ? 174 ASN B CB  1 
ATOM   1440 C CG  . ASN A 1 168 ? 6.033   5.146   0.429   1.00 10.41 ? 174 ASN B CG  1 
ATOM   1441 O OD1 . ASN A 1 168 ? 5.910   6.274   0.896   1.00 11.49 ? 174 ASN B OD1 1 
ATOM   1442 N ND2 . ASN A 1 168 ? 7.195   4.691   0.019   1.00 11.97 ? 174 ASN B ND2 1 
ATOM   1443 N N   . VAL A 1 169 ? 2.930   7.108   0.761   1.00 9.31  ? 175 VAL B N   1 
ATOM   1444 C CA  . VAL A 1 169 ? 2.453   8.303   0.020   1.00 9.59  ? 175 VAL B CA  1 
ATOM   1445 C C   . VAL A 1 169 ? 3.553   8.873   -0.873  1.00 9.71  ? 175 VAL B C   1 
ATOM   1446 O O   . VAL A 1 169 ? 3.241   9.769   -1.667  1.00 10.34 ? 175 VAL B O   1 
ATOM   1447 C CB  . VAL A 1 169 ? 1.894   9.399   0.947   1.00 9.96  ? 175 VAL B CB  1 
ATOM   1448 C CG1 . VAL A 1 169 ? 0.697   8.904   1.723   1.00 11.46 ? 175 VAL B CG1 1 
ATOM   1449 C CG2 . VAL A 1 169 ? 2.936   9.956   1.898   1.00 10.76 ? 175 VAL B CG2 1 
ATOM   1450 N N   . GLY A 1 170 ? 4.803   8.445   -0.682  1.00 10.02 ? 176 GLY B N   1 
ATOM   1451 C CA  . GLY A 1 170 ? 5.944   9.002   -1.434  1.00 10.47 ? 176 GLY B CA  1 
ATOM   1452 C C   . GLY A 1 170 ? 6.398   10.342  -0.898  1.00 10.07 ? 176 GLY B C   1 
ATOM   1453 O O   . GLY A 1 170 ? 5.721   11.030  -0.170  1.00 10.28 ? 176 GLY B O   1 
ATOM   1454 N N   . PHE A 1 171 ? 7.650   10.669  -1.226  1.00 11.11 ? 177 PHE B N   1 
ATOM   1455 C CA  . PHE A 1 171 ? 8.233   12.002  -0.949  1.00 10.86 ? 177 PHE B CA  1 
ATOM   1456 C C   . PHE A 1 171 ? 7.613   13.044  -1.861  1.00 10.49 ? 177 PHE B C   1 
ATOM   1457 O O   . PHE A 1 171 ? 6.932   12.715  -2.850  1.00 10.56 ? 177 PHE B O   1 
ATOM   1458 C CB  . PHE A 1 171 ? 9.762   11.981  -1.064  1.00 12.28 ? 177 PHE B CB  1 
ATOM   1459 C CG  . PHE A 1 171 ? 10.455  11.199  0.028   1.00 13.05 ? 177 PHE B CG  1 
ATOM   1460 C CD1 . PHE A 1 171 ? 10.568  11.714  1.298   1.00 14.50 ? 177 PHE B CD1 1 
ATOM   1461 C CD2 . PHE A 1 171 ? 10.980  9.948   -0.223  1.00 14.62 ? 177 PHE B CD2 1 
ATOM   1462 C CE1 . PHE A 1 171 ? 11.191  10.977  2.300   1.00 16.36 ? 177 PHE B CE1 1 
ATOM   1463 C CE2 . PHE A 1 171 ? 11.620  9.235   0.790   1.00 15.91 ? 177 PHE B CE2 1 
ATOM   1464 C CZ  . PHE A 1 171 ? 11.737  9.769   2.013   1.00 16.67 ? 177 PHE B CZ  1 
ATOM   1465 N N   . ASN A 1 172 ? 7.830   14.299  -1.511  1.00 11.19 ? 178 ASN B N   1 
ATOM   1466 C CA  . ASN A 1 172 ? 7.303   15.414  -2.320  1.00 9.83  ? 178 ASN B CA  1 
ATOM   1467 C C   . ASN A 1 172 ? 8.462   16.394  -2.543  1.00 10.35 ? 178 ASN B C   1 
ATOM   1468 O O   . ASN A 1 172 ? 8.302   17.600  -2.326  1.00 12.37 ? 178 ASN B O   1 
ATOM   1469 C CB  . ASN A 1 172 ? 6.099   16.073  -1.672  1.00 10.72 ? 178 ASN B CB  1 
ATOM   1470 C CG  . ASN A 1 172 ? 5.458   17.106  -2.551  1.00 11.12 ? 178 ASN B CG  1 
ATOM   1471 O OD1 . ASN A 1 172 ? 5.537   17.056  -3.757  1.00 11.27 ? 178 ASN B OD1 1 
ATOM   1472 N ND2 . ASN A 1 172 ? 4.794   18.056  -1.921  1.00 12.56 ? 178 ASN B ND2 1 
ATOM   1473 N N   . TYR A 1 173 ? 9.561   15.913  -3.077  1.00 10.88 ? 179 TYR B N   1 
ATOM   1474 C CA  . TYR A 1 173 ? 10.685  16.803  -3.483  1.00 10.75 ? 179 TYR B CA  1 
ATOM   1475 C C   . TYR A 1 173 ? 10.248  17.687  -4.642  1.00 11.52 ? 179 TYR B C   1 
ATOM   1476 O O   . TYR A 1 173 ? 10.794  18.837  -4.771  1.00 12.66 ? 179 TYR B O   1 
ATOM   1477 C CB  . TYR A 1 173 ? 11.903  15.979  -3.897  1.00 11.31 ? 179 TYR B CB  1 
ATOM   1478 C CG  . TYR A 1 173 ? 12.540  15.177  -2.794  1.00 13.94 ? 179 TYR B CG  1 
ATOM   1479 C CD1 . TYR A 1 173 ? 13.293  15.804  -1.800  1.00 17.35 ? 179 TYR B CD1 1 
ATOM   1480 C CD2 . TYR A 1 173 ? 12.463  13.791  -2.781  1.00 15.27 ? 179 TYR B CD2 1 
ATOM   1481 C CE1 . TYR A 1 173 ? 13.853  15.076  -0.752  1.00 18.86 ? 179 TYR B CE1 1 
ATOM   1482 C CE2 . TYR A 1 173 ? 13.026  13.055  -1.729  1.00 16.54 ? 179 TYR B CE2 1 
ATOM   1483 C CZ  . TYR A 1 173 ? 13.725  13.705  -0.744  1.00 18.58 ? 179 TYR B CZ  1 
ATOM   1484 O OH  . TYR A 1 173 ? 14.338  13.009  0.278   1.00 23.31 ? 179 TYR B OH  1 
ATOM   1485 N N   . SER A 1 174 ? 9.386   17.248  -5.553  1.00 10.87 ? 180 SER B N   1 
ATOM   1486 C CA  . SER A 1 174 ? 9.037   17.959  -6.799  1.00 12.45 ? 180 SER B CA  1 
ATOM   1487 C C   . SER A 1 174 ? 8.005   19.061  -6.532  1.00 11.34 ? 180 SER B C   1 
ATOM   1488 O O   . SER A 1 174 ? 7.803   19.923  -7.405  1.00 13.38 ? 180 SER B O   1 
ATOM   1489 C CB  . SER A 1 174 ? 8.471   17.047  -7.811  1.00 11.74 ? 180 SER B CB  1 
ATOM   1490 O OG  . SER A 1 174 ? 7.241   16.486  -7.290  1.00 12.22 ? 180 SER B OG  1 
ATOM   1491 N N   . GLY A 1 175 ? 7.274   19.005  -5.425  1.00 10.85 ? 181 GLY B N   1 
ATOM   1492 C CA  . GLY A 1 175 ? 6.090   19.862  -5.267  1.00 11.76 ? 181 GLY B CA  1 
ATOM   1493 C C   . GLY A 1 175 ? 4.891   19.364  -6.038  1.00 11.93 ? 181 GLY B C   1 
ATOM   1494 O O   . GLY A 1 175 ? 3.844   20.037  -5.964  1.00 14.20 ? 181 GLY B O   1 
ATOM   1495 N N   . GLY A 1 176 ? 4.982   18.247  -6.759  1.00 11.29 ? 182 GLY B N   1 
ATOM   1496 C CA  . GLY A 1 176 ? 3.850   17.704  -7.522  1.00 11.34 ? 182 GLY B CA  1 
ATOM   1497 C C   . GLY A 1 176 ? 3.252   16.447  -6.887  1.00 11.55 ? 182 GLY B C   1 
ATOM   1498 O O   . GLY A 1 176 ? 2.355   15.868  -7.539  1.00 12.42 ? 182 GLY B O   1 
ATOM   1499 N N   . ASN A 1 177 ? 3.672   16.037  -5.709  1.00 10.24 ? 183 ASN B N   1 
ATOM   1500 C CA  . ASN A 1 177 ? 3.211   14.770  -5.101  1.00 9.85  ? 183 ASN B CA  1 
ATOM   1501 C C   . ASN A 1 177 ? 2.587   14.988  -3.727  1.00 10.15 ? 183 ASN B C   1 
ATOM   1502 O O   . ASN A 1 177 ? 2.577   14.049  -2.925  1.00 10.99 ? 183 ASN B O   1 
ATOM   1503 C CB  . ASN A 1 177 ? 4.334   13.737  -5.016  1.00 9.88  ? 183 ASN B CB  1 
ATOM   1504 C CG  . ASN A 1 177 ? 3.809   12.336  -4.796  1.00 9.42  ? 183 ASN B CG  1 
ATOM   1505 O OD1 . ASN A 1 177 ? 2.774   11.995  -5.359  1.00 10.39 ? 183 ASN B OD1 1 
ATOM   1506 N ND2 . ASN A 1 177 ? 4.540   11.565  -4.008  1.00 9.91  ? 183 ASN B ND2 1 
ATOM   1507 N N   . ALA A 1 178 ? 1.972   16.126  -3.466  1.00 10.52 ? 184 ALA B N   1 
ATOM   1508 C CA  . ALA A 1 178 ? 1.364   16.410  -2.146  1.00 11.11 ? 184 ALA B CA  1 
ATOM   1509 C C   . ALA A 1 178 ? 0.053   15.663  -1.933  1.00 11.00 ? 184 ALA B C   1 
ATOM   1510 O O   . ALA A 1 178 ? -0.386  15.534  -0.778  1.00 12.16 ? 184 ALA B O   1 
ATOM   1511 C CB  . ALA A 1 178 ? 1.104   17.923  -1.969  1.00 11.69 ? 184 ALA B CB  1 
ATOM   1512 N N   . ALA A 1 179 ? -0.618  15.252  -2.999  1.00 10.35 ? 185 ALA B N   1 
ATOM   1513 C CA  . ALA A 1 179 ? -1.985  14.709  -2.859  1.00 10.88 ? 185 ALA B CA  1 
ATOM   1514 C C   . ALA A 1 179 ? -2.008  13.482  -1.941  1.00 10.97 ? 185 ALA B C   1 
ATOM   1515 O O   . ALA A 1 179 ? -1.060  12.698  -1.858  1.00 10.66 ? 185 ALA B O   1 
ATOM   1516 C CB  . ALA A 1 179 ? -2.563  14.379  -4.198  1.00 11.22 ? 185 ALA B CB  1 
ATOM   1517 N N   . PRO A 1 180 ? -3.133  13.236  -1.252  1.00 10.84 ? 186 PRO B N   1 
ATOM   1518 C CA  . PRO A 1 180 ? -3.253  12.084  -0.354  1.00 11.19 ? 186 PRO B CA  1 
ATOM   1519 C C   . PRO A 1 180 ? -3.497  10.727  -1.057  1.00 10.21 ? 186 PRO B C   1 
ATOM   1520 O O   . PRO A 1 180 ? -3.929  10.686  -2.190  1.00 11.62 ? 186 PRO B O   1 
ATOM   1521 C CB  . PRO A 1 180 ? -4.513  12.448  0.473   1.00 12.50 ? 186 PRO B CB  1 
ATOM   1522 C CG  . PRO A 1 180 ? -5.357  13.229  -0.488  1.00 14.25 ? 186 PRO B CG  1 
ATOM   1523 C CD  . PRO A 1 180 ? -4.329  14.096  -1.218  1.00 13.37 ? 186 PRO B CD  1 
ATOM   1524 N N   . LEU A 1 181 ? -3.230  9.653   -0.334  1.00 11.01 ? 187 LEU B N   1 
ATOM   1525 C CA  . LEU A 1 181 ? -3.887  8.350   -0.572  1.00 10.49 ? 187 LEU B CA  1 
ATOM   1526 C C   . LEU A 1 181 ? -5.197  8.331   0.204   1.00 10.82 ? 187 LEU B C   1 
ATOM   1527 O O   . LEU A 1 181 ? -5.210  8.748   1.384   1.00 12.99 ? 187 LEU B O   1 
ATOM   1528 C CB  . LEU A 1 181 ? -2.980  7.223   -0.132  1.00 10.45 ? 187 LEU B CB  1 
ATOM   1529 C CG  . LEU A 1 181 ? -1.679  7.065   -0.914  1.00 11.34 ? 187 LEU B CG  1 
ATOM   1530 C CD1 . LEU A 1 181 ? -0.773  6.007   -0.283  1.00 12.05 ? 187 LEU B CD1 1 
ATOM   1531 C CD2 . LEU A 1 181 ? -1.899  6.701   -2.381  1.00 12.02 ? 187 LEU B CD2 1 
ATOM   1532 N N   . LYS A 1 182 ? -6.273  7.863   -0.415  1.00 11.09 ? 188 LYS B N   1 
ATOM   1533 C CA  . LYS A 1 182 ? -7.582  7.795   0.272   1.00 12.44 ? 188 LYS B CA  1 
ATOM   1534 C C   . LYS A 1 182 ? -8.139  6.386   0.133   1.00 12.18 ? 188 LYS B C   1 
ATOM   1535 O O   . LYS A 1 182 ? -8.262  5.875   -1.009  1.00 12.68 ? 188 LYS B O   1 
ATOM   1536 C CB  . LYS A 1 182 ? -8.584  8.798   -0.307  1.00 14.08 ? 188 LYS B CB  1 
ATOM   1537 C CG  . LYS A 1 182 ? -8.135  10.243  -0.431  1.00 16.72 ? 188 LYS B CG  1 
ATOM   1538 C CD  . LYS A 1 182 ? -9.272  11.187  -0.823  1.00 19.83 ? 188 LYS B CD  1 
ATOM   1539 C CE  . LYS A 1 182 ? -8.830  12.586  -1.179  1.00 22.93 ? 188 LYS B CE  1 
ATOM   1540 N NZ  . LYS A 1 182 ? -9.989  13.335  -1.729  1.00 28.38 ? 188 LYS B NZ  1 
ATOM   1541 N N   . LEU A 1 183 ? -8.597  5.806   1.207   1.00 12.26 ? 189 LEU B N   1 
ATOM   1542 C CA  . LEU A 1 183 ? -9.388  4.551   1.155   1.00 12.58 ? 189 LEU B CA  1 
ATOM   1543 C C   . LEU A 1 183 ? -10.801 4.882   0.685   1.00 14.02 ? 189 LEU B C   1 
ATOM   1544 O O   . LEU A 1 183 ? -11.501 5.689   1.370   1.00 17.47 ? 189 LEU B O   1 
ATOM   1545 C CB  . LEU A 1 183 ? -9.341  3.888   2.531   1.00 13.38 ? 189 LEU B CB  1 
ATOM   1546 C CG  . LEU A 1 183 ? -7.993  3.217   2.798   1.00 14.60 ? 189 LEU B CG  1 
ATOM   1547 C CD1 . LEU A 1 183 ? -7.613  3.100   4.279   1.00 17.83 ? 189 LEU B CD1 1 
ATOM   1548 C CD2 . LEU A 1 183 ? -7.911  1.879   2.079   1.00 12.52 ? 189 LEU B CD2 1 
ATOM   1549 N N   . CYS A 1 184 ? -11.193 4.287   -0.428  1.00 15.40 ? 190 CYS B N   1 
ATOM   1550 C CA  . CYS A 1 184 ? -12.495 4.565   -1.107  1.00 18.38 ? 190 CYS B CA  1 
ATOM   1551 C C   . CYS A 1 184 ? -13.620 3.819   -0.420  1.00 19.41 ? 190 CYS B C   1 
ATOM   1552 O O   . CYS A 1 184 ? -13.452 2.691   0.008   1.00 21.11 ? 190 CYS B O   1 
ATOM   1553 C CB  . CYS A 1 184 ? -12.540 3.985   -2.505  1.00 20.33 ? 190 CYS B CB  1 
ATOM   1554 S SG  . CYS A 1 184 ? -11.146 4.414   -3.537  1.00 20.97 ? 190 CYS B SG  1 
ATOM   1555 N N   . PRO A 1 185 ? -14.822 4.426   -0.353  1.00 26.03 ? 191 PRO B N   1 
ATOM   1556 C CA  . PRO A 1 185 ? -15.964 3.794   0.284   1.00 30.41 ? 191 PRO B CA  1 
ATOM   1557 C C   . PRO A 1 185 ? -16.383 2.596   -0.567  1.00 30.53 ? 191 PRO B C   1 
ATOM   1558 O O   . PRO A 1 185 ? -16.200 2.637   -1.787  1.00 31.84 ? 191 PRO B O   1 
ATOM   1559 C CB  . PRO A 1 185 ? -17.007 4.927   0.336   1.00 30.02 ? 191 PRO B CB  1 
ATOM   1560 C CG  . PRO A 1 185 ? -16.641 5.830   -0.811  1.00 29.54 ? 191 PRO B CG  1 
ATOM   1561 C CD  . PRO A 1 185 ? -15.130 5.765   -0.875  1.00 27.52 ? 191 PRO B CD  1 
ATOM   1562 N N   . LEU A 1 186 ? -16.889 1.579   0.129   1.00 36.61 ? 192 LEU B N   1 
ATOM   1563 C CA  . LEU A 1 186 ? -17.668 0.419   -0.380  1.00 38.45 ? 192 LEU B CA  1 
ATOM   1564 C C   . LEU A 1 186 ? -18.892 0.922   -1.150  1.00 44.34 ? 192 LEU B C   1 
ATOM   1565 O O   . LEU A 1 186 ? -19.504 0.131   -1.871  1.00 55.00 ? 192 LEU B O   1 
ATOM   1566 C CB  . LEU A 1 186 ? -18.101 -0.425  0.823   1.00 37.74 ? 192 LEU B CB  1 
HETATM 1567 C C1  . EDO B 2 .   ? 10.234  15.790  0.598   1.00 25.60 ? 201 EDO B C1  1 
HETATM 1568 O O1  . EDO B 2 .   ? 8.971   15.207  0.888   1.00 19.67 ? 201 EDO B O1  1 
HETATM 1569 C C2  . EDO B 2 .   ? 11.310  15.593  1.597   1.00 31.86 ? 201 EDO B C2  1 
HETATM 1570 O O2  . EDO B 2 .   ? 10.902  15.985  2.894   1.00 36.85 ? 201 EDO B O2  1 
HETATM 1571 N N1  . LHR C 3 .   ? 14.550  4.028   16.530  0.60 27.59 ? 202 LHR B N1  1 
HETATM 1572 N N3  . LHR C 3 .   ? 11.866  5.905   20.123  0.60 29.70 ? 202 LHR B N3  1 
HETATM 1573 C C4  . LHR C 3 .   ? 14.050  2.784   18.604  0.60 27.27 ? 202 LHR B C4  1 
HETATM 1574 C C5  . LHR C 3 .   ? 13.448  2.705   19.829  0.60 27.62 ? 202 LHR B C5  1 
HETATM 1575 C C6  . LHR C 3 .   ? 12.709  3.809   20.291  0.60 28.10 ? 202 LHR B C6  1 
HETATM 1576 C C7  . LHR C 3 .   ? 11.982  4.106   21.439  0.60 29.38 ? 202 LHR B C7  1 
HETATM 1577 C C8  . LHR C 3 .   ? 12.602  4.969   19.486  0.60 28.09 ? 202 LHR B C8  1 
HETATM 1578 C C1  . LHR C 3 .   ? 15.739  3.505   14.495  0.60 27.93 ? 202 LHR B C1  1 
HETATM 1579 C C2  . LHR C 3 .   ? 15.307  3.111   15.879  0.60 27.61 ? 202 LHR B C2  1 
HETATM 1580 O O1  . LHR C 3 .   ? 15.619  2.020   16.359  0.60 31.29 ? 202 LHR B O1  1 
HETATM 1581 C C3  . LHR C 3 .   ? 13.937  3.932   17.808  0.60 27.34 ? 202 LHR B C3  1 
HETATM 1582 N N2  . LHR C 3 .   ? 11.497  5.353   21.315  0.60 29.22 ? 202 LHR B N2  1 
HETATM 1583 C C9  . LHR C 3 .   ? 13.226  5.031   18.225  0.60 27.57 ? 202 LHR B C9  1 
HETATM 1584 C C1  . EDO D 2 .   ? 22.559  6.111   8.726   1.00 33.27 ? 203 EDO B C1  1 
HETATM 1585 O O1  . EDO D 2 .   ? 21.184  5.730   8.704   1.00 27.66 ? 203 EDO B O1  1 
HETATM 1586 C C2  . EDO D 2 .   ? 23.054  6.397   7.385   1.00 34.59 ? 203 EDO B C2  1 
HETATM 1587 O O2  . EDO D 2 .   ? 22.463  7.575   6.886   1.00 43.36 ? 203 EDO B O2  1 
HETATM 1588 S S   . SO4 E 4 .   ? 17.510  -5.027  0.980   1.00 37.14 ? 204 SO4 B S   1 
HETATM 1589 O O1  . SO4 E 4 .   ? 16.436  -4.750  1.882   1.00 24.89 ? 204 SO4 B O1  1 
HETATM 1590 O O2  . SO4 E 4 .   ? 18.743  -5.101  1.708   1.00 43.94 ? 204 SO4 B O2  1 
HETATM 1591 O O3  . SO4 E 4 .   ? 17.253  -6.276  0.305   1.00 42.41 ? 204 SO4 B O3  1 
HETATM 1592 O O4  . SO4 E 4 .   ? 17.615  -3.960  -0.001  1.00 38.54 ? 204 SO4 B O4  1 
HETATM 1593 O O   . HOH F 5 .   ? 8.291   -15.817 2.345   1.00 18.80 ? 301 HOH B O   1 
HETATM 1594 O O   . HOH F 5 .   ? -11.149 6.039   -11.686 1.00 25.25 ? 302 HOH B O   1 
HETATM 1595 O O   . HOH F 5 .   ? 3.125   16.081  -11.958 1.00 25.79 ? 303 HOH B O   1 
HETATM 1596 O O   . HOH F 5 .   ? -1.842  11.528  11.990  1.00 21.81 ? 304 HOH B O   1 
HETATM 1597 O O   . HOH F 5 .   ? 7.496   20.481  12.682  1.00 15.97 ? 305 HOH B O   1 
HETATM 1598 O O   . HOH F 5 .   ? 9.193   20.463  3.915   1.00 31.22 ? 306 HOH B O   1 
HETATM 1599 O O   . HOH F 5 .   ? -1.254  -15.660 11.270  1.00 15.56 ? 307 HOH B O   1 
HETATM 1600 O O   . HOH F 5 .   ? 9.577   3.285   -12.150 1.00 28.35 ? 308 HOH B O   1 
HETATM 1601 O O   . HOH F 5 .   ? 4.109   24.335  3.719   1.00 38.89 ? 309 HOH B O   1 
HETATM 1602 O O   . HOH F 5 .   ? 0.545   16.884  1.403   1.00 17.64 ? 310 HOH B O   1 
HETATM 1603 O O   . HOH F 5 .   ? 0.897   16.214  -9.650  1.00 35.39 ? 311 HOH B O   1 
HETATM 1604 O O   . HOH F 5 .   ? -5.235  -19.364 7.085   1.00 14.57 ? 312 HOH B O   1 
HETATM 1605 O O   . HOH F 5 .   ? -8.522  9.628   14.202  1.00 32.41 ? 313 HOH B O   1 
HETATM 1606 O O   . HOH F 5 .   ? 11.039  -3.537  6.046   1.00 33.77 ? 314 HOH B O   1 
HETATM 1607 O O   . HOH F 5 .   ? 0.015   15.456  -5.939  1.00 15.45 ? 315 HOH B O   1 
HETATM 1608 O O   . HOH F 5 .   ? -14.800 -1.185  -8.239  1.00 28.52 ? 316 HOH B O   1 
HETATM 1609 O O   . HOH F 5 .   ? 7.104   -18.565 -3.776  1.00 32.77 ? 317 HOH B O   1 
HETATM 1610 O O   . HOH F 5 .   ? 11.901  -5.124  -5.209  1.00 23.28 ? 318 HOH B O   1 
HETATM 1611 O O   . HOH F 5 .   ? 5.320   -12.206 11.500  1.00 26.18 ? 319 HOH B O   1 
HETATM 1612 O O   . HOH F 5 .   ? 11.518  -1.479  15.030  1.00 27.06 ? 320 HOH B O   1 
HETATM 1613 O O   . HOH F 5 .   ? -11.337 -17.258 6.478   1.00 40.40 ? 321 HOH B O   1 
HETATM 1614 O O   . HOH F 5 .   ? 7.171   19.844  -9.987  1.00 16.17 ? 322 HOH B O   1 
HETATM 1615 O O   . HOH F 5 .   ? 1.550   -19.501 -9.957  1.00 22.94 ? 323 HOH B O   1 
HETATM 1616 O O   . HOH F 5 .   ? -1.606  6.236   -11.032 1.00 14.24 ? 324 HOH B O   1 
HETATM 1617 O O   . HOH F 5 .   ? 3.137   -2.039  14.373  1.00 20.57 ? 325 HOH B O   1 
HETATM 1618 O O   . HOH F 5 .   ? 13.195  5.810   14.862  1.00 28.79 ? 326 HOH B O   1 
HETATM 1619 O O   . HOH F 5 .   ? -8.353  -16.581 -5.392  1.00 26.06 ? 327 HOH B O   1 
HETATM 1620 O O   . HOH F 5 .   ? 13.911  -5.895  -13.768 1.00 37.84 ? 328 HOH B O   1 
HETATM 1621 O O   . HOH F 5 .   ? -6.579  -12.938 -8.234  1.00 23.51 ? 329 HOH B O   1 
HETATM 1622 O O   . HOH F 5 .   ? 12.370  19.829  -2.817  1.00 23.10 ? 330 HOH B O   1 
HETATM 1623 O O   . HOH F 5 .   ? 5.324   9.694   -11.903 1.00 14.99 ? 331 HOH B O   1 
HETATM 1624 O O   . HOH F 5 .   ? -4.789  -13.288 -11.685 1.00 15.91 ? 332 HOH B O   1 
HETATM 1625 O O   . HOH F 5 .   ? 7.138   11.678  -19.265 1.00 40.52 ? 333 HOH B O   1 
HETATM 1626 O O   . HOH F 5 .   ? 14.896  -7.893  -1.648  1.00 32.07 ? 334 HOH B O   1 
HETATM 1627 O O   . HOH F 5 .   ? -11.685 -0.132  2.813   1.00 17.63 ? 335 HOH B O   1 
HETATM 1628 O O   . HOH F 5 .   ? 16.758  5.937   3.447   1.00 34.48 ? 336 HOH B O   1 
HETATM 1629 O O   . HOH F 5 .   ? 8.833   -4.888  12.893  1.00 27.04 ? 337 HOH B O   1 
HETATM 1630 O O   . HOH F 5 .   ? 13.625  10.082  15.812  1.00 13.86 ? 338 HOH B O   1 
HETATM 1631 O O   . HOH F 5 .   ? 3.817   13.024  -0.728  1.00 13.68 ? 339 HOH B O   1 
HETATM 1632 O O   . HOH F 5 .   ? -14.929 -12.716 2.337   1.00 32.18 ? 340 HOH B O   1 
HETATM 1633 O O   . HOH F 5 .   ? 13.092  5.755   -13.795 1.00 21.98 ? 341 HOH B O   1 
HETATM 1634 O O   . HOH F 5 .   ? 6.668   -6.172  -3.058  1.00 11.16 ? 342 HOH B O   1 
HETATM 1635 O O   . HOH F 5 .   ? -10.864 2.579   -19.916 1.00 40.20 ? 343 HOH B O   1 
HETATM 1636 O O   . HOH F 5 .   ? 13.807  -6.358  5.760   1.00 28.11 ? 344 HOH B O   1 
HETATM 1637 O O   . HOH F 5 .   ? -14.147 -0.224  -12.521 1.00 29.33 ? 345 HOH B O   1 
HETATM 1638 O O   . HOH F 5 .   ? -12.563 9.929   3.972   1.00 25.90 ? 346 HOH B O   1 
HETATM 1639 O O   . HOH F 5 .   ? 5.405   -12.554 -8.635  1.00 15.89 ? 347 HOH B O   1 
HETATM 1640 O O   . HOH F 5 .   ? 14.901  7.770   2.731   1.00 31.00 ? 348 HOH B O   1 
HETATM 1641 O O   . HOH F 5 .   ? -11.416 0.866   0.225   1.00 15.21 ? 349 HOH B O   1 
HETATM 1642 O O   . HOH F 5 .   ? 2.176   -6.640  -17.191 1.00 15.95 ? 350 HOH B O   1 
HETATM 1643 O O   . HOH F 5 .   ? 10.731  7.112   13.346  1.00 33.10 ? 351 HOH B O   1 
HETATM 1644 O O   . HOH F 5 .   ? 11.244  -6.877  6.581   1.00 17.15 ? 352 HOH B O   1 
HETATM 1645 O O   . HOH F 5 .   ? -0.742  -19.242 -5.459  1.00 16.70 ? 353 HOH B O   1 
HETATM 1646 O O   . HOH F 5 .   ? 1.806   -20.120 -1.895  1.00 20.22 ? 354 HOH B O   1 
HETATM 1647 O O   . HOH F 5 .   ? 4.070   -7.266  -15.424 1.00 16.25 ? 355 HOH B O   1 
HETATM 1648 O O   . HOH F 5 .   ? 2.511   10.857  11.704  1.00 16.29 ? 356 HOH B O   1 
HETATM 1649 O O   . HOH F 5 .   ? 10.593  5.468   -15.207 1.00 28.33 ? 357 HOH B O   1 
HETATM 1650 O O   . HOH F 5 .   ? -11.668 9.124   -10.347 1.00 33.04 ? 358 HOH B O   1 
HETATM 1651 O O   . HOH F 5 .   ? 12.443  2.862   7.421   1.00 14.54 ? 359 HOH B O   1 
HETATM 1652 O O   . HOH F 5 .   ? -2.942  -14.516 13.352  1.00 25.02 ? 360 HOH B O   1 
HETATM 1653 O O   . HOH F 5 .   ? 19.584  4.255   6.983   1.00 18.62 ? 361 HOH B O   1 
HETATM 1654 O O   . HOH F 5 .   ? -14.076 1.795   -15.808 1.00 38.90 ? 362 HOH B O   1 
HETATM 1655 O O   . HOH F 5 .   ? 9.303   -10.854 9.150   1.00 18.25 ? 363 HOH B O   1 
HETATM 1656 O O   . HOH F 5 .   ? 2.217   15.852  20.852  1.00 25.05 ? 364 HOH B O   1 
HETATM 1657 O O   . HOH F 5 .   ? 7.531   0.366   -15.743 1.00 33.27 ? 365 HOH B O   1 
HETATM 1658 O O   . HOH F 5 .   ? 11.419  -7.322  11.887  1.00 35.04 ? 366 HOH B O   1 
HETATM 1659 O O   . HOH F 5 .   ? -10.445 -18.967 4.940   1.00 32.43 ? 367 HOH B O   1 
HETATM 1660 O O   . HOH F 5 .   ? -9.301  -18.120 1.070   1.00 27.05 ? 368 HOH B O   1 
HETATM 1661 O O   . HOH F 5 .   ? 0.520   -4.769  -16.037 1.00 15.65 ? 369 HOH B O   1 
HETATM 1662 O O   . HOH F 5 .   ? 7.854   13.260  -10.318 1.00 18.12 ? 370 HOH B O   1 
HETATM 1663 O O   . HOH F 5 .   ? -8.799  -20.044 -2.568  1.00 28.04 ? 371 HOH B O   1 
HETATM 1664 O O   . HOH F 5 .   ? -5.280  12.118  -4.220  1.00 20.68 ? 372 HOH B O   1 
HETATM 1665 O O   . HOH F 5 .   ? 9.270   11.887  16.964  1.00 20.94 ? 373 HOH B O   1 
HETATM 1666 O O   . HOH F 5 .   ? 1.192   12.942  0.263   1.00 12.67 ? 374 HOH B O   1 
HETATM 1667 O O   . HOH F 5 .   ? -1.106  8.296   -9.219  1.00 12.04 ? 375 HOH B O   1 
HETATM 1668 O O   . HOH F 5 .   ? -5.236  -6.653  -17.922 1.00 15.28 ? 376 HOH B O   1 
HETATM 1669 O O   . HOH F 5 .   ? -9.834  11.215  -10.023 1.00 24.27 ? 377 HOH B O   1 
HETATM 1670 O O   . HOH F 5 .   ? -6.221  -17.664 10.883  1.00 27.28 ? 378 HOH B O   1 
HETATM 1671 O O   . HOH F 5 .   ? -11.601 8.437   2.045   1.00 27.31 ? 379 HOH B O   1 
HETATM 1672 O O   . HOH F 5 .   ? 4.309   17.793  0.942   1.00 31.03 ? 380 HOH B O   1 
HETATM 1673 O O   . HOH F 5 .   ? 7.315   17.024  2.307   1.00 25.09 ? 381 HOH B O   1 
HETATM 1674 O O   . HOH F 5 .   ? 9.603   2.611   -2.451  1.00 31.41 ? 382 HOH B O   1 
HETATM 1675 O O   . HOH F 5 .   ? 8.367   -14.311 0.380   1.00 31.20 ? 383 HOH B O   1 
HETATM 1676 O O   . HOH F 5 .   ? -2.492  -1.757  -20.275 1.00 25.96 ? 384 HOH B O   1 
HETATM 1677 O O   . HOH F 5 .   ? -11.718 -5.506  -17.226 1.00 43.07 ? 385 HOH B O   1 
HETATM 1678 O O   . HOH F 5 .   ? 0.735   8.880   16.364  1.00 25.68 ? 386 HOH B O   1 
HETATM 1679 O O   . HOH F 5 .   ? 2.848   -12.477 14.297  1.00 20.65 ? 387 HOH B O   1 
HETATM 1680 O O   . HOH F 5 .   ? -13.523 5.272   9.368   1.00 30.68 ? 388 HOH B O   1 
HETATM 1681 O O   . HOH F 5 .   ? 22.210  9.757   5.044   1.00 40.50 ? 389 HOH B O   1 
HETATM 1682 O O   . HOH F 5 .   ? 19.806  1.342   6.853   1.00 23.57 ? 390 HOH B O   1 
HETATM 1683 O O   . HOH F 5 .   ? -4.699  -1.626  -16.431 1.00 16.45 ? 391 HOH B O   1 
HETATM 1684 O O   . HOH F 5 .   ? -8.270  -15.859 10.919  1.00 31.98 ? 392 HOH B O   1 
HETATM 1685 O O   . HOH F 5 .   ? -3.987  -12.113 12.554  1.00 25.84 ? 393 HOH B O   1 
HETATM 1686 O O   . HOH F 5 .   ? -4.729  0.237   -18.620 1.00 22.51 ? 394 HOH B O   1 
HETATM 1687 O O   . HOH F 5 .   ? -2.996  -1.181  0.679   1.00 12.25 ? 395 HOH B O   1 
HETATM 1688 O O   . HOH F 5 .   ? -5.339  -16.007 13.455  1.00 22.94 ? 396 HOH B O   1 
HETATM 1689 O O   . HOH F 5 .   ? 0.635   11.802  -11.951 1.00 44.77 ? 397 HOH B O   1 
HETATM 1690 O O   . HOH F 5 .   ? 11.948  14.068  11.327  1.00 18.22 ? 398 HOH B O   1 
HETATM 1691 O O   . HOH F 5 .   ? -8.043  -13.099 9.355   1.00 27.56 ? 399 HOH B O   1 
HETATM 1692 O O   . HOH F 5 .   ? -4.970  13.392  5.679   1.00 22.02 ? 400 HOH B O   1 
HETATM 1693 O O   . HOH F 5 .   ? 4.528   1.198   -16.536 1.00 19.98 ? 401 HOH B O   1 
HETATM 1694 O O   . HOH F 5 .   ? 6.122   -14.822 -1.438  1.00 16.81 ? 402 HOH B O   1 
HETATM 1695 O O   . HOH F 5 .   ? 4.339   7.210   19.622  1.00 23.90 ? 403 HOH B O   1 
HETATM 1696 O O   . HOH F 5 .   ? -9.221  15.256  9.638   1.00 30.79 ? 404 HOH B O   1 
HETATM 1697 O O   . HOH F 5 .   ? 8.517   10.309  -9.634  1.00 18.25 ? 405 HOH B O   1 
HETATM 1698 O O   . HOH F 5 .   ? -14.841 -4.751  7.094   1.00 29.86 ? 406 HOH B O   1 
HETATM 1699 O O   . HOH F 5 .   ? -13.213 -14.707 3.200   1.00 26.16 ? 407 HOH B O   1 
HETATM 1700 O O   . HOH F 5 .   ? 9.179   8.405   11.268  1.00 20.68 ? 408 HOH B O   1 
HETATM 1701 O O   . HOH F 5 .   ? 2.709   11.371  20.221  1.00 37.11 ? 409 HOH B O   1 
HETATM 1702 O O   . HOH F 5 .   ? -7.766  -7.891  -17.191 1.00 19.67 ? 410 HOH B O   1 
HETATM 1703 O O   . HOH F 5 .   ? -2.572  -3.445  -16.478 1.00 14.63 ? 411 HOH B O   1 
HETATM 1704 O O   . HOH F 5 .   ? 9.783   6.003   -0.565  1.00 33.30 ? 412 HOH B O   1 
HETATM 1705 O O   . HOH F 5 .   ? 9.081   9.699   15.292  1.00 34.07 ? 413 HOH B O   1 
HETATM 1706 O O   . HOH F 5 .   ? 2.354   6.995   -16.593 1.00 39.47 ? 414 HOH B O   1 
HETATM 1707 O O   . HOH F 5 .   ? -7.619  -7.077  12.723  1.00 24.55 ? 415 HOH B O   1 
HETATM 1708 O O   . HOH F 5 .   ? -11.925 12.638  8.535   1.00 28.55 ? 416 HOH B O   1 
HETATM 1709 O O   . HOH F 5 .   ? 10.383  10.473  20.987  1.00 20.77 ? 417 HOH B O   1 
HETATM 1710 O O   . HOH F 5 .   ? 1.897   20.210  12.141  1.00 28.51 ? 418 HOH B O   1 
HETATM 1711 O O   . HOH F 5 .   ? -9.933  -8.130  -14.519 1.00 28.14 ? 419 HOH B O   1 
HETATM 1712 O O   . HOH F 5 .   ? 4.133   20.959  -2.439  1.00 20.19 ? 420 HOH B O   1 
HETATM 1713 O O   . HOH F 5 .   ? -5.882  13.893  3.368   1.00 24.52 ? 421 HOH B O   1 
HETATM 1714 O O   . HOH F 5 .   ? 1.256   8.062   -14.572 1.00 26.99 ? 422 HOH B O   1 
HETATM 1715 O O   . HOH F 5 .   ? 2.439   20.142  7.333   1.00 24.78 ? 423 HOH B O   1 
HETATM 1716 O O   . HOH F 5 .   ? 8.959   9.225   -3.607  1.00 13.85 ? 424 HOH B O   1 
HETATM 1717 O O   . HOH F 5 .   ? -5.725  1.947   14.800  1.00 33.88 ? 425 HOH B O   1 
HETATM 1718 O O   . HOH F 5 .   ? -14.330 6.487   3.085   1.00 38.18 ? 426 HOH B O   1 
HETATM 1719 O O   . HOH F 5 .   ? 7.185   -6.084  18.580  1.00 31.64 ? 427 HOH B O   1 
HETATM 1720 O O   . HOH F 5 .   ? -13.563 -2.334  -10.767 1.00 27.25 ? 428 HOH B O   1 
HETATM 1721 O O   . HOH F 5 .   ? 13.048  9.055   13.206  1.00 36.03 ? 429 HOH B O   1 
HETATM 1722 O O   . HOH F 5 .   ? 11.266  -9.105  8.467   1.00 29.53 ? 430 HOH B O   1 
HETATM 1723 O O   . HOH F 5 .   ? 11.101  18.696  10.810  0.50 22.67 ? 431 HOH B O   1 
HETATM 1724 O O   . HOH F 5 .   ? 3.048   9.756   -13.509 1.00 26.82 ? 432 HOH B O   1 
HETATM 1725 O O   . HOH F 5 .   ? 12.844  -0.443  16.691  1.00 48.09 ? 433 HOH B O   1 
HETATM 1726 O O   . HOH F 5 .   ? -9.911  -21.591 5.851   1.00 28.06 ? 434 HOH B O   1 
HETATM 1727 O O   . HOH F 5 .   ? -14.463 10.404  11.918  1.00 28.67 ? 435 HOH B O   1 
HETATM 1728 O O   . HOH F 5 .   ? 7.085   -15.251 -3.942  1.00 35.18 ? 436 HOH B O   1 
HETATM 1729 O O   . HOH F 5 .   ? -12.896 9.354   -0.168  1.00 35.23 ? 437 HOH B O   1 
HETATM 1730 O O   . HOH F 5 .   ? -5.515  -15.141 -9.671  1.00 25.57 ? 438 HOH B O   1 
HETATM 1731 O O   . HOH F 5 .   ? 1.747   13.400  21.707  1.00 38.29 ? 439 HOH B O   1 
HETATM 1732 O O   . HOH F 5 .   ? 8.026   -13.255 -8.468  1.00 21.37 ? 440 HOH B O   1 
HETATM 1733 O O   . HOH F 5 .   ? -2.606  -19.133 -7.678  1.00 28.77 ? 441 HOH B O   1 
HETATM 1734 O O   . HOH F 5 .   ? 8.850   -17.927 -1.915  1.00 25.54 ? 442 HOH B O   1 
HETATM 1735 O O   . HOH F 5 .   ? 12.362  6.014   -1.260  1.00 32.41 ? 443 HOH B O   1 
# 
